data_4CYW
#
_entry.id   4CYW
#
_cell.length_a   68.973
_cell.length_b   215.446
_cell.length_c   79.363
_cell.angle_alpha   90.00
_cell.angle_beta   104.91
_cell.angle_gamma   90.00
#
_symmetry.space_group_name_H-M   'P 1 21 1'
#
loop_
_entity.id
_entity.type
_entity.pdbx_description
1 polymer HEMAGGLUTININ
2 polymer HEMAGGLUTININ
3 branched 'N-acetyl-alpha-neuraminic acid-(2-6)-beta-D-galactopyranose-(1-4)-2-acetamido-2-deoxy-beta-D-glucopyranose'
4 branched alpha-D-mannopyranose-(1-3)-[alpha-D-mannopyranose-(1-6)]beta-D-mannopyranose-(1-4)-2-acetamido-2-deoxy-beta-D-glucopyranose-(1-4)-2-acetamido-2-deoxy-beta-D-glucopyranose
5 branched beta-D-mannopyranose-(1-3)-[alpha-D-mannopyranose-(1-6)]beta-D-mannopyranose-(1-4)-2-acetamido-2-deoxy-beta-D-glucopyranose-(1-4)-2-acetamido-2-deoxy-beta-D-glucopyranose
6 branched alpha-D-mannopyranose-(1-3)-beta-D-mannopyranose-(1-4)-2-acetamido-2-deoxy-beta-D-glucopyranose-(1-4)-2-acetamido-2-deoxy-beta-D-glucopyranose
7 non-polymer 2-acetamido-2-deoxy-beta-D-glucopyranose
8 water water
#
loop_
_entity_poly.entity_id
_entity_poly.type
_entity_poly.pdbx_seq_one_letter_code
_entity_poly.pdbx_strand_id
1 'polypeptide(L)'
;LDKICLGHHAVANGTIVKTLTNEQEEVTNATETVESTSLDRLCMKGRSHKDLGNCHPIGMLIGTPACDLHLTGTWDTLIE
RENAIAYCYPGATVNEEALRQKIMESGGISKISTGFTYGSSINSAGTTKACMRNGGNSFYAELKWLVSKSKGQNFPQTTN
TYRNTDTAEHLIMWGIHHPSSTQEKNDLYGTQSLSISVGSSTYQSNFVPVVGARPQVNGQSGRIDFHWTLVQPGDNITFS
HNGGLIAPSRVSKLIGRGLGIQSDAPIDNNCESKCFWRGGSINTRLPFQNLSPRTVGQCPKYVNKKSLMLATGMRNVPEI
VQGR
;
A,C,E
2 'polypeptide(L)'
;GLFGAIAGFIENGWEGMVDGWYGFRHQNAQGTGQAADYKSTQAAIDQITGKLNRLIEKTNTEFESIESEFSEIEHQIGNV
INWTKDSITDIWTYQAELLVAMENQHTIDMADSEMLNLYERVRKQLRQNAEEDGKGCFEIYHACDDSCMESIRNNTYDHS
QYREEALLNRLNI
;
B,D,F
#
# COMPACT_ATOMS: atom_id res chain seq x y z
N ASP A 2 -0.71 48.73 42.61
CA ASP A 2 -1.66 48.40 41.50
C ASP A 2 -1.06 47.37 40.57
N LYS A 3 -1.94 46.60 39.93
CA LYS A 3 -1.57 45.29 39.41
C LYS A 3 -2.31 44.95 38.11
N ILE A 4 -1.60 44.39 37.14
CA ILE A 4 -2.23 43.86 35.92
C ILE A 4 -1.82 42.40 35.69
N CYS A 5 -2.81 41.53 35.65
CA CYS A 5 -2.57 40.10 35.52
C CYS A 5 -3.00 39.56 34.17
N LEU A 6 -2.18 38.69 33.60
CA LEU A 6 -2.48 38.04 32.34
C LEU A 6 -2.96 36.62 32.57
N GLY A 7 -3.80 36.13 31.66
CA GLY A 7 -4.34 34.79 31.80
C GLY A 7 -5.02 34.27 30.55
N HIS A 8 -5.65 33.11 30.70
CA HIS A 8 -6.36 32.47 29.61
C HIS A 8 -7.61 31.80 30.15
N HIS A 9 -8.48 31.36 29.26
CA HIS A 9 -9.74 30.77 29.66
C HIS A 9 -9.60 29.30 29.99
N ALA A 10 -10.66 28.74 30.55
CA ALA A 10 -10.73 27.33 30.89
C ALA A 10 -12.18 26.94 30.99
N VAL A 11 -12.46 25.64 31.09
CA VAL A 11 -13.82 25.16 31.19
C VAL A 11 -14.01 24.19 32.35
N ALA A 12 -15.26 24.03 32.77
CA ALA A 12 -15.60 23.11 33.86
C ALA A 12 -15.36 21.66 33.45
N ASN A 13 -15.76 21.32 32.23
CA ASN A 13 -15.62 19.96 31.69
C ASN A 13 -14.79 19.96 30.40
N GLY A 14 -13.51 19.59 30.52
CA GLY A 14 -12.63 19.48 29.34
C GLY A 14 -12.83 18.19 28.55
N THR A 15 -11.89 17.91 27.66
CA THR A 15 -11.94 16.68 26.86
C THR A 15 -10.54 16.09 26.71
N ILE A 16 -10.47 14.76 26.77
CA ILE A 16 -9.20 14.04 26.75
C ILE A 16 -8.75 13.85 25.30
N VAL A 17 -7.45 13.99 25.04
CA VAL A 17 -6.88 13.72 23.73
C VAL A 17 -5.49 13.12 23.88
N LYS A 18 -5.04 12.41 22.85
CA LYS A 18 -3.69 11.87 22.80
C LYS A 18 -2.78 12.87 22.12
N THR A 19 -1.52 12.91 22.57
CA THR A 19 -0.48 13.69 21.92
C THR A 19 0.73 12.78 21.74
N LEU A 20 1.84 13.34 21.27
CA LEU A 20 3.08 12.58 21.10
C LEU A 20 3.61 12.11 22.44
N THR A 21 3.48 12.97 23.46
CA THR A 21 4.07 12.71 24.77
C THR A 21 3.06 12.31 25.85
N ASN A 22 1.77 12.26 25.54
CA ASN A 22 0.76 12.04 26.56
C ASN A 22 -0.56 11.49 26.02
N GLU A 23 -0.96 10.33 26.52
CA GLU A 23 -2.19 9.66 26.11
C GLU A 23 -3.46 10.30 26.69
N GLN A 24 -3.31 10.99 27.81
CA GLN A 24 -4.43 11.47 28.59
C GLN A 24 -4.25 12.98 28.84
N GLU A 25 -4.34 13.78 27.79
CA GLU A 25 -4.18 15.23 27.88
C GLU A 25 -5.52 15.94 27.79
N GLU A 26 -5.84 16.78 28.77
CA GLU A 26 -7.11 17.52 28.78
C GLU A 26 -6.96 18.85 28.07
N VAL A 27 -7.84 19.10 27.11
CA VAL A 27 -7.90 20.37 26.39
C VAL A 27 -9.29 20.97 26.55
N THR A 28 -9.44 22.24 26.19
CA THR A 28 -10.71 22.94 26.35
C THR A 28 -11.81 22.38 25.46
N ASN A 29 -11.43 21.96 24.25
CA ASN A 29 -12.40 21.49 23.27
C ASN A 29 -11.68 20.61 22.24
N ALA A 30 -12.45 19.78 21.54
CA ALA A 30 -11.90 18.92 20.50
C ALA A 30 -13.02 18.43 19.59
N THR A 31 -12.64 17.86 18.45
CA THR A 31 -13.62 17.36 17.48
C THR A 31 -13.19 16.02 16.89
N GLU A 32 -14.18 15.20 16.55
CA GLU A 32 -13.94 13.85 16.04
C GLU A 32 -13.44 13.86 14.61
N THR A 33 -12.48 12.97 14.30
CA THR A 33 -11.96 12.81 12.93
C THR A 33 -12.36 11.49 12.25
N VAL A 34 -12.88 10.52 13.01
CA VAL A 34 -13.36 9.25 12.46
C VAL A 34 -14.89 9.20 12.46
N GLU A 35 -15.49 8.91 11.30
CA GLU A 35 -16.94 8.83 11.18
C GLU A 35 -17.46 7.48 11.65
N SER A 36 -18.43 7.52 12.56
CA SER A 36 -18.98 6.31 13.17
C SER A 36 -20.41 6.02 12.67
N THR A 37 -21.09 7.05 12.17
CA THR A 37 -22.50 6.92 11.78
C THR A 37 -22.65 6.61 10.31
N SER A 38 -23.60 5.74 10.00
CA SER A 38 -23.98 5.45 8.63
C SER A 38 -25.47 5.66 8.48
N LEU A 39 -25.89 6.13 7.31
CA LEU A 39 -27.29 6.18 6.95
C LEU A 39 -27.62 4.83 6.33
N ASP A 40 -28.53 4.08 6.96
CA ASP A 40 -28.81 2.71 6.54
C ASP A 40 -29.75 2.66 5.32
N ARG A 41 -29.36 3.38 4.28
CA ARG A 41 -30.15 3.50 3.05
C ARG A 41 -29.31 4.10 1.92
N LEU A 42 -29.78 3.93 0.69
CA LEU A 42 -29.05 4.37 -0.50
C LEU A 42 -29.47 5.77 -0.92
N CYS A 43 -28.56 6.74 -0.75
CA CYS A 43 -28.83 8.14 -1.07
C CYS A 43 -28.60 8.41 -2.55
N MET A 44 -29.69 8.43 -3.32
CA MET A 44 -29.62 8.47 -4.78
C MET A 44 -30.06 9.80 -5.40
N LYS A 45 -30.09 10.88 -4.62
CA LYS A 45 -30.41 12.18 -5.18
C LYS A 45 -29.30 12.63 -6.13
N GLY A 46 -29.69 13.17 -7.28
CA GLY A 46 -28.75 13.60 -8.30
C GLY A 46 -28.18 12.48 -9.16
N ARG A 47 -28.73 11.27 -9.02
CA ARG A 47 -28.22 10.10 -9.73
C ARG A 47 -29.33 9.46 -10.53
N SER A 48 -29.11 9.34 -11.85
CA SER A 48 -29.95 8.52 -12.69
C SER A 48 -29.56 7.07 -12.43
N HIS A 49 -30.33 6.41 -11.56
CA HIS A 49 -29.94 5.11 -11.00
C HIS A 49 -30.85 3.98 -11.47
N LYS A 50 -30.34 2.76 -11.38
CA LYS A 50 -31.14 1.55 -11.64
C LYS A 50 -31.06 0.58 -10.46
N ASP A 51 -32.22 0.22 -9.94
CA ASP A 51 -32.36 -0.83 -8.94
C ASP A 51 -32.76 -2.11 -9.66
N LEU A 52 -31.81 -3.02 -9.80
CA LEU A 52 -32.05 -4.28 -10.48
C LEU A 52 -33.06 -5.16 -9.76
N GLY A 53 -33.08 -5.07 -8.43
CA GLY A 53 -34.00 -5.86 -7.63
C GLY A 53 -33.69 -7.34 -7.76
N ASN A 54 -34.66 -8.10 -8.23
CA ASN A 54 -34.51 -9.55 -8.41
C ASN A 54 -33.61 -9.93 -9.58
N CYS A 55 -33.31 -8.97 -10.45
CA CYS A 55 -32.48 -9.20 -11.63
C CYS A 55 -30.98 -9.13 -11.30
N HIS A 56 -30.25 -10.20 -11.63
CA HIS A 56 -28.79 -10.22 -11.45
C HIS A 56 -28.14 -9.67 -12.73
N PRO A 57 -27.11 -8.81 -12.58
CA PRO A 57 -26.46 -8.13 -13.71
C PRO A 57 -26.26 -8.98 -14.97
N ILE A 58 -25.70 -10.18 -14.83
CA ILE A 58 -25.52 -11.08 -15.97
C ILE A 58 -26.86 -11.41 -16.64
N GLY A 59 -27.91 -11.57 -15.84
CA GLY A 59 -29.26 -11.78 -16.37
C GLY A 59 -29.70 -10.76 -17.41
N MET A 60 -29.18 -9.54 -17.33
CA MET A 60 -29.49 -8.49 -18.29
C MET A 60 -29.00 -8.83 -19.71
N LEU A 61 -27.84 -9.47 -19.82
CA LEU A 61 -27.24 -9.79 -21.12
C LEU A 61 -27.94 -10.95 -21.81
N ILE A 62 -28.27 -11.99 -21.05
CA ILE A 62 -28.90 -13.20 -21.60
C ILE A 62 -30.43 -13.14 -21.63
N GLY A 63 -31.02 -12.37 -20.73
CA GLY A 63 -32.46 -12.08 -20.77
C GLY A 63 -33.35 -13.02 -19.98
N THR A 64 -33.04 -13.20 -18.71
CA THR A 64 -33.86 -14.01 -17.80
C THR A 64 -35.19 -13.29 -17.56
N PRO A 65 -36.30 -14.03 -17.38
CA PRO A 65 -37.59 -13.40 -17.09
C PRO A 65 -37.56 -12.30 -16.04
N ALA A 66 -36.74 -12.48 -15.01
CA ALA A 66 -36.57 -11.45 -13.97
C ALA A 66 -36.03 -10.13 -14.51
N CYS A 67 -35.31 -10.18 -15.64
CA CYS A 67 -34.58 -9.04 -16.16
C CYS A 67 -35.22 -8.39 -17.41
N ASP A 68 -36.49 -8.66 -17.68
CA ASP A 68 -37.15 -8.11 -18.86
C ASP A 68 -37.19 -6.59 -18.91
N LEU A 69 -37.34 -5.94 -17.75
CA LEU A 69 -37.36 -4.49 -17.68
C LEU A 69 -35.97 -3.87 -17.66
N HIS A 70 -34.92 -4.70 -17.67
CA HIS A 70 -33.55 -4.21 -17.56
C HIS A 70 -32.67 -4.68 -18.74
N LEU A 71 -33.29 -5.01 -19.88
CA LEU A 71 -32.55 -5.53 -21.04
C LEU A 71 -31.72 -4.46 -21.77
N THR A 72 -32.09 -3.20 -21.59
CA THR A 72 -31.31 -2.06 -22.09
C THR A 72 -31.51 -0.87 -21.15
N GLY A 73 -30.74 0.19 -21.36
CA GLY A 73 -30.93 1.42 -20.60
C GLY A 73 -29.66 2.20 -20.41
N THR A 74 -29.78 3.32 -19.72
CA THR A 74 -28.62 4.15 -19.32
C THR A 74 -28.73 4.56 -17.86
N TRP A 75 -27.60 4.81 -17.24
CA TRP A 75 -27.53 5.11 -15.81
C TRP A 75 -26.14 5.59 -15.43
N ASP A 76 -26.04 6.25 -14.28
CA ASP A 76 -24.73 6.54 -13.67
C ASP A 76 -24.47 5.64 -12.45
N THR A 77 -25.52 5.01 -11.91
CA THR A 77 -25.41 4.15 -10.75
C THR A 77 -26.23 2.87 -10.95
N LEU A 78 -25.64 1.73 -10.61
CA LEU A 78 -26.29 0.43 -10.77
C LEU A 78 -26.29 -0.33 -9.46
N ILE A 79 -27.48 -0.72 -8.99
CA ILE A 79 -27.65 -1.33 -7.67
C ILE A 79 -28.02 -2.80 -7.77
N GLU A 80 -27.16 -3.67 -7.24
CA GLU A 80 -27.41 -5.12 -7.20
C GLU A 80 -27.92 -5.52 -5.82
N ARG A 81 -28.82 -6.50 -5.77
CA ARG A 81 -29.38 -7.00 -4.52
C ARG A 81 -28.97 -8.45 -4.31
N GLU A 82 -28.99 -8.90 -3.05
CA GLU A 82 -28.66 -10.29 -2.71
C GLU A 82 -29.74 -11.24 -3.21
N ASN A 83 -29.30 -12.44 -3.60
CA ASN A 83 -30.19 -13.46 -4.18
C ASN A 83 -30.89 -13.01 -5.46
N ALA A 84 -30.22 -12.17 -6.24
CA ALA A 84 -30.71 -11.78 -7.56
C ALA A 84 -30.56 -12.98 -8.48
N ILE A 85 -31.60 -13.27 -9.25
CA ILE A 85 -31.59 -14.44 -10.14
C ILE A 85 -30.96 -14.11 -11.49
N ALA A 86 -29.94 -14.89 -11.86
CA ALA A 86 -29.26 -14.75 -13.15
C ALA A 86 -29.68 -15.86 -14.11
N TYR A 87 -29.63 -17.09 -13.63
CA TYR A 87 -29.91 -18.25 -14.47
C TYR A 87 -31.18 -18.95 -13.98
N CYS A 88 -32.22 -18.97 -14.81
CA CYS A 88 -33.44 -19.70 -14.49
C CYS A 88 -33.20 -21.20 -14.70
N TYR A 89 -32.65 -21.54 -15.87
CA TYR A 89 -32.19 -22.91 -16.15
C TYR A 89 -30.79 -23.05 -15.54
N PRO A 90 -30.57 -24.12 -14.77
CA PRO A 90 -29.34 -24.20 -13.98
C PRO A 90 -28.05 -24.14 -14.80
N GLY A 91 -27.00 -23.61 -14.18
CA GLY A 91 -25.70 -23.46 -14.82
C GLY A 91 -24.86 -22.37 -14.18
N ALA A 92 -23.89 -21.88 -14.93
CA ALA A 92 -23.02 -20.79 -14.48
C ALA A 92 -22.29 -20.20 -15.68
N THR A 93 -21.49 -19.19 -15.43
CA THR A 93 -20.74 -18.53 -16.50
C THR A 93 -19.24 -18.65 -16.24
N VAL A 94 -18.49 -18.97 -17.30
CA VAL A 94 -17.04 -18.98 -17.21
C VAL A 94 -16.56 -17.52 -17.07
N ASN A 95 -15.71 -17.29 -16.08
CA ASN A 95 -15.33 -15.94 -15.67
C ASN A 95 -16.55 -15.08 -15.33
N GLU A 96 -17.34 -15.57 -14.38
CA GLU A 96 -18.61 -14.94 -14.00
C GLU A 96 -18.39 -13.59 -13.32
N GLU A 97 -17.38 -13.52 -12.45
CA GLU A 97 -17.11 -12.32 -11.66
C GLU A 97 -16.48 -11.22 -12.49
N ALA A 98 -15.58 -11.59 -13.40
CA ALA A 98 -15.00 -10.63 -14.35
C ALA A 98 -16.10 -9.98 -15.18
N LEU A 99 -17.01 -10.80 -15.68
CA LEU A 99 -18.16 -10.32 -16.44
C LEU A 99 -19.08 -9.44 -15.59
N ARG A 100 -19.35 -9.84 -14.35
CA ARG A 100 -20.21 -9.07 -13.46
C ARG A 100 -19.66 -7.67 -13.23
N GLN A 101 -18.35 -7.56 -13.02
CA GLN A 101 -17.72 -6.27 -12.74
C GLN A 101 -17.79 -5.35 -13.95
N LYS A 102 -17.54 -5.89 -15.14
CA LYS A 102 -17.67 -5.11 -16.38
C LYS A 102 -19.04 -4.44 -16.49
N ILE A 103 -20.09 -5.17 -16.10
CA ILE A 103 -21.45 -4.65 -16.14
C ILE A 103 -21.66 -3.54 -15.11
N MET A 104 -21.14 -3.74 -13.90
CA MET A 104 -21.31 -2.78 -12.81
C MET A 104 -20.37 -1.57 -12.94
N GLU A 105 -19.41 -1.68 -13.85
CA GLU A 105 -18.48 -0.61 -14.18
C GLU A 105 -19.05 0.31 -15.28
N SER A 106 -20.19 -0.07 -15.85
CA SER A 106 -20.76 0.58 -17.02
C SER A 106 -21.91 1.53 -16.70
N GLY A 107 -22.17 2.45 -17.62
CA GLY A 107 -23.30 3.38 -17.51
C GLY A 107 -24.45 3.11 -18.47
N GLY A 108 -24.61 1.85 -18.89
CA GLY A 108 -25.72 1.48 -19.77
C GLY A 108 -25.48 0.30 -20.68
N ILE A 109 -26.57 -0.24 -21.22
CA ILE A 109 -26.52 -1.36 -22.16
C ILE A 109 -27.35 -1.08 -23.40
N SER A 110 -26.74 -1.28 -24.57
CA SER A 110 -27.45 -1.33 -25.85
C SER A 110 -27.43 -2.77 -26.35
N LYS A 111 -28.55 -3.19 -26.94
CA LYS A 111 -28.64 -4.50 -27.57
C LYS A 111 -28.67 -4.36 -29.08
N ILE A 112 -28.00 -5.28 -29.78
CA ILE A 112 -27.90 -5.25 -31.24
C ILE A 112 -28.20 -6.65 -31.76
N SER A 113 -28.94 -6.73 -32.85
CA SER A 113 -29.37 -8.02 -33.39
C SER A 113 -28.25 -8.71 -34.15
N THR A 114 -28.06 -9.99 -33.89
CA THR A 114 -27.03 -10.78 -34.57
C THR A 114 -27.46 -11.17 -35.99
N GLY A 115 -28.77 -11.21 -36.23
CA GLY A 115 -29.32 -11.59 -37.53
C GLY A 115 -29.22 -13.08 -37.83
N PHE A 116 -28.97 -13.89 -36.80
CA PHE A 116 -28.80 -15.32 -36.97
C PHE A 116 -30.10 -15.96 -37.42
N THR A 117 -30.01 -16.76 -38.48
CA THR A 117 -31.18 -17.42 -39.04
C THR A 117 -30.75 -18.81 -39.51
N TYR A 118 -31.60 -19.81 -39.26
CA TYR A 118 -31.19 -21.21 -39.33
C TYR A 118 -31.94 -22.02 -40.38
N GLY A 119 -31.49 -23.25 -40.60
CA GLY A 119 -32.15 -24.18 -41.52
C GLY A 119 -33.43 -24.75 -40.92
N SER A 120 -34.22 -25.41 -41.76
CA SER A 120 -35.47 -26.03 -41.31
C SER A 120 -35.23 -27.30 -40.48
N SER A 121 -34.09 -27.95 -40.73
CA SER A 121 -33.67 -29.11 -39.93
C SER A 121 -33.47 -28.72 -38.46
N ILE A 122 -32.86 -27.55 -38.22
CA ILE A 122 -32.66 -27.04 -36.87
C ILE A 122 -33.86 -26.24 -36.39
N ASN A 123 -34.39 -26.61 -35.23
CA ASN A 123 -35.45 -25.83 -34.57
C ASN A 123 -34.87 -24.97 -33.45
N SER A 124 -35.02 -23.66 -33.58
CA SER A 124 -34.49 -22.70 -32.61
C SER A 124 -35.48 -22.35 -31.50
N ALA A 125 -36.73 -22.76 -31.64
CA ALA A 125 -37.79 -22.37 -30.71
C ALA A 125 -37.89 -23.28 -29.47
N GLY A 126 -36.75 -23.66 -28.90
CA GLY A 126 -36.71 -24.52 -27.72
C GLY A 126 -36.85 -23.75 -26.41
N THR A 127 -37.89 -24.09 -25.65
CA THR A 127 -38.17 -23.45 -24.36
C THR A 127 -37.96 -24.45 -23.23
N THR A 128 -38.19 -24.02 -22.00
CA THR A 128 -38.04 -24.88 -20.82
C THR A 128 -39.04 -24.53 -19.72
N LYS A 129 -39.23 -25.47 -18.80
CA LYS A 129 -40.17 -25.31 -17.70
C LYS A 129 -39.61 -24.42 -16.58
N ALA A 130 -38.30 -24.24 -16.55
CA ALA A 130 -37.65 -23.41 -15.53
C ALA A 130 -37.76 -21.91 -15.81
N CYS A 131 -37.86 -21.55 -17.09
CA CYS A 131 -37.93 -20.14 -17.49
C CYS A 131 -39.31 -19.84 -18.08
N MET A 132 -40.29 -19.70 -17.19
CA MET A 132 -41.67 -19.42 -17.59
C MET A 132 -41.87 -17.92 -17.73
N ARG A 133 -42.85 -17.53 -18.55
CA ARG A 133 -43.25 -16.14 -18.69
C ARG A 133 -44.77 -16.04 -18.82
N ASN A 134 -45.42 -15.51 -17.78
CA ASN A 134 -46.88 -15.44 -17.67
C ASN A 134 -47.58 -16.80 -17.81
N GLY A 135 -47.05 -17.81 -17.13
CA GLY A 135 -47.61 -19.16 -17.14
C GLY A 135 -46.91 -20.08 -18.13
N GLY A 136 -46.94 -19.70 -19.42
CA GLY A 136 -46.35 -20.51 -20.48
C GLY A 136 -44.83 -20.57 -20.45
N ASN A 137 -44.28 -21.68 -20.96
CA ASN A 137 -42.84 -21.91 -20.97
C ASN A 137 -42.11 -21.03 -21.98
N SER A 138 -40.89 -20.65 -21.65
CA SER A 138 -40.12 -19.71 -22.45
C SER A 138 -38.62 -20.00 -22.34
N PHE A 139 -37.79 -19.03 -22.72
CA PHE A 139 -36.34 -19.18 -22.70
C PHE A 139 -35.66 -17.82 -22.47
N TYR A 140 -34.34 -17.83 -22.26
CA TYR A 140 -33.56 -16.60 -22.21
C TYR A 140 -33.83 -15.79 -23.49
N ALA A 141 -34.22 -14.53 -23.31
CA ALA A 141 -34.74 -13.71 -24.40
C ALA A 141 -33.69 -13.27 -25.43
N GLU A 142 -32.41 -13.34 -25.08
CA GLU A 142 -31.34 -12.95 -26.00
C GLU A 142 -30.69 -14.14 -26.69
N LEU A 143 -31.07 -15.34 -26.28
CA LEU A 143 -30.53 -16.56 -26.88
C LEU A 143 -31.64 -17.43 -27.48
N LYS A 144 -31.23 -18.48 -28.18
CA LYS A 144 -32.14 -19.50 -28.71
C LYS A 144 -31.57 -20.88 -28.43
N TRP A 145 -32.44 -21.84 -28.13
CA TRP A 145 -32.02 -23.24 -27.95
C TRP A 145 -32.20 -23.99 -29.28
N LEU A 146 -31.08 -24.43 -29.87
CA LEU A 146 -31.08 -25.12 -31.16
C LEU A 146 -31.03 -26.64 -30.98
N VAL A 147 -32.04 -27.33 -31.53
CA VAL A 147 -32.12 -28.80 -31.52
C VAL A 147 -32.59 -29.34 -32.87
N SER A 148 -32.46 -30.66 -33.07
CA SER A 148 -33.00 -31.31 -34.27
C SER A 148 -34.51 -31.43 -34.13
N LYS A 149 -35.24 -31.08 -35.18
CA LYS A 149 -36.69 -31.30 -35.22
C LYS A 149 -36.99 -32.75 -35.61
N SER A 150 -36.03 -33.40 -36.27
CA SER A 150 -36.03 -34.85 -36.41
C SER A 150 -35.33 -35.43 -35.18
N LYS A 151 -36.13 -35.78 -34.17
CA LYS A 151 -35.60 -36.28 -32.91
C LYS A 151 -34.77 -37.54 -33.11
N GLY A 152 -33.53 -37.52 -32.62
CA GLY A 152 -32.61 -38.64 -32.78
C GLY A 152 -31.60 -38.44 -33.89
N GLN A 153 -32.00 -37.74 -34.95
CA GLN A 153 -31.14 -37.52 -36.12
C GLN A 153 -30.00 -36.56 -35.75
N ASN A 154 -28.88 -36.67 -36.48
CA ASN A 154 -27.71 -35.85 -36.22
C ASN A 154 -27.92 -34.38 -36.56
N PHE A 155 -27.44 -33.52 -35.66
CA PHE A 155 -27.60 -32.07 -35.77
C PHE A 155 -26.73 -31.54 -36.91
N PRO A 156 -27.34 -30.82 -37.89
CA PRO A 156 -26.63 -30.37 -39.11
C PRO A 156 -25.36 -29.59 -38.87
N GLN A 157 -24.44 -29.67 -39.84
CA GLN A 157 -23.25 -28.83 -39.83
C GLN A 157 -23.66 -27.45 -40.33
N THR A 158 -24.03 -26.57 -39.41
CA THR A 158 -24.57 -25.25 -39.73
C THR A 158 -23.65 -24.15 -39.20
N THR A 159 -23.49 -23.10 -40.01
CA THR A 159 -22.61 -21.98 -39.70
C THR A 159 -23.42 -20.71 -39.48
N ASN A 160 -23.05 -19.94 -38.47
CA ASN A 160 -23.62 -18.61 -38.24
C ASN A 160 -22.50 -17.61 -37.95
N THR A 161 -22.64 -16.39 -38.46
CA THR A 161 -21.59 -15.38 -38.36
C THR A 161 -22.18 -14.03 -37.97
N TYR A 162 -21.67 -13.45 -36.89
CA TYR A 162 -21.99 -12.06 -36.55
C TYR A 162 -20.79 -11.17 -36.86
N ARG A 163 -21.03 -10.10 -37.61
CA ARG A 163 -20.01 -9.08 -37.85
C ARG A 163 -20.31 -7.81 -37.07
N ASN A 164 -19.27 -7.21 -36.53
CA ASN A 164 -19.36 -5.95 -35.80
C ASN A 164 -19.00 -4.79 -36.72
N THR A 165 -20.02 -4.08 -37.19
CA THR A 165 -19.81 -2.93 -38.09
C THR A 165 -19.67 -1.63 -37.32
N ASP A 166 -19.95 -1.68 -36.02
CA ASP A 166 -19.94 -0.50 -35.14
C ASP A 166 -18.51 -0.05 -34.83
N THR A 167 -18.38 1.20 -34.40
CA THR A 167 -17.09 1.79 -34.02
C THR A 167 -16.60 1.38 -32.62
N ALA A 168 -17.41 0.61 -31.90
CA ALA A 168 -17.05 0.16 -30.56
C ALA A 168 -17.22 -1.36 -30.41
N GLU A 169 -16.46 -1.93 -29.49
CA GLU A 169 -16.50 -3.37 -29.23
C GLU A 169 -17.84 -3.81 -28.64
N HIS A 170 -18.34 -4.96 -29.09
CA HIS A 170 -19.58 -5.54 -28.58
C HIS A 170 -19.32 -6.79 -27.74
N LEU A 171 -20.18 -7.02 -26.76
CA LEU A 171 -20.07 -8.20 -25.92
C LEU A 171 -21.06 -9.26 -26.39
N ILE A 172 -20.50 -10.37 -26.88
CA ILE A 172 -21.31 -11.49 -27.35
C ILE A 172 -21.28 -12.62 -26.33
N MET A 173 -22.44 -13.22 -26.08
CA MET A 173 -22.55 -14.38 -25.21
C MET A 173 -23.20 -15.55 -25.95
N TRP A 174 -22.76 -16.76 -25.60
CA TRP A 174 -23.39 -17.99 -26.09
C TRP A 174 -23.35 -19.03 -24.98
N GLY A 175 -24.09 -20.12 -25.17
CA GLY A 175 -24.20 -21.15 -24.15
C GLY A 175 -24.01 -22.54 -24.71
N ILE A 176 -23.45 -23.42 -23.90
CA ILE A 176 -23.28 -24.83 -24.24
C ILE A 176 -24.14 -25.68 -23.31
N HIS A 177 -24.97 -26.53 -23.91
CA HIS A 177 -25.83 -27.43 -23.15
C HIS A 177 -25.08 -28.69 -22.74
N HIS A 178 -25.31 -29.15 -21.51
CA HIS A 178 -24.68 -30.38 -21.00
C HIS A 178 -25.77 -31.34 -20.54
N PRO A 179 -26.12 -32.32 -21.39
CA PRO A 179 -27.15 -33.30 -21.06
C PRO A 179 -26.91 -34.08 -19.76
N SER A 180 -27.99 -34.64 -19.22
CA SER A 180 -27.93 -35.44 -18.00
C SER A 180 -27.66 -36.92 -18.28
N SER A 181 -27.71 -37.32 -19.55
CA SER A 181 -27.46 -38.72 -19.92
C SER A 181 -27.14 -38.87 -21.41
N THR A 182 -26.81 -40.10 -21.81
CA THR A 182 -26.53 -40.42 -23.22
C THR A 182 -27.82 -40.41 -24.04
N GLN A 183 -28.84 -41.12 -23.54
CA GLN A 183 -30.15 -41.20 -24.19
C GLN A 183 -30.71 -39.82 -24.51
N GLU A 184 -30.59 -38.89 -23.56
CA GLU A 184 -31.05 -37.51 -23.74
C GLU A 184 -30.25 -36.81 -24.85
N LYS A 185 -28.93 -36.88 -24.73
CA LYS A 185 -28.01 -36.25 -25.70
C LYS A 185 -28.30 -36.67 -27.14
N ASN A 186 -28.60 -37.95 -27.33
CA ASN A 186 -28.88 -38.47 -28.67
C ASN A 186 -30.23 -38.01 -29.22
N ASP A 187 -31.22 -37.83 -28.35
CA ASP A 187 -32.54 -37.35 -28.76
C ASP A 187 -32.44 -35.98 -29.43
N LEU A 188 -31.81 -35.04 -28.72
CA LEU A 188 -31.69 -33.66 -29.20
C LEU A 188 -30.82 -33.55 -30.44
N TYR A 189 -29.52 -33.82 -30.28
CA TYR A 189 -28.52 -33.49 -31.30
C TYR A 189 -27.86 -34.73 -31.95
N GLY A 190 -28.53 -35.88 -31.90
CA GLY A 190 -28.06 -37.08 -32.58
C GLY A 190 -26.92 -37.81 -31.90
N THR A 191 -26.41 -38.83 -32.57
CA THR A 191 -25.48 -39.80 -31.98
C THR A 191 -24.00 -39.42 -32.09
N GLN A 192 -23.66 -38.56 -33.04
CA GLN A 192 -22.27 -38.16 -33.28
C GLN A 192 -21.59 -37.54 -32.05
N SER A 193 -20.26 -37.50 -32.09
CA SER A 193 -19.48 -36.79 -31.05
C SER A 193 -19.46 -35.30 -31.36
N LEU A 194 -19.91 -34.49 -30.40
CA LEU A 194 -20.21 -33.07 -30.61
C LEU A 194 -19.03 -32.14 -30.38
N SER A 195 -18.95 -31.10 -31.22
CA SER A 195 -17.96 -30.04 -31.08
C SER A 195 -18.54 -28.69 -31.52
N ILE A 196 -18.11 -27.62 -30.87
CA ILE A 196 -18.57 -26.28 -31.19
C ILE A 196 -17.38 -25.32 -31.17
N SER A 197 -17.05 -24.78 -32.33
CA SER A 197 -15.98 -23.79 -32.46
C SER A 197 -16.55 -22.38 -32.56
N VAL A 198 -15.79 -21.43 -32.03
CA VAL A 198 -16.16 -20.02 -32.08
C VAL A 198 -14.90 -19.26 -32.46
N GLY A 199 -14.89 -18.71 -33.67
CA GLY A 199 -13.70 -18.06 -34.21
C GLY A 199 -13.86 -16.58 -34.48
N SER A 200 -12.94 -15.79 -33.92
CA SER A 200 -12.80 -14.38 -34.27
C SER A 200 -11.31 -14.07 -34.39
N SER A 201 -10.98 -12.96 -35.05
CA SER A 201 -9.57 -12.62 -35.30
C SER A 201 -8.71 -12.53 -34.03
N THR A 202 -9.35 -12.27 -32.87
CA THR A 202 -8.66 -12.22 -31.59
C THR A 202 -9.36 -13.08 -30.53
N TYR A 203 -9.73 -14.30 -30.90
CA TYR A 203 -10.28 -15.28 -29.97
C TYR A 203 -10.64 -16.55 -30.72
N GLN A 204 -10.14 -17.69 -30.24
CA GLN A 204 -10.67 -18.98 -30.66
C GLN A 204 -10.67 -19.94 -29.48
N SER A 205 -11.63 -20.86 -29.49
CA SER A 205 -11.87 -21.76 -28.38
C SER A 205 -12.90 -22.79 -28.83
N ASN A 206 -12.66 -24.06 -28.51
CA ASN A 206 -13.58 -25.14 -28.87
C ASN A 206 -14.28 -25.69 -27.64
N PHE A 207 -15.55 -26.05 -27.78
CA PHE A 207 -16.36 -26.49 -26.65
C PHE A 207 -17.02 -27.84 -26.92
N VAL A 208 -16.91 -28.73 -25.93
CA VAL A 208 -17.41 -30.10 -26.03
C VAL A 208 -18.41 -30.36 -24.89
N PRO A 209 -19.64 -30.80 -25.22
CA PRO A 209 -20.67 -31.05 -24.20
C PRO A 209 -20.32 -32.17 -23.22
N VAL A 210 -20.31 -31.84 -21.92
CA VAL A 210 -20.18 -32.84 -20.87
C VAL A 210 -21.50 -33.60 -20.75
N VAL A 211 -21.40 -34.90 -20.47
CA VAL A 211 -22.59 -35.75 -20.32
C VAL A 211 -22.43 -36.69 -19.13
N GLY A 212 -23.40 -36.68 -18.23
CA GLY A 212 -23.39 -37.52 -17.03
C GLY A 212 -24.54 -37.24 -16.09
N ALA A 213 -24.98 -38.25 -15.36
CA ALA A 213 -26.09 -38.12 -14.42
C ALA A 213 -25.70 -37.26 -13.21
N ARG A 214 -26.52 -36.26 -12.92
CA ARG A 214 -26.21 -35.32 -11.84
C ARG A 214 -27.50 -34.77 -11.20
N PRO A 215 -27.40 -34.19 -9.98
CA PRO A 215 -28.56 -33.67 -9.24
C PRO A 215 -29.48 -32.70 -9.99
N GLN A 216 -30.74 -32.65 -9.56
CA GLN A 216 -31.74 -31.76 -10.16
C GLN A 216 -31.81 -30.41 -9.45
N VAL A 217 -31.25 -29.37 -10.08
CA VAL A 217 -31.38 -27.99 -9.61
C VAL A 217 -32.60 -27.40 -10.32
N ASN A 218 -33.64 -27.10 -9.55
CA ASN A 218 -34.94 -26.66 -10.09
C ASN A 218 -35.54 -27.73 -11.02
N GLY A 219 -35.48 -28.99 -10.60
CA GLY A 219 -36.00 -30.11 -11.38
C GLY A 219 -35.32 -30.29 -12.73
N GLN A 220 -34.03 -30.00 -12.80
CA GLN A 220 -33.26 -30.09 -14.05
C GLN A 220 -31.86 -30.63 -13.80
N SER A 221 -31.57 -31.81 -14.36
CA SER A 221 -30.22 -32.38 -14.27
C SER A 221 -29.32 -31.89 -15.39
N GLY A 222 -29.92 -31.45 -16.50
CA GLY A 222 -29.17 -30.81 -17.59
C GLY A 222 -28.65 -29.45 -17.18
N ARG A 223 -27.46 -29.10 -17.68
CA ARG A 223 -26.86 -27.79 -17.41
C ARG A 223 -26.74 -26.99 -18.71
N ILE A 224 -26.78 -25.67 -18.57
CA ILE A 224 -26.46 -24.75 -19.67
C ILE A 224 -25.50 -23.70 -19.15
N ASP A 225 -24.22 -23.86 -19.49
CA ASP A 225 -23.16 -22.94 -19.05
C ASP A 225 -22.85 -21.91 -20.13
N PHE A 226 -22.43 -20.73 -19.70
CA PHE A 226 -22.27 -19.60 -20.60
C PHE A 226 -20.81 -19.19 -20.74
N HIS A 227 -20.49 -18.72 -21.94
CA HIS A 227 -19.17 -18.20 -22.27
C HIS A 227 -19.33 -16.88 -23.00
N TRP A 228 -18.32 -16.03 -22.91
CA TRP A 228 -18.37 -14.71 -23.51
C TRP A 228 -17.01 -14.20 -23.94
N THR A 229 -17.00 -13.39 -24.99
CA THR A 229 -15.81 -12.66 -25.42
C THR A 229 -16.23 -11.33 -26.02
N LEU A 230 -15.27 -10.43 -26.20
CA LEU A 230 -15.52 -9.14 -26.83
C LEU A 230 -15.15 -9.20 -28.30
N VAL A 231 -16.03 -8.67 -29.16
CA VAL A 231 -15.80 -8.65 -30.61
C VAL A 231 -15.47 -7.22 -31.03
N GLN A 232 -14.26 -7.01 -31.54
CA GLN A 232 -13.77 -5.67 -31.85
C GLN A 232 -14.41 -5.11 -33.13
N PRO A 233 -14.41 -3.78 -33.27
CA PRO A 233 -14.90 -3.10 -34.47
C PRO A 233 -14.33 -3.70 -35.75
N GLY A 234 -15.20 -3.94 -36.74
CA GLY A 234 -14.77 -4.42 -38.04
C GLY A 234 -14.53 -5.91 -38.11
N ASP A 235 -14.37 -6.56 -36.97
CA ASP A 235 -14.15 -8.00 -36.94
C ASP A 235 -15.50 -8.73 -36.88
N ASN A 236 -15.51 -9.96 -37.37
CA ASN A 236 -16.67 -10.83 -37.22
C ASN A 236 -16.33 -12.12 -36.48
N ILE A 237 -17.37 -12.83 -36.05
CA ILE A 237 -17.19 -14.02 -35.21
C ILE A 237 -18.06 -15.14 -35.76
N THR A 238 -17.40 -16.16 -36.32
CA THR A 238 -18.10 -17.28 -36.93
C THR A 238 -18.34 -18.37 -35.88
N PHE A 239 -19.49 -19.03 -36.01
CA PHE A 239 -19.88 -20.11 -35.12
C PHE A 239 -20.06 -21.40 -35.90
N SER A 240 -19.03 -22.23 -35.90
CA SER A 240 -19.14 -23.59 -36.41
C SER A 240 -19.63 -24.48 -35.28
N HIS A 241 -20.76 -25.15 -35.49
CA HIS A 241 -21.34 -26.02 -34.47
C HIS A 241 -22.10 -27.17 -35.13
N ASN A 242 -21.98 -28.35 -34.52
CA ASN A 242 -22.67 -29.55 -35.00
C ASN A 242 -23.60 -30.16 -33.94
N GLY A 243 -23.96 -29.37 -32.92
CA GLY A 243 -24.93 -29.80 -31.92
C GLY A 243 -24.76 -29.18 -30.54
N GLY A 244 -25.85 -28.66 -29.99
CA GLY A 244 -25.89 -28.21 -28.59
C GLY A 244 -25.41 -26.78 -28.35
N LEU A 245 -25.57 -25.93 -29.35
CA LEU A 245 -25.24 -24.52 -29.19
C LEU A 245 -26.47 -23.73 -28.76
N ILE A 246 -26.31 -22.92 -27.71
CA ILE A 246 -27.30 -21.92 -27.35
C ILE A 246 -26.85 -20.64 -28.06
N ALA A 247 -27.54 -20.30 -29.14
CA ALA A 247 -27.10 -19.23 -30.05
C ALA A 247 -27.73 -17.89 -29.69
N PRO A 248 -26.94 -16.81 -29.76
CA PRO A 248 -27.45 -15.48 -29.46
C PRO A 248 -28.24 -14.85 -30.60
N SER A 249 -29.46 -14.40 -30.30
CA SER A 249 -30.22 -13.56 -31.22
C SER A 249 -29.77 -12.11 -31.15
N ARG A 250 -29.28 -11.66 -30.00
CA ARG A 250 -28.74 -10.30 -29.86
C ARG A 250 -27.41 -10.27 -29.10
N VAL A 251 -26.68 -9.17 -29.27
CA VAL A 251 -25.41 -8.96 -28.58
C VAL A 251 -25.42 -7.63 -27.87
N SER A 252 -24.61 -7.52 -26.83
CA SER A 252 -24.62 -6.37 -25.93
C SER A 252 -23.50 -5.39 -26.22
N LYS A 253 -23.72 -4.14 -25.81
CA LYS A 253 -22.71 -3.10 -25.91
C LYS A 253 -22.80 -2.25 -24.65
N LEU A 254 -21.69 -2.15 -23.93
CA LEU A 254 -21.66 -1.43 -22.66
C LEU A 254 -21.32 0.04 -22.91
N ILE A 255 -22.12 0.93 -22.34
CA ILE A 255 -22.03 2.37 -22.62
C ILE A 255 -21.57 3.16 -21.41
N GLY A 256 -20.61 4.06 -21.60
CA GLY A 256 -20.20 5.02 -20.57
C GLY A 256 -19.50 4.42 -19.36
N ARG A 257 -19.65 5.07 -18.21
CA ARG A 257 -19.12 4.59 -16.92
C ARG A 257 -20.21 4.73 -15.87
N GLY A 258 -20.29 3.76 -14.96
CA GLY A 258 -21.26 3.82 -13.88
C GLY A 258 -20.70 3.16 -12.63
N LEU A 259 -21.13 3.64 -11.47
CA LEU A 259 -20.72 3.09 -10.19
C LEU A 259 -21.64 1.94 -9.79
N GLY A 260 -21.05 0.78 -9.51
CA GLY A 260 -21.81 -0.40 -9.06
C GLY A 260 -21.87 -0.53 -7.55
N ILE A 261 -23.06 -0.83 -7.03
CA ILE A 261 -23.29 -0.91 -5.58
C ILE A 261 -24.01 -2.20 -5.19
N GLN A 262 -23.36 -3.04 -4.38
CA GLN A 262 -23.97 -4.26 -3.85
C GLN A 262 -24.51 -4.03 -2.45
N SER A 263 -25.82 -3.83 -2.34
CA SER A 263 -26.47 -3.50 -1.07
C SER A 263 -27.95 -3.79 -1.11
N ASP A 264 -28.50 -4.23 0.03
CA ASP A 264 -29.94 -4.48 0.15
C ASP A 264 -30.69 -3.32 0.80
N ALA A 265 -29.97 -2.30 1.26
CA ALA A 265 -30.59 -1.17 1.96
C ALA A 265 -31.51 -0.37 1.02
N PRO A 266 -32.57 0.25 1.58
CA PRO A 266 -33.60 0.88 0.74
C PRO A 266 -33.16 2.20 0.11
N ILE A 267 -33.86 2.60 -0.94
CA ILE A 267 -33.47 3.76 -1.75
C ILE A 267 -34.14 5.03 -1.22
N ASP A 268 -33.35 6.10 -1.14
CA ASP A 268 -33.85 7.43 -0.75
C ASP A 268 -33.42 8.42 -1.82
N ASN A 269 -34.39 9.06 -2.47
CA ASN A 269 -34.10 10.07 -3.50
C ASN A 269 -33.89 11.48 -2.93
N ASN A 270 -34.05 11.63 -1.62
CA ASN A 270 -33.96 12.95 -0.98
C ASN A 270 -32.55 13.30 -0.49
N CYS A 271 -31.82 12.32 0.06
CA CYS A 271 -30.41 12.54 0.41
C CYS A 271 -29.51 12.13 -0.76
N GLU A 272 -28.33 12.75 -0.83
CA GLU A 272 -27.30 12.36 -1.80
C GLU A 272 -26.03 11.94 -1.07
N SER A 273 -25.22 11.13 -1.76
CA SER A 273 -23.98 10.61 -1.18
C SER A 273 -23.02 10.16 -2.28
N LYS A 274 -21.73 10.14 -1.96
CA LYS A 274 -20.70 9.69 -2.89
C LYS A 274 -19.95 8.45 -2.38
N CYS A 275 -20.34 7.94 -1.23
CA CYS A 275 -19.70 6.77 -0.63
C CYS A 275 -20.79 5.80 -0.19
N PHE A 276 -20.67 4.55 -0.63
CA PHE A 276 -21.65 3.53 -0.33
C PHE A 276 -20.96 2.25 0.14
N TRP A 277 -21.68 1.47 0.93
CA TRP A 277 -21.21 0.17 1.40
C TRP A 277 -22.43 -0.74 1.61
N ARG A 278 -22.19 -2.01 1.95
CA ARG A 278 -23.27 -3.00 2.06
C ARG A 278 -24.42 -2.57 2.98
N GLY A 279 -24.08 -1.81 4.02
CA GLY A 279 -25.05 -1.35 5.02
C GLY A 279 -25.82 -0.09 4.66
N GLY A 280 -25.28 0.72 3.73
CA GLY A 280 -25.97 1.93 3.27
C GLY A 280 -25.06 3.01 2.69
N SER A 281 -25.30 4.26 3.10
CA SER A 281 -24.53 5.42 2.62
C SER A 281 -23.71 6.06 3.75
N ILE A 282 -22.69 6.83 3.35
CA ILE A 282 -21.81 7.52 4.29
C ILE A 282 -21.59 8.97 3.85
N ASN A 283 -22.34 9.88 4.48
CA ASN A 283 -22.23 11.32 4.24
C ASN A 283 -21.46 11.98 5.34
N THR A 284 -20.22 12.36 5.05
CA THR A 284 -19.35 12.92 6.07
C THR A 284 -18.23 13.72 5.44
N ARG A 285 -17.86 14.83 6.07
CA ARG A 285 -16.69 15.59 5.67
C ARG A 285 -15.43 15.12 6.41
N LEU A 286 -15.55 14.10 7.26
CA LEU A 286 -14.41 13.56 8.00
C LEU A 286 -13.54 12.66 7.12
N PRO A 287 -12.21 12.74 7.29
CA PRO A 287 -11.28 12.03 6.42
C PRO A 287 -11.13 10.53 6.70
N PHE A 288 -11.67 10.04 7.82
CA PHE A 288 -11.59 8.63 8.16
C PHE A 288 -12.96 8.07 8.54
N GLN A 289 -13.09 6.74 8.45
CA GLN A 289 -14.30 6.05 8.92
C GLN A 289 -13.96 4.68 9.49
N ASN A 290 -14.85 4.16 10.33
CA ASN A 290 -14.66 2.85 10.95
C ASN A 290 -15.82 1.89 10.71
N LEU A 291 -16.61 2.17 9.68
CA LEU A 291 -17.81 1.40 9.37
C LEU A 291 -17.51 0.11 8.60
N SER A 292 -16.61 0.19 7.63
CA SER A 292 -16.22 -0.99 6.87
C SER A 292 -15.00 -0.73 6.00
N PRO A 293 -14.16 -1.76 5.80
CA PRO A 293 -13.05 -1.67 4.85
C PRO A 293 -13.47 -1.98 3.40
N ARG A 294 -14.76 -2.19 3.16
CA ARG A 294 -15.29 -2.42 1.82
C ARG A 294 -16.35 -1.39 1.43
N THR A 295 -15.90 -0.34 0.74
CA THR A 295 -16.80 0.72 0.29
C THR A 295 -16.50 1.08 -1.16
N VAL A 296 -17.46 1.73 -1.81
CA VAL A 296 -17.29 2.18 -3.19
C VAL A 296 -17.64 3.66 -3.31
N GLY A 297 -16.98 4.35 -4.22
CA GLY A 297 -17.16 5.79 -4.44
C GLY A 297 -15.99 6.62 -3.95
N GLN A 298 -16.28 7.83 -3.52
CA GLN A 298 -15.27 8.72 -2.94
C GLN A 298 -15.47 8.71 -1.44
N CYS A 299 -14.65 7.93 -0.75
CA CYS A 299 -14.88 7.61 0.66
C CYS A 299 -13.78 8.12 1.61
N PRO A 300 -14.15 8.31 2.88
CA PRO A 300 -13.12 8.44 3.91
C PRO A 300 -12.36 7.12 4.02
N LYS A 301 -11.07 7.20 4.31
CA LYS A 301 -10.24 6.01 4.45
C LYS A 301 -10.59 5.24 5.72
N TYR A 302 -10.70 3.93 5.59
CA TYR A 302 -11.03 3.06 6.70
C TYR A 302 -9.87 2.95 7.69
N VAL A 303 -10.20 2.98 8.98
CA VAL A 303 -9.22 2.75 10.06
C VAL A 303 -9.82 1.88 11.17
N ASN A 304 -8.97 1.13 11.86
CA ASN A 304 -9.39 0.38 13.06
C ASN A 304 -9.38 1.28 14.27
N LYS A 305 -10.33 2.20 14.35
CA LYS A 305 -10.39 3.13 15.45
C LYS A 305 -11.80 3.51 15.81
N LYS A 306 -12.11 3.36 17.09
CA LYS A 306 -13.40 3.75 17.64
C LYS A 306 -13.51 5.27 17.54
N SER A 307 -12.42 5.97 17.88
CA SER A 307 -12.39 7.44 17.85
C SER A 307 -10.97 8.04 17.82
N LEU A 308 -10.83 9.22 17.21
CA LEU A 308 -9.62 10.04 17.29
C LEU A 308 -10.00 11.52 17.39
N MET A 309 -9.92 12.08 18.60
CA MET A 309 -10.26 13.49 18.82
C MET A 309 -9.10 14.42 18.45
N LEU A 310 -9.41 15.43 17.65
CA LEU A 310 -8.43 16.46 17.28
C LEU A 310 -8.70 17.70 18.14
N ALA A 311 -7.64 18.20 18.77
CA ALA A 311 -7.77 19.32 19.69
C ALA A 311 -8.10 20.59 18.92
N THR A 312 -9.12 21.30 19.38
CA THR A 312 -9.53 22.58 18.81
C THR A 312 -9.37 23.71 19.85
N GLY A 313 -8.47 23.50 20.82
CA GLY A 313 -8.27 24.46 21.91
C GLY A 313 -7.06 24.16 22.78
N MET A 314 -6.80 25.04 23.74
CA MET A 314 -5.61 24.95 24.57
C MET A 314 -5.74 23.90 25.67
N ARG A 315 -4.63 23.69 26.38
CA ARG A 315 -4.59 22.81 27.55
C ARG A 315 -5.57 23.38 28.58
N ASN A 316 -6.47 22.54 29.06
CA ASN A 316 -7.48 22.98 30.01
C ASN A 316 -6.93 22.87 31.43
N VAL A 317 -6.93 23.99 32.16
CA VAL A 317 -6.34 24.06 33.50
C VAL A 317 -7.33 24.70 34.46
N PRO A 318 -8.27 23.90 34.99
CA PRO A 318 -9.42 24.45 35.72
C PRO A 318 -9.07 25.00 37.10
N GLU A 319 -10.03 25.71 37.70
CA GLU A 319 -9.82 26.38 38.99
C GLU A 319 -10.00 25.40 40.14
N GLY B 1 4.59 23.04 29.50
CA GLY B 1 4.56 23.23 28.02
C GLY B 1 5.84 23.83 27.47
N LEU B 2 5.89 23.97 26.15
CA LEU B 2 7.10 24.46 25.49
C LEU B 2 7.39 25.92 25.81
N PHE B 3 6.35 26.73 25.93
CA PHE B 3 6.53 28.16 26.18
C PHE B 3 6.25 28.55 27.62
N GLY B 4 5.96 27.56 28.46
CA GLY B 4 6.04 27.72 29.91
C GLY B 4 5.04 28.64 30.56
N ALA B 5 3.96 28.97 29.86
CA ALA B 5 2.92 29.86 30.40
C ALA B 5 1.67 29.07 30.79
N ILE B 6 0.96 28.54 29.81
CA ILE B 6 -0.24 27.76 30.08
C ILE B 6 0.16 26.44 30.73
N ALA B 7 -0.44 26.14 31.89
CA ALA B 7 0.02 25.07 32.78
C ALA B 7 1.50 25.26 33.11
N GLY B 8 1.92 26.52 33.22
CA GLY B 8 3.28 26.89 33.53
C GLY B 8 3.27 27.89 34.68
N PHE B 9 3.93 29.03 34.49
CA PHE B 9 3.97 30.07 35.53
C PHE B 9 2.62 30.74 35.76
N ILE B 10 1.74 30.66 34.77
CA ILE B 10 0.32 30.95 34.99
C ILE B 10 -0.28 29.69 35.61
N GLU B 11 -0.73 29.81 36.84
CA GLU B 11 -1.08 28.63 37.64
C GLU B 11 -2.33 27.93 37.11
N ASN B 12 -3.30 28.71 36.64
CA ASN B 12 -4.52 28.15 36.06
C ASN B 12 -5.28 29.16 35.21
N GLY B 13 -6.23 28.65 34.43
CA GLY B 13 -7.06 29.47 33.56
C GLY B 13 -8.27 30.06 34.27
N TRP B 14 -8.95 30.98 33.58
CA TRP B 14 -10.12 31.67 34.12
C TRP B 14 -11.42 31.17 33.48
N GLU B 15 -12.19 30.39 34.23
CA GLU B 15 -13.48 29.89 33.78
C GLU B 15 -14.53 30.99 33.59
N GLY B 16 -14.34 32.13 34.26
CA GLY B 16 -15.23 33.27 34.11
C GLY B 16 -15.00 34.11 32.86
N MET B 17 -13.94 33.79 32.11
CA MET B 17 -13.63 34.50 30.86
C MET B 17 -14.32 33.82 29.68
N VAL B 18 -15.44 34.36 29.25
CA VAL B 18 -16.25 33.77 28.18
C VAL B 18 -15.95 34.36 26.80
N ASP B 19 -15.64 35.66 26.75
CA ASP B 19 -15.51 36.39 25.46
C ASP B 19 -14.09 36.44 24.89
N GLY B 20 -13.26 35.45 25.25
CA GLY B 20 -11.91 35.38 24.69
C GLY B 20 -11.14 34.15 25.15
N TRP B 21 -10.00 33.92 24.51
CA TRP B 21 -9.09 32.85 24.85
C TRP B 21 -8.01 33.36 25.80
N TYR B 22 -7.59 34.60 25.57
CA TYR B 22 -6.59 35.25 26.40
C TYR B 22 -7.13 36.60 26.85
N GLY B 23 -6.66 37.08 27.99
CA GLY B 23 -7.12 38.38 28.47
C GLY B 23 -6.43 38.96 29.69
N PHE B 24 -6.93 40.11 30.13
CA PHE B 24 -6.38 40.83 31.26
C PHE B 24 -7.32 40.79 32.45
N ARG B 25 -6.72 40.69 33.62
CA ARG B 25 -7.36 41.09 34.87
C ARG B 25 -6.50 42.17 35.50
N HIS B 26 -7.12 43.10 36.22
CA HIS B 26 -6.37 44.18 36.84
C HIS B 26 -6.85 44.48 38.26
N GLN B 27 -6.10 45.33 38.94
CA GLN B 27 -6.42 45.73 40.31
C GLN B 27 -5.83 47.10 40.63
N ASN B 28 -6.70 47.99 41.09
CA ASN B 28 -6.29 49.32 41.51
C ASN B 28 -7.22 49.83 42.60
N ALA B 29 -7.06 51.09 43.00
CA ALA B 29 -7.89 51.69 44.04
C ALA B 29 -9.39 51.72 43.71
N GLN B 30 -9.74 51.79 42.42
CA GLN B 30 -11.15 51.82 42.00
C GLN B 30 -11.81 50.44 42.02
N GLY B 31 -11.01 49.39 41.87
CA GLY B 31 -11.49 48.02 41.97
C GLY B 31 -10.74 47.07 41.06
N THR B 32 -11.39 45.96 40.71
CA THR B 32 -10.83 44.95 39.81
C THR B 32 -11.67 44.88 38.54
N GLY B 33 -11.09 44.35 37.47
CA GLY B 33 -11.79 44.22 36.20
C GLY B 33 -11.18 43.18 35.30
N GLN B 34 -11.87 42.87 34.20
CA GLN B 34 -11.47 41.80 33.28
C GLN B 34 -11.91 42.08 31.85
N ALA B 35 -10.95 42.14 30.94
CA ALA B 35 -11.24 42.28 29.51
C ALA B 35 -10.42 41.29 28.69
N ALA B 36 -10.98 40.84 27.56
CA ALA B 36 -10.29 39.88 26.70
C ALA B 36 -9.46 40.60 25.64
N ASP B 37 -8.42 39.93 25.16
CA ASP B 37 -7.56 40.46 24.10
C ASP B 37 -7.94 39.86 22.74
N TYR B 38 -8.22 40.72 21.77
CA TYR B 38 -8.73 40.29 20.47
C TYR B 38 -7.65 39.73 19.54
N LYS B 39 -6.56 40.48 19.41
CA LYS B 39 -5.46 40.11 18.50
C LYS B 39 -4.89 38.72 18.80
N SER B 40 -4.62 38.46 20.08
CA SER B 40 -4.03 37.18 20.48
C SER B 40 -5.04 36.04 20.41
N THR B 41 -6.30 36.32 20.75
CA THR B 41 -7.36 35.32 20.64
C THR B 41 -7.59 34.90 19.18
N GLN B 42 -7.60 35.85 18.27
CA GLN B 42 -7.80 35.56 16.85
C GLN B 42 -6.61 34.84 16.23
N ALA B 43 -5.39 35.15 16.69
CA ALA B 43 -4.21 34.47 16.18
C ALA B 43 -4.31 32.97 16.43
N ALA B 44 -4.73 32.59 17.63
CA ALA B 44 -4.93 31.19 17.96
C ALA B 44 -6.09 30.60 17.18
N ILE B 45 -7.23 31.29 17.19
CA ILE B 45 -8.43 30.78 16.51
C ILE B 45 -8.18 30.54 15.02
N ASP B 46 -7.56 31.50 14.36
CA ASP B 46 -7.28 31.39 12.92
C ASP B 46 -6.42 30.17 12.61
N GLN B 47 -5.42 29.93 13.47
CA GLN B 47 -4.53 28.80 13.28
C GLN B 47 -5.23 27.47 13.42
N ILE B 48 -6.16 27.39 14.38
CA ILE B 48 -7.00 26.21 14.53
C ILE B 48 -7.85 26.00 13.27
N THR B 49 -8.44 27.09 12.77
CA THR B 49 -9.28 27.03 11.58
C THR B 49 -8.54 26.45 10.38
N GLY B 50 -7.28 26.86 10.20
CA GLY B 50 -6.47 26.38 9.10
C GLY B 50 -6.34 24.87 9.09
N LYS B 51 -6.12 24.32 10.28
CA LYS B 51 -6.01 22.87 10.45
C LYS B 51 -7.33 22.19 10.12
N LEU B 52 -8.42 22.72 10.66
CA LEU B 52 -9.74 22.16 10.39
C LEU B 52 -10.04 22.16 8.90
N ASN B 53 -9.60 23.21 8.21
CA ASN B 53 -9.78 23.28 6.78
C ASN B 53 -8.97 22.22 6.02
N ARG B 54 -7.74 21.95 6.48
CA ARG B 54 -6.90 20.91 5.90
C ARG B 54 -7.50 19.52 6.12
N LEU B 55 -8.12 19.35 7.28
CA LEU B 55 -8.75 18.09 7.66
C LEU B 55 -9.88 17.69 6.73
N ILE B 56 -10.84 18.59 6.54
CA ILE B 56 -12.07 18.27 5.82
C ILE B 56 -11.97 18.30 4.28
N GLU B 57 -10.84 18.71 3.71
CA GLU B 57 -10.74 18.87 2.25
C GLU B 57 -10.79 17.54 1.50
N LYS B 58 -11.48 17.55 0.37
CA LYS B 58 -11.89 16.34 -0.33
C LYS B 58 -10.73 15.60 -1.01
N THR B 59 -10.82 14.27 -1.00
CA THR B 59 -9.97 13.42 -1.83
C THR B 59 -10.90 12.71 -2.83
N ASN B 60 -10.73 13.04 -4.11
CA ASN B 60 -11.68 12.67 -5.16
C ASN B 60 -11.45 11.30 -5.82
N THR B 61 -10.51 10.50 -5.30
CA THR B 61 -10.22 9.20 -5.87
C THR B 61 -11.44 8.29 -5.71
N GLU B 62 -12.11 8.03 -6.82
CA GLU B 62 -13.28 7.18 -6.83
C GLU B 62 -12.83 5.74 -6.98
N PHE B 63 -13.16 4.91 -5.99
CA PHE B 63 -12.77 3.51 -5.99
C PHE B 63 -13.95 2.61 -6.36
N GLU B 64 -13.65 1.61 -7.18
CA GLU B 64 -14.61 0.58 -7.55
C GLU B 64 -14.48 -0.60 -6.58
N SER B 65 -15.46 -1.50 -6.63
CA SER B 65 -15.45 -2.71 -5.82
C SER B 65 -14.56 -3.79 -6.46
N ILE B 66 -13.79 -4.49 -5.64
CA ILE B 66 -13.04 -5.67 -6.08
C ILE B 66 -13.36 -6.90 -5.23
N GLU B 67 -14.52 -6.90 -4.57
CA GLU B 67 -14.91 -7.96 -3.65
C GLU B 67 -16.42 -8.11 -3.64
N SER B 68 -16.93 -9.13 -4.33
CA SER B 68 -18.36 -9.37 -4.35
C SER B 68 -18.92 -9.59 -2.94
N GLU B 69 -19.89 -8.77 -2.57
CA GLU B 69 -20.62 -8.93 -1.31
C GLU B 69 -21.48 -10.19 -1.34
N PHE B 70 -22.09 -10.49 -2.50
CA PHE B 70 -23.11 -11.53 -2.58
C PHE B 70 -22.69 -12.84 -3.26
N SER B 71 -21.40 -13.03 -3.50
CA SER B 71 -20.91 -14.29 -4.07
C SER B 71 -19.46 -14.59 -3.73
N GLU B 72 -19.06 -15.84 -3.98
CA GLU B 72 -17.73 -16.32 -3.63
C GLU B 72 -16.63 -15.70 -4.47
N ILE B 73 -15.44 -15.62 -3.89
CA ILE B 73 -14.24 -15.16 -4.59
C ILE B 73 -13.26 -16.32 -4.64
N GLU B 74 -12.54 -16.46 -5.75
CA GLU B 74 -11.54 -17.51 -5.86
C GLU B 74 -10.50 -17.34 -4.76
N HIS B 75 -10.08 -18.47 -4.17
CA HIS B 75 -9.34 -18.46 -2.91
C HIS B 75 -8.01 -17.71 -2.95
N GLN B 76 -7.19 -17.99 -3.95
CA GLN B 76 -5.85 -17.42 -4.02
C GLN B 76 -5.86 -15.88 -4.16
N ILE B 77 -6.74 -15.37 -5.02
CA ILE B 77 -6.86 -13.91 -5.25
C ILE B 77 -7.53 -13.23 -4.06
N GLY B 78 -8.40 -13.95 -3.36
CA GLY B 78 -9.04 -13.46 -2.13
C GLY B 78 -8.03 -13.21 -1.01
N ASN B 79 -7.15 -14.18 -0.80
CA ASN B 79 -6.03 -14.04 0.14
C ASN B 79 -5.07 -12.92 -0.24
N VAL B 80 -4.96 -12.63 -1.53
CA VAL B 80 -4.13 -11.52 -1.99
C VAL B 80 -4.81 -10.19 -1.67
N ILE B 81 -6.10 -10.11 -1.99
CA ILE B 81 -6.88 -8.91 -1.72
C ILE B 81 -6.89 -8.61 -0.23
N ASN B 82 -7.15 -9.62 0.58
CA ASN B 82 -7.14 -9.47 2.03
C ASN B 82 -5.82 -8.92 2.58
N TRP B 83 -4.71 -9.50 2.13
CA TRP B 83 -3.40 -9.04 2.54
C TRP B 83 -3.20 -7.57 2.23
N THR B 84 -3.49 -7.18 0.98
CA THR B 84 -3.30 -5.82 0.53
C THR B 84 -4.22 -4.85 1.28
N LYS B 85 -5.49 -5.20 1.41
CA LYS B 85 -6.45 -4.33 2.10
C LYS B 85 -6.03 -4.10 3.54
N ASP B 86 -5.73 -5.18 4.26
CA ASP B 86 -5.28 -5.08 5.65
C ASP B 86 -4.00 -4.26 5.80
N SER B 87 -3.08 -4.37 4.85
CA SER B 87 -1.85 -3.60 4.90
C SER B 87 -2.16 -2.12 4.73
N ILE B 88 -3.05 -1.82 3.79
CA ILE B 88 -3.50 -0.45 3.56
C ILE B 88 -4.15 0.13 4.82
N THR B 89 -5.01 -0.65 5.49
CA THR B 89 -5.68 -0.20 6.70
C THR B 89 -4.70 0.10 7.84
N ASP B 90 -3.74 -0.81 8.05
CA ASP B 90 -2.69 -0.58 9.04
C ASP B 90 -1.92 0.70 8.76
N ILE B 91 -1.72 1.01 7.47
CA ILE B 91 -1.05 2.25 7.10
C ILE B 91 -1.88 3.47 7.48
N TRP B 92 -3.17 3.45 7.14
CA TRP B 92 -4.04 4.60 7.41
C TRP B 92 -4.33 4.79 8.89
N THR B 93 -4.53 3.69 9.58
CA THR B 93 -4.74 3.73 11.01
C THR B 93 -3.51 4.32 11.69
N TYR B 94 -2.34 3.91 11.22
CA TYR B 94 -1.10 4.45 11.74
C TYR B 94 -1.00 5.93 11.39
N GLN B 95 -1.17 6.28 10.12
CA GLN B 95 -1.09 7.68 9.71
C GLN B 95 -2.05 8.58 10.46
N ALA B 96 -3.28 8.10 10.67
CA ALA B 96 -4.29 8.86 11.39
C ALA B 96 -3.84 9.18 12.83
N GLU B 97 -3.49 8.14 13.56
CA GLU B 97 -3.00 8.28 14.92
C GLU B 97 -1.82 9.24 15.01
N LEU B 98 -0.91 9.14 14.05
CA LEU B 98 0.26 10.00 14.05
C LEU B 98 -0.13 11.44 13.72
N LEU B 99 -1.04 11.61 12.76
CA LEU B 99 -1.51 12.95 12.39
C LEU B 99 -2.02 13.67 13.62
N VAL B 100 -3.03 13.10 14.25
CA VAL B 100 -3.71 13.76 15.36
C VAL B 100 -2.75 14.04 16.53
N ALA B 101 -2.00 13.04 16.97
CA ALA B 101 -1.07 13.19 18.08
C ALA B 101 -0.07 14.32 17.87
N MET B 102 0.40 14.47 16.64
CA MET B 102 1.33 15.53 16.30
C MET B 102 0.60 16.87 16.28
N GLU B 103 -0.58 16.89 15.67
CA GLU B 103 -1.38 18.13 15.56
C GLU B 103 -1.78 18.64 16.93
N ASN B 104 -2.18 17.71 17.79
CA ASN B 104 -2.55 18.03 19.15
C ASN B 104 -1.37 18.60 19.93
N GLN B 105 -0.20 18.01 19.76
CA GLN B 105 1.01 18.54 20.37
C GLN B 105 1.24 19.98 19.91
N HIS B 106 1.04 20.23 18.62
CA HIS B 106 1.25 21.57 18.05
C HIS B 106 0.20 22.60 18.49
N THR B 107 -1.09 22.24 18.47
CA THR B 107 -2.15 23.20 18.85
C THR B 107 -1.92 23.70 20.27
N ILE B 108 -1.63 22.76 21.16
CA ILE B 108 -1.39 23.02 22.57
C ILE B 108 -0.19 23.92 22.77
N ASP B 109 0.93 23.60 22.13
CA ASP B 109 2.13 24.43 22.24
C ASP B 109 1.99 25.74 21.48
N MET B 110 1.12 25.77 20.47
CA MET B 110 0.85 27.00 19.75
C MET B 110 0.11 27.99 20.66
N ALA B 111 -0.95 27.51 21.31
CA ALA B 111 -1.75 28.32 22.22
C ALA B 111 -0.90 28.85 23.38
N ASP B 112 -0.03 27.99 23.91
CA ASP B 112 0.96 28.38 24.92
C ASP B 112 1.81 29.55 24.40
N SER B 113 2.20 29.48 23.14
CA SER B 113 3.08 30.51 22.55
C SER B 113 2.42 31.89 22.41
N GLU B 114 1.10 31.92 22.24
CA GLU B 114 0.38 33.17 22.06
C GLU B 114 0.13 33.85 23.39
N MET B 115 -0.13 33.06 24.43
CA MET B 115 -0.20 33.58 25.81
C MET B 115 1.10 34.30 26.16
N LEU B 116 2.22 33.64 25.88
CA LEU B 116 3.54 34.21 26.13
C LEU B 116 3.76 35.47 25.32
N ASN B 117 3.38 35.45 24.05
CA ASN B 117 3.56 36.59 23.17
C ASN B 117 2.82 37.83 23.67
N LEU B 118 1.66 37.63 24.28
CA LEU B 118 0.90 38.71 24.89
C LEU B 118 1.67 39.26 26.09
N TYR B 119 2.06 38.35 26.98
CA TYR B 119 2.85 38.68 28.16
C TYR B 119 4.11 39.48 27.82
N GLU B 120 4.84 39.05 26.79
CA GLU B 120 6.05 39.77 26.38
C GLU B 120 5.72 41.15 25.84
N ARG B 121 4.61 41.26 25.12
CA ARG B 121 4.19 42.53 24.55
C ARG B 121 3.94 43.54 25.66
N VAL B 122 3.29 43.09 26.73
CA VAL B 122 2.96 43.94 27.86
C VAL B 122 4.21 44.26 28.68
N ARG B 123 5.09 43.28 28.85
CA ARG B 123 6.34 43.50 29.58
C ARG B 123 7.06 44.70 28.97
N LYS B 124 7.24 44.67 27.67
CA LYS B 124 7.97 45.71 26.97
C LYS B 124 7.26 47.07 26.96
N GLN B 125 5.93 47.07 27.01
CA GLN B 125 5.13 48.30 27.12
C GLN B 125 5.47 49.06 28.41
N LEU B 126 5.43 48.34 29.53
CA LEU B 126 5.60 48.93 30.85
C LEU B 126 7.04 49.32 31.16
N ARG B 127 7.98 48.76 30.41
CA ARG B 127 9.39 49.13 30.52
C ARG B 127 9.90 49.15 31.98
N GLN B 128 10.29 50.31 32.52
CA GLN B 128 10.84 50.39 33.88
C GLN B 128 9.81 50.77 34.94
N ASN B 129 8.53 50.76 34.59
CA ASN B 129 7.46 51.18 35.51
C ASN B 129 6.80 50.01 36.26
N ALA B 130 7.27 48.79 36.03
CA ALA B 130 6.61 47.61 36.60
C ALA B 130 7.58 46.45 36.75
N GLU B 131 7.17 45.47 37.55
CA GLU B 131 7.96 44.26 37.81
C GLU B 131 7.08 43.02 37.81
N GLU B 132 7.67 41.90 37.41
CA GLU B 132 6.95 40.62 37.29
C GLU B 132 6.86 39.93 38.64
N ASP B 133 5.65 39.52 39.03
CA ASP B 133 5.46 38.78 40.28
C ASP B 133 5.73 37.29 40.10
N GLY B 134 5.95 36.86 38.87
CA GLY B 134 6.32 35.49 38.57
C GLY B 134 5.15 34.54 38.40
N LYS B 135 3.94 35.02 38.70
CA LYS B 135 2.73 34.25 38.50
C LYS B 135 1.98 34.72 37.25
N GLY B 136 2.61 35.61 36.47
CA GLY B 136 1.98 36.12 35.25
C GLY B 136 1.34 37.49 35.39
N CYS B 137 1.62 38.16 36.52
CA CYS B 137 1.16 39.53 36.71
C CYS B 137 2.35 40.48 36.68
N PHE B 138 2.04 41.76 36.53
CA PHE B 138 3.03 42.83 36.64
C PHE B 138 2.58 43.76 37.75
N GLU B 139 3.45 43.96 38.74
CA GLU B 139 3.17 44.93 39.80
C GLU B 139 3.57 46.33 39.34
N ILE B 140 2.60 47.24 39.30
CA ILE B 140 2.79 48.58 38.77
C ILE B 140 3.14 49.56 39.90
N TYR B 141 4.25 50.27 39.76
CA TYR B 141 4.77 51.13 40.82
C TYR B 141 4.27 52.59 40.74
N HIS B 142 3.07 52.78 40.18
CA HIS B 142 2.43 54.08 40.14
C HIS B 142 0.93 53.90 40.10
N ALA B 143 0.18 54.93 40.48
CA ALA B 143 -1.26 54.87 40.46
C ALA B 143 -1.71 54.73 39.01
N CYS B 144 -2.24 53.56 38.67
CA CYS B 144 -2.75 53.29 37.34
C CYS B 144 -4.26 53.11 37.47
N ASP B 145 -4.99 54.21 37.23
CA ASP B 145 -6.46 54.19 37.24
C ASP B 145 -7.04 53.36 36.08
N ASP B 146 -8.36 53.29 35.98
CA ASP B 146 -9.05 52.49 34.94
C ASP B 146 -8.70 52.94 33.52
N SER B 147 -8.60 54.24 33.32
CA SER B 147 -8.18 54.81 32.06
C SER B 147 -6.72 54.50 31.75
N CYS B 148 -5.93 54.26 32.78
CA CYS B 148 -4.54 53.84 32.64
C CYS B 148 -4.45 52.34 32.30
N MET B 149 -5.29 51.54 32.96
CA MET B 149 -5.35 50.10 32.69
C MET B 149 -5.80 49.86 31.27
N GLU B 150 -6.80 50.64 30.84
CA GLU B 150 -7.31 50.60 29.48
C GLU B 150 -6.23 50.95 28.46
N SER B 151 -5.37 51.91 28.82
CA SER B 151 -4.28 52.32 27.93
C SER B 151 -3.32 51.17 27.63
N ILE B 152 -3.09 50.31 28.63
CA ILE B 152 -2.18 49.17 28.50
C ILE B 152 -2.80 48.07 27.64
N ARG B 153 -4.09 47.81 27.85
CA ARG B 153 -4.82 46.83 27.04
C ARG B 153 -4.87 47.24 25.57
N ASN B 154 -5.14 48.51 25.31
CA ASN B 154 -5.28 49.05 23.95
C ASN B 154 -3.92 49.42 23.31
N ASN B 155 -2.82 49.04 23.96
CA ASN B 155 -1.46 49.34 23.49
C ASN B 155 -1.20 50.81 23.15
N THR B 156 -1.58 51.70 24.06
CA THR B 156 -1.32 53.14 23.92
C THR B 156 -0.59 53.72 25.13
N TYR B 157 -0.17 52.85 26.05
CA TYR B 157 0.51 53.26 27.29
C TYR B 157 1.92 53.78 27.00
N ASP B 158 2.17 55.04 27.36
CA ASP B 158 3.49 55.64 27.22
C ASP B 158 4.24 55.59 28.55
N HIS B 159 5.26 54.74 28.63
CA HIS B 159 6.05 54.53 29.85
C HIS B 159 6.67 55.82 30.39
N SER B 160 7.13 56.68 29.48
CA SER B 160 7.87 57.89 29.85
C SER B 160 7.04 58.85 30.69
N GLN B 161 5.72 58.81 30.54
CA GLN B 161 4.82 59.67 31.32
C GLN B 161 4.80 59.35 32.81
N TYR B 162 5.02 58.09 33.16
CA TYR B 162 4.94 57.63 34.56
C TYR B 162 6.29 57.23 35.15
N ARG B 163 7.37 57.48 34.40
CA ARG B 163 8.69 56.94 34.74
C ARG B 163 9.26 57.51 36.04
N GLU B 164 9.23 58.83 36.17
CA GLU B 164 9.80 59.48 37.36
C GLU B 164 9.12 59.01 38.64
N GLU B 165 7.79 58.88 38.60
CA GLU B 165 7.02 58.38 39.74
C GLU B 165 7.35 56.91 40.02
N ALA B 166 7.33 56.10 38.97
CA ALA B 166 7.54 54.68 39.10
C ALA B 166 8.93 54.36 39.63
N LEU B 167 9.95 55.03 39.08
CA LEU B 167 11.35 54.77 39.47
C LEU B 167 11.60 55.06 40.95
N LEU B 168 11.21 56.25 41.41
CA LEU B 168 11.40 56.62 42.81
C LEU B 168 10.68 55.67 43.76
N ASN B 169 9.47 55.23 43.38
CA ASN B 169 8.74 54.19 44.12
C ASN B 169 9.49 52.85 44.21
N ARG B 170 10.12 52.45 43.11
CA ARG B 170 10.88 51.19 43.08
C ARG B 170 12.17 51.24 43.91
N LEU B 171 12.67 52.45 44.18
CA LEU B 171 13.96 52.62 44.86
C LEU B 171 13.91 53.13 46.31
N ASN B 172 12.80 53.73 46.74
CA ASN B 172 12.71 54.39 48.06
C ASN B 172 13.84 55.37 48.34
N LEU C 1 30.65 38.74 44.47
CA LEU C 1 29.19 38.47 44.45
C LEU C 1 28.90 36.96 44.55
N ASP C 2 27.84 36.62 45.28
CA ASP C 2 27.36 35.24 45.31
C ASP C 2 26.70 34.94 43.96
N LYS C 3 26.76 33.69 43.54
CA LYS C 3 26.34 33.29 42.20
C LYS C 3 25.65 31.93 42.23
N ILE C 4 24.54 31.81 41.49
CA ILE C 4 23.85 30.54 41.30
C ILE C 4 23.70 30.26 39.81
N CYS C 5 24.34 29.19 39.35
CA CYS C 5 24.38 28.82 37.93
C CYS C 5 23.38 27.72 37.60
N LEU C 6 22.72 27.84 36.45
CA LEU C 6 21.91 26.73 35.91
C LEU C 6 22.66 25.94 34.85
N GLY C 7 22.38 24.64 34.82
CA GLY C 7 23.03 23.74 33.89
C GLY C 7 22.25 22.46 33.67
N HIS C 8 22.77 21.60 32.81
CA HIS C 8 22.13 20.36 32.42
C HIS C 8 23.16 19.26 32.31
N HIS C 9 22.74 18.00 32.34
CA HIS C 9 23.71 16.91 32.36
C HIS C 9 24.25 16.55 30.98
N ALA C 10 25.42 15.93 30.98
CA ALA C 10 26.11 15.50 29.78
C ALA C 10 26.81 14.18 30.08
N VAL C 11 27.33 13.52 29.06
CA VAL C 11 28.03 12.26 29.25
C VAL C 11 29.38 12.27 28.53
N ALA C 12 30.18 11.23 28.79
CA ALA C 12 31.50 11.09 28.16
C ALA C 12 31.33 11.08 26.65
N ASN C 13 30.79 9.98 26.10
CA ASN C 13 30.40 9.93 24.69
C ASN C 13 28.95 9.50 24.51
N GLY C 14 28.21 10.29 23.74
CA GLY C 14 26.78 10.08 23.57
C GLY C 14 26.48 9.16 22.40
N THR C 15 25.27 9.30 21.87
CA THR C 15 24.83 8.52 20.72
C THR C 15 24.43 9.45 19.58
N ILE C 16 24.74 9.04 18.35
CA ILE C 16 24.37 9.79 17.16
C ILE C 16 22.97 9.41 16.75
N VAL C 17 22.18 10.41 16.37
CA VAL C 17 20.86 10.19 15.78
C VAL C 17 20.65 11.20 14.65
N LYS C 18 19.62 10.96 13.84
CA LYS C 18 19.27 11.85 12.74
C LYS C 18 18.07 12.67 13.14
N THR C 19 18.04 13.92 12.71
CA THR C 19 16.90 14.79 12.91
C THR C 19 16.42 15.28 11.53
N LEU C 20 15.42 16.15 11.53
CA LEU C 20 14.94 16.76 10.29
C LEU C 20 16.03 17.62 9.65
N THR C 21 16.94 18.15 10.45
CA THR C 21 17.97 19.09 9.99
C THR C 21 19.41 18.59 10.08
N ASN C 22 19.62 17.43 10.69
CA ASN C 22 20.98 16.99 11.00
C ASN C 22 21.09 15.47 11.02
N GLU C 23 22.03 14.95 10.24
CA GLU C 23 22.32 13.53 10.20
C GLU C 23 23.18 13.06 11.39
N GLN C 24 23.96 13.99 11.94
CA GLN C 24 25.00 13.70 12.93
C GLN C 24 24.72 14.27 14.32
N GLU C 25 23.46 14.26 14.76
CA GLU C 25 23.11 14.87 16.03
C GLU C 25 23.47 13.98 17.23
N GLU C 26 24.35 14.48 18.11
CA GLU C 26 24.75 13.75 19.30
C GLU C 26 23.81 14.06 20.46
N VAL C 27 23.24 13.02 21.06
CA VAL C 27 22.37 13.15 22.24
C VAL C 27 22.93 12.32 23.38
N THR C 28 22.31 12.40 24.56
CA THR C 28 22.82 11.68 25.74
C THR C 28 22.45 10.21 25.76
N ASN C 29 21.35 9.84 25.11
CA ASN C 29 20.91 8.45 25.06
C ASN C 29 19.96 8.22 23.89
N ALA C 30 19.88 6.98 23.43
CA ALA C 30 18.94 6.61 22.38
C ALA C 30 18.62 5.14 22.44
N THR C 31 17.51 4.75 21.83
CA THR C 31 17.13 3.35 21.73
C THR C 31 16.74 2.99 20.30
N GLU C 32 17.12 1.78 19.87
CA GLU C 32 16.83 1.27 18.53
C GLU C 32 15.33 1.10 18.32
N THR C 33 14.85 1.37 17.09
CA THR C 33 13.45 1.11 16.73
C THR C 33 13.26 -0.04 15.75
N VAL C 34 14.34 -0.49 15.11
CA VAL C 34 14.30 -1.60 14.15
C VAL C 34 14.94 -2.87 14.69
N GLU C 35 14.15 -3.93 14.83
CA GLU C 35 14.64 -5.22 15.33
C GLU C 35 15.49 -5.96 14.28
N SER C 36 16.73 -6.28 14.65
CA SER C 36 17.66 -7.00 13.77
C SER C 36 17.88 -8.46 14.17
N THR C 37 17.46 -8.83 15.38
CA THR C 37 17.77 -10.14 15.91
C THR C 37 16.59 -11.10 15.72
N SER C 38 16.87 -12.26 15.14
CA SER C 38 15.90 -13.33 15.03
C SER C 38 16.31 -14.48 15.95
N LEU C 39 15.32 -15.16 16.50
CA LEU C 39 15.54 -16.42 17.17
C LEU C 39 15.48 -17.51 16.10
N ASP C 40 16.60 -18.15 15.80
CA ASP C 40 16.66 -19.18 14.75
C ASP C 40 16.06 -20.50 15.23
N ARG C 41 14.75 -20.46 15.49
CA ARG C 41 13.99 -21.56 16.06
C ARG C 41 12.54 -21.13 16.21
N LEU C 42 11.62 -22.07 16.00
CA LEU C 42 10.19 -21.77 16.08
C LEU C 42 9.69 -21.85 17.51
N CYS C 43 9.23 -20.72 18.04
CA CYS C 43 8.74 -20.66 19.42
C CYS C 43 7.29 -21.13 19.50
N MET C 44 7.09 -22.40 19.88
CA MET C 44 5.76 -23.01 19.89
C MET C 44 5.11 -23.12 21.27
N LYS C 45 5.70 -22.48 22.29
CA LYS C 45 5.11 -22.52 23.63
C LYS C 45 3.71 -21.90 23.60
N GLY C 46 2.74 -22.62 24.14
CA GLY C 46 1.35 -22.16 24.19
C GLY C 46 0.58 -22.40 22.91
N ARG C 47 1.15 -23.18 21.98
CA ARG C 47 0.48 -23.53 20.73
C ARG C 47 0.30 -25.03 20.62
N SER C 48 -0.95 -25.44 20.36
CA SER C 48 -1.25 -26.80 19.96
C SER C 48 -0.87 -26.94 18.48
N HIS C 49 0.36 -27.36 18.22
CA HIS C 49 0.93 -27.31 16.88
C HIS C 49 1.16 -28.69 16.27
N LYS C 50 1.34 -28.71 14.96
CA LYS C 50 1.67 -29.94 14.23
C LYS C 50 2.86 -29.69 13.30
N ASP C 51 3.92 -30.45 13.50
CA ASP C 51 5.08 -30.44 12.61
C ASP C 51 4.88 -31.50 11.54
N LEU C 52 4.67 -31.08 10.30
CA LEU C 52 4.51 -32.04 9.19
C LEU C 52 5.80 -32.78 8.84
N GLY C 53 6.95 -32.26 9.28
CA GLY C 53 8.23 -32.85 8.92
C GLY C 53 8.31 -33.08 7.43
N ASN C 54 8.39 -34.35 7.06
CA ASN C 54 8.55 -34.75 5.67
C ASN C 54 7.25 -34.83 4.87
N CYS C 55 6.12 -34.57 5.52
CA CYS C 55 4.81 -34.63 4.88
C CYS C 55 4.42 -33.27 4.28
N HIS C 56 3.92 -33.30 3.04
CA HIS C 56 3.40 -32.09 2.39
C HIS C 56 1.89 -31.97 2.59
N PRO C 57 1.38 -30.76 2.89
CA PRO C 57 -0.02 -30.59 3.28
C PRO C 57 -1.07 -31.29 2.42
N ILE C 58 -0.90 -31.23 1.12
CA ILE C 58 -1.80 -31.93 0.20
C ILE C 58 -1.79 -33.44 0.46
N GLY C 59 -0.61 -33.99 0.77
CA GLY C 59 -0.47 -35.40 1.11
C GLY C 59 -1.38 -35.87 2.23
N MET C 60 -1.69 -34.97 3.17
CA MET C 60 -2.63 -35.24 4.26
C MET C 60 -4.03 -35.63 3.76
N LEU C 61 -4.47 -35.04 2.66
CA LEU C 61 -5.81 -35.28 2.12
C LEU C 61 -5.90 -36.51 1.23
N ILE C 62 -4.77 -36.92 0.67
CA ILE C 62 -4.71 -38.08 -0.25
C ILE C 62 -4.10 -39.33 0.39
N GLY C 63 -3.23 -39.14 1.37
CA GLY C 63 -2.72 -40.26 2.17
C GLY C 63 -1.41 -40.84 1.68
N THR C 64 -0.46 -39.98 1.34
CA THR C 64 0.88 -40.41 0.99
C THR C 64 1.51 -41.06 2.22
N PRO C 65 2.27 -42.16 2.02
CA PRO C 65 2.91 -42.80 3.16
C PRO C 65 3.62 -41.83 4.10
N ALA C 66 4.34 -40.86 3.56
CA ALA C 66 5.00 -39.85 4.37
C ALA C 66 4.04 -39.12 5.32
N CYS C 67 2.79 -38.95 4.89
CA CYS C 67 1.77 -38.26 5.66
C CYS C 67 0.88 -39.18 6.50
N ASP C 68 1.33 -40.40 6.80
CA ASP C 68 0.52 -41.36 7.56
C ASP C 68 0.21 -40.87 8.98
N LEU C 69 1.16 -40.18 9.59
CA LEU C 69 0.96 -39.64 10.93
C LEU C 69 0.05 -38.41 10.95
N HIS C 70 -0.22 -37.82 9.79
CA HIS C 70 -0.93 -36.54 9.69
C HIS C 70 -2.21 -36.58 8.86
N LEU C 71 -2.92 -37.71 8.86
CA LEU C 71 -4.15 -37.81 8.06
C LEU C 71 -5.33 -37.09 8.69
N THR C 72 -5.32 -36.98 10.02
CA THR C 72 -6.33 -36.24 10.76
C THR C 72 -5.67 -35.58 11.97
N GLY C 73 -6.40 -34.69 12.61
CA GLY C 73 -5.93 -34.04 13.83
C GLY C 73 -6.55 -32.68 14.00
N THR C 74 -6.09 -31.97 15.01
CA THR C 74 -6.50 -30.58 15.23
C THR C 74 -5.26 -29.80 15.64
N TRP C 75 -5.28 -28.49 15.42
CA TRP C 75 -4.11 -27.66 15.72
C TRP C 75 -4.48 -26.19 15.59
N ASP C 76 -3.70 -25.33 16.24
CA ASP C 76 -3.81 -23.89 16.02
C ASP C 76 -2.65 -23.37 15.15
N THR C 77 -1.63 -24.21 14.96
CA THR C 77 -0.45 -23.87 14.18
C THR C 77 -0.02 -25.08 13.36
N LEU C 78 0.35 -24.86 12.10
CA LEU C 78 0.75 -25.96 11.21
C LEU C 78 2.07 -25.61 10.54
N ILE C 79 3.07 -26.47 10.71
CA ILE C 79 4.42 -26.21 10.20
C ILE C 79 4.75 -27.08 9.00
N GLU C 80 5.13 -26.46 7.89
CA GLU C 80 5.51 -27.16 6.67
C GLU C 80 7.02 -27.03 6.46
N ARG C 81 7.64 -28.04 5.86
CA ARG C 81 9.09 -28.07 5.67
C ARG C 81 9.45 -28.14 4.20
N GLU C 82 10.72 -27.85 3.90
CA GLU C 82 11.21 -27.88 2.53
C GLU C 82 11.34 -29.31 2.05
N ASN C 83 11.14 -29.51 0.75
CA ASN C 83 11.19 -30.82 0.11
C ASN C 83 10.13 -31.82 0.62
N ALA C 84 9.13 -31.33 1.34
CA ALA C 84 8.09 -32.19 1.88
C ALA C 84 7.38 -32.90 0.74
N ILE C 85 7.01 -34.16 0.95
CA ILE C 85 6.49 -35.03 -0.11
C ILE C 85 4.97 -35.06 -0.15
N ALA C 86 4.41 -34.82 -1.33
CA ALA C 86 2.97 -34.95 -1.57
C ALA C 86 2.65 -36.17 -2.43
N TYR C 87 3.55 -36.50 -3.36
CA TYR C 87 3.27 -37.49 -4.39
C TYR C 87 4.37 -38.53 -4.46
N CYS C 88 4.11 -39.69 -3.87
CA CYS C 88 4.99 -40.84 -4.03
C CYS C 88 4.95 -41.27 -5.50
N TYR C 89 3.74 -41.37 -6.04
CA TYR C 89 3.54 -41.65 -7.46
C TYR C 89 3.42 -40.31 -8.22
N PRO C 90 4.17 -40.16 -9.34
CA PRO C 90 4.33 -38.83 -9.96
C PRO C 90 3.04 -38.22 -10.53
N GLY C 91 2.95 -36.91 -10.44
CA GLY C 91 1.78 -36.16 -10.88
C GLY C 91 1.70 -34.82 -10.18
N ALA C 92 0.52 -34.20 -10.22
CA ALA C 92 0.30 -32.92 -9.59
C ALA C 92 -1.19 -32.68 -9.39
N THR C 93 -1.51 -31.59 -8.70
CA THR C 93 -2.89 -31.21 -8.42
C THR C 93 -3.24 -29.96 -9.23
N VAL C 94 -4.48 -29.90 -9.73
CA VAL C 94 -4.98 -28.70 -10.38
C VAL C 94 -5.34 -27.69 -9.28
N ASN C 95 -4.91 -26.45 -9.47
CA ASN C 95 -4.99 -25.40 -8.44
C ASN C 95 -4.27 -25.84 -7.17
N GLU C 96 -3.03 -26.27 -7.35
CA GLU C 96 -2.24 -26.84 -6.27
C GLU C 96 -2.02 -25.86 -5.11
N GLU C 97 -1.69 -24.62 -5.44
CA GLU C 97 -1.36 -23.63 -4.42
C GLU C 97 -2.59 -23.12 -3.66
N ALA C 98 -3.73 -23.03 -4.32
CA ALA C 98 -4.98 -22.67 -3.66
C ALA C 98 -5.34 -23.71 -2.59
N LEU C 99 -5.23 -24.98 -2.96
CA LEU C 99 -5.48 -26.08 -2.03
C LEU C 99 -4.54 -26.05 -0.83
N ARG C 100 -3.25 -25.86 -1.10
CA ARG C 100 -2.23 -25.82 -0.05
C ARG C 100 -2.49 -24.70 0.93
N GLN C 101 -2.92 -23.53 0.43
CA GLN C 101 -3.24 -22.39 1.30
C GLN C 101 -4.42 -22.70 2.19
N LYS C 102 -5.48 -23.27 1.61
CA LYS C 102 -6.68 -23.67 2.36
C LYS C 102 -6.37 -24.59 3.53
N ILE C 103 -5.46 -25.53 3.33
CA ILE C 103 -5.05 -26.45 4.38
C ILE C 103 -4.22 -25.72 5.44
N MET C 104 -3.32 -24.86 4.99
CA MET C 104 -2.47 -24.09 5.90
C MET C 104 -3.23 -22.95 6.60
N GLU C 105 -4.45 -22.68 6.12
CA GLU C 105 -5.33 -21.69 6.73
C GLU C 105 -6.18 -22.37 7.82
N SER C 106 -6.15 -23.71 7.88
CA SER C 106 -7.06 -24.48 8.73
C SER C 106 -6.47 -24.82 10.09
N GLY C 107 -7.31 -25.37 10.95
CA GLY C 107 -6.90 -25.81 12.28
C GLY C 107 -7.26 -27.25 12.61
N GLY C 108 -7.41 -28.08 11.59
CA GLY C 108 -7.72 -29.50 11.78
C GLY C 108 -8.30 -30.17 10.55
N ILE C 109 -8.33 -31.51 10.57
CA ILE C 109 -8.88 -32.32 9.46
C ILE C 109 -9.63 -33.54 9.99
N SER C 110 -10.92 -33.61 9.71
CA SER C 110 -11.70 -34.84 9.90
C SER C 110 -11.71 -35.61 8.59
N LYS C 111 -11.83 -36.93 8.68
CA LYS C 111 -11.97 -37.77 7.49
C LYS C 111 -13.30 -38.50 7.52
N ILE C 112 -13.91 -38.63 6.35
CA ILE C 112 -15.23 -39.24 6.22
C ILE C 112 -15.25 -40.19 5.03
N SER C 113 -15.81 -41.36 5.23
CA SER C 113 -15.80 -42.40 4.20
C SER C 113 -16.84 -42.13 3.10
N THR C 114 -16.42 -42.22 1.84
CA THR C 114 -17.34 -42.09 0.70
C THR C 114 -18.25 -43.32 0.60
N GLY C 115 -17.73 -44.47 1.03
CA GLY C 115 -18.51 -45.70 1.04
C GLY C 115 -18.74 -46.28 -0.33
N PHE C 116 -17.80 -46.03 -1.25
CA PHE C 116 -17.93 -46.57 -2.61
C PHE C 116 -17.67 -48.08 -2.60
N THR C 117 -18.31 -48.78 -3.51
CA THR C 117 -18.12 -50.23 -3.65
C THR C 117 -18.07 -50.60 -5.12
N TYR C 118 -17.45 -51.75 -5.41
CA TYR C 118 -17.18 -52.14 -6.79
C TYR C 118 -17.45 -53.62 -7.04
N GLY C 119 -17.75 -53.95 -8.29
CA GLY C 119 -18.06 -55.32 -8.68
C GLY C 119 -16.80 -56.15 -8.89
N SER C 120 -17.00 -57.46 -9.01
CA SER C 120 -15.90 -58.42 -9.18
C SER C 120 -15.09 -58.21 -10.46
N SER C 121 -15.72 -57.60 -11.47
CA SER C 121 -15.04 -57.23 -12.71
C SER C 121 -13.99 -56.12 -12.50
N ILE C 122 -14.12 -55.35 -11.43
CA ILE C 122 -13.11 -54.36 -11.03
C ILE C 122 -12.26 -54.88 -9.87
N ASN C 123 -10.94 -54.73 -10.00
CA ASN C 123 -10.02 -54.85 -8.87
C ASN C 123 -9.81 -53.46 -8.30
N SER C 124 -10.23 -53.25 -7.06
CA SER C 124 -10.17 -51.92 -6.44
C SER C 124 -8.92 -51.66 -5.61
N ALA C 125 -7.99 -52.62 -5.55
CA ALA C 125 -6.81 -52.51 -4.69
C ALA C 125 -5.50 -52.38 -5.47
N GLY C 126 -5.47 -51.45 -6.43
CA GLY C 126 -4.26 -51.24 -7.22
C GLY C 126 -3.14 -50.63 -6.39
N THR C 127 -1.92 -51.13 -6.59
CA THR C 127 -0.76 -50.72 -5.80
C THR C 127 0.40 -50.33 -6.74
N THR C 128 1.54 -49.97 -6.16
CA THR C 128 2.70 -49.53 -6.94
C THR C 128 3.92 -49.47 -6.03
N LYS C 129 5.10 -49.78 -6.56
CA LYS C 129 6.34 -49.72 -5.76
C LYS C 129 6.87 -48.30 -5.55
N ALA C 130 6.13 -47.30 -5.99
CA ALA C 130 6.47 -45.91 -5.72
C ALA C 130 5.96 -45.51 -4.34
N CYS C 131 4.76 -45.96 -3.99
CA CYS C 131 4.19 -45.73 -2.66
C CYS C 131 4.30 -47.01 -1.84
N MET C 132 5.44 -47.18 -1.19
CA MET C 132 5.68 -48.38 -0.38
C MET C 132 5.22 -48.22 1.06
N ARG C 133 4.87 -49.34 1.68
CA ARG C 133 4.63 -49.44 3.11
C ARG C 133 5.10 -50.81 3.59
N ASN C 134 5.86 -50.84 4.68
CA ASN C 134 6.47 -52.07 5.18
C ASN C 134 7.30 -52.77 4.10
N GLY C 135 7.92 -52.00 3.21
CA GLY C 135 8.63 -52.58 2.07
C GLY C 135 7.73 -53.03 0.92
N GLY C 136 6.51 -53.48 1.24
CA GLY C 136 5.55 -53.90 0.22
C GLY C 136 4.92 -52.74 -0.54
N ASN C 137 4.45 -53.05 -1.75
CA ASN C 137 3.78 -52.07 -2.60
C ASN C 137 2.47 -51.60 -1.98
N SER C 138 2.13 -50.34 -2.18
CA SER C 138 0.92 -49.77 -1.61
C SER C 138 0.39 -48.66 -2.50
N PHE C 139 -0.41 -47.78 -1.92
CA PHE C 139 -1.05 -46.70 -2.66
C PHE C 139 -1.50 -45.61 -1.67
N TYR C 140 -1.86 -44.45 -2.20
CA TYR C 140 -2.42 -43.36 -1.40
C TYR C 140 -3.57 -43.91 -0.58
N ALA C 141 -3.53 -43.66 0.73
CA ALA C 141 -4.43 -44.28 1.69
C ALA C 141 -5.88 -43.86 1.57
N GLU C 142 -6.14 -42.65 1.06
CA GLU C 142 -7.49 -42.12 0.98
C GLU C 142 -8.11 -42.36 -0.40
N LEU C 143 -7.37 -43.03 -1.27
CA LEU C 143 -7.82 -43.28 -2.63
C LEU C 143 -7.63 -44.74 -2.98
N LYS C 144 -8.29 -45.16 -4.06
CA LYS C 144 -8.16 -46.51 -4.58
C LYS C 144 -7.98 -46.51 -6.09
N TRP C 145 -6.97 -47.24 -6.55
CA TRP C 145 -6.70 -47.41 -7.97
C TRP C 145 -7.58 -48.54 -8.48
N LEU C 146 -8.57 -48.18 -9.29
CA LEU C 146 -9.47 -49.17 -9.87
C LEU C 146 -8.97 -49.60 -11.25
N VAL C 147 -8.85 -50.91 -11.44
CA VAL C 147 -8.50 -51.47 -12.75
C VAL C 147 -9.30 -52.74 -13.03
N SER C 148 -9.28 -53.16 -14.30
CA SER C 148 -9.96 -54.37 -14.74
C SER C 148 -9.43 -55.58 -13.97
N LYS C 149 -10.33 -56.46 -13.56
CA LYS C 149 -9.96 -57.65 -12.78
C LYS C 149 -9.07 -58.61 -13.58
N SER C 150 -9.30 -58.71 -14.89
CA SER C 150 -8.48 -59.55 -15.75
C SER C 150 -7.73 -58.72 -16.79
N LYS C 151 -6.40 -58.81 -16.73
CA LYS C 151 -5.49 -58.09 -17.62
C LYS C 151 -5.90 -58.16 -19.09
N GLY C 152 -6.13 -56.99 -19.70
CA GLY C 152 -6.51 -56.89 -21.12
C GLY C 152 -7.97 -56.56 -21.33
N GLN C 153 -8.83 -57.08 -20.45
CA GLN C 153 -10.28 -56.93 -20.54
C GLN C 153 -10.73 -55.46 -20.41
N ASN C 154 -11.89 -55.16 -20.97
CA ASN C 154 -12.48 -53.82 -20.87
C ASN C 154 -13.02 -53.54 -19.48
N PHE C 155 -12.78 -52.31 -19.01
CA PHE C 155 -13.27 -51.84 -17.72
C PHE C 155 -14.77 -51.59 -17.82
N PRO C 156 -15.55 -52.08 -16.84
CA PRO C 156 -17.01 -51.91 -16.88
C PRO C 156 -17.48 -50.51 -16.50
N GLN C 157 -18.45 -50.00 -17.26
CA GLN C 157 -19.06 -48.68 -16.99
C GLN C 157 -19.66 -48.66 -15.59
N THR C 158 -19.24 -47.67 -14.79
CA THR C 158 -19.57 -47.65 -13.35
C THR C 158 -20.07 -46.27 -12.93
N THR C 159 -20.87 -46.25 -11.86
CA THR C 159 -21.39 -45.01 -11.29
C THR C 159 -21.30 -45.03 -9.76
N ASN C 160 -20.48 -44.15 -9.19
CA ASN C 160 -20.36 -44.00 -7.74
C ASN C 160 -20.76 -42.59 -7.32
N THR C 161 -21.61 -42.50 -6.30
CA THR C 161 -22.10 -41.22 -5.81
C THR C 161 -21.80 -41.06 -4.31
N TYR C 162 -21.12 -39.96 -3.95
CA TYR C 162 -20.92 -39.61 -2.56
C TYR C 162 -21.92 -38.53 -2.15
N ARG C 163 -22.71 -38.83 -1.11
CA ARG C 163 -23.73 -37.91 -0.62
C ARG C 163 -23.28 -37.24 0.66
N ASN C 164 -23.22 -35.92 0.65
CA ASN C 164 -22.90 -35.18 1.86
C ASN C 164 -24.16 -35.00 2.71
N THR C 165 -24.14 -35.61 3.90
CA THR C 165 -25.25 -35.51 4.84
C THR C 165 -24.74 -34.92 6.15
N ASP C 166 -24.14 -33.74 6.04
CA ASP C 166 -23.52 -33.04 7.16
C ASP C 166 -24.02 -31.59 7.17
N THR C 167 -23.68 -30.85 8.22
CA THR C 167 -24.03 -29.43 8.33
C THR C 167 -22.97 -28.52 7.70
N ALA C 168 -21.96 -29.09 7.06
CA ALA C 168 -20.87 -28.30 6.49
C ALA C 168 -20.29 -28.94 5.22
N GLU C 169 -19.63 -28.13 4.41
CA GLU C 169 -19.06 -28.57 3.15
C GLU C 169 -17.86 -29.47 3.35
N HIS C 170 -17.72 -30.49 2.49
CA HIS C 170 -16.60 -31.42 2.54
C HIS C 170 -15.72 -31.29 1.29
N LEU C 171 -14.44 -31.62 1.46
CA LEU C 171 -13.46 -31.51 0.40
C LEU C 171 -13.19 -32.89 -0.21
N ILE C 172 -13.81 -33.14 -1.36
CA ILE C 172 -13.59 -34.38 -2.08
C ILE C 172 -12.44 -34.22 -3.06
N MET C 173 -11.63 -35.26 -3.19
CA MET C 173 -10.51 -35.29 -4.14
C MET C 173 -10.53 -36.59 -4.95
N TRP C 174 -10.20 -36.49 -6.23
CA TRP C 174 -10.05 -37.67 -7.07
C TRP C 174 -8.82 -37.51 -7.97
N GLY C 175 -8.50 -38.57 -8.70
CA GLY C 175 -7.33 -38.58 -9.58
C GLY C 175 -7.64 -39.21 -10.93
N ILE C 176 -6.71 -39.03 -11.86
CA ILE C 176 -6.82 -39.60 -13.20
C ILE C 176 -5.48 -40.26 -13.53
N HIS C 177 -5.52 -41.50 -14.00
CA HIS C 177 -4.30 -42.13 -14.47
C HIS C 177 -4.01 -41.77 -15.93
N HIS C 178 -2.75 -41.43 -16.21
CA HIS C 178 -2.27 -41.14 -17.55
C HIS C 178 -1.25 -42.21 -17.94
N PRO C 179 -1.69 -43.29 -18.60
CA PRO C 179 -0.78 -44.39 -18.95
C PRO C 179 0.46 -43.97 -19.75
N SER C 180 1.55 -44.72 -19.58
CA SER C 180 2.83 -44.41 -20.22
C SER C 180 2.91 -44.92 -21.66
N SER C 181 2.04 -45.86 -22.02
CA SER C 181 1.98 -46.39 -23.39
C SER C 181 0.62 -47.02 -23.69
N THR C 182 0.39 -47.27 -24.99
CA THR C 182 -0.85 -47.87 -25.47
C THR C 182 -1.14 -49.21 -24.81
N GLN C 183 -0.13 -50.05 -24.71
CA GLN C 183 -0.28 -51.41 -24.19
C GLN C 183 -0.66 -51.39 -22.71
N GLU C 184 -0.08 -50.48 -21.95
CA GLU C 184 -0.38 -50.32 -20.53
C GLU C 184 -1.87 -49.99 -20.36
N LYS C 185 -2.34 -49.00 -21.11
CA LYS C 185 -3.75 -48.60 -21.10
C LYS C 185 -4.66 -49.78 -21.39
N ASN C 186 -4.35 -50.49 -22.46
CA ASN C 186 -5.14 -51.64 -22.89
C ASN C 186 -5.12 -52.79 -21.89
N ASP C 187 -4.01 -52.95 -21.16
CA ASP C 187 -3.94 -53.93 -20.09
C ASP C 187 -4.85 -53.56 -18.92
N LEU C 188 -4.68 -52.34 -18.42
CA LEU C 188 -5.38 -51.90 -17.21
C LEU C 188 -6.88 -51.72 -17.39
N TYR C 189 -7.28 -51.08 -18.49
CA TYR C 189 -8.67 -50.70 -18.70
C TYR C 189 -9.32 -51.30 -19.94
N GLY C 190 -8.52 -51.68 -20.93
CA GLY C 190 -9.03 -52.32 -22.14
C GLY C 190 -8.89 -51.47 -23.39
N THR C 191 -9.27 -52.04 -24.51
CA THR C 191 -9.15 -51.37 -25.81
C THR C 191 -10.23 -50.31 -26.05
N GLN C 192 -11.32 -50.36 -25.29
CA GLN C 192 -12.43 -49.40 -25.47
C GLN C 192 -11.99 -47.94 -25.26
N SER C 193 -12.90 -47.03 -25.59
CA SER C 193 -12.67 -45.59 -25.41
C SER C 193 -12.96 -45.23 -23.96
N LEU C 194 -12.13 -44.37 -23.37
CA LEU C 194 -12.19 -44.08 -21.93
C LEU C 194 -12.59 -42.65 -21.57
N SER C 195 -13.71 -42.52 -20.86
CA SER C 195 -14.22 -41.20 -20.42
C SER C 195 -14.63 -41.21 -18.95
N ILE C 196 -14.17 -40.19 -18.20
CA ILE C 196 -14.51 -40.01 -16.79
C ILE C 196 -15.25 -38.68 -16.61
N SER C 197 -16.51 -38.76 -16.23
CA SER C 197 -17.36 -37.58 -16.06
C SER C 197 -17.87 -37.44 -14.62
N VAL C 198 -17.47 -36.34 -13.98
CA VAL C 198 -17.87 -36.03 -12.61
C VAL C 198 -19.02 -35.03 -12.64
N GLY C 199 -19.87 -35.03 -11.60
CA GLY C 199 -21.03 -34.15 -11.58
C GLY C 199 -21.66 -33.90 -10.21
N SER C 200 -21.48 -32.68 -9.71
CA SER C 200 -22.24 -32.18 -8.56
C SER C 200 -23.28 -31.18 -9.08
N SER C 201 -23.97 -30.51 -8.15
CA SER C 201 -24.92 -29.47 -8.53
C SER C 201 -24.23 -28.13 -8.81
N THR C 202 -22.99 -27.98 -8.34
CA THR C 202 -22.21 -26.76 -8.57
C THR C 202 -20.86 -27.05 -9.24
N TYR C 203 -20.71 -28.23 -9.85
CA TYR C 203 -19.48 -28.59 -10.55
C TYR C 203 -19.73 -29.80 -11.43
N GLN C 204 -19.30 -29.71 -12.69
CA GLN C 204 -19.22 -30.89 -13.55
C GLN C 204 -18.08 -30.73 -14.55
N SER C 205 -17.49 -31.84 -14.94
CA SER C 205 -16.36 -31.83 -15.86
C SER C 205 -16.17 -33.19 -16.53
N ASN C 206 -15.22 -33.24 -17.45
CA ASN C 206 -14.90 -34.44 -18.20
C ASN C 206 -13.40 -34.61 -18.23
N PHE C 207 -12.95 -35.86 -18.19
CA PHE C 207 -11.52 -36.17 -18.18
C PHE C 207 -11.21 -37.34 -19.11
N VAL C 208 -10.05 -37.26 -19.77
CA VAL C 208 -9.58 -38.34 -20.63
C VAL C 208 -8.13 -38.66 -20.29
N PRO C 209 -7.83 -39.94 -20.03
CA PRO C 209 -6.46 -40.42 -19.82
C PRO C 209 -5.48 -40.09 -20.97
N VAL C 210 -4.59 -39.13 -20.70
CA VAL C 210 -3.46 -38.82 -21.58
C VAL C 210 -2.48 -40.00 -21.66
N VAL C 211 -2.63 -40.85 -22.67
CA VAL C 211 -1.62 -41.85 -22.97
C VAL C 211 -0.44 -41.17 -23.67
N GLY C 212 0.79 -41.61 -23.38
CA GLY C 212 1.99 -41.01 -23.98
C GLY C 212 3.27 -41.20 -23.20
N ALA C 213 4.40 -41.27 -23.92
CA ALA C 213 5.71 -41.50 -23.33
C ALA C 213 6.24 -40.29 -22.58
N ARG C 214 6.88 -40.52 -21.43
CA ARG C 214 7.50 -39.43 -20.65
C ARG C 214 8.63 -39.92 -19.75
N PRO C 215 9.42 -39.00 -19.19
CA PRO C 215 10.51 -39.38 -18.28
C PRO C 215 10.00 -40.11 -17.04
N GLN C 216 10.84 -40.92 -16.44
CA GLN C 216 10.49 -41.63 -15.22
C GLN C 216 10.82 -40.78 -13.99
N VAL C 217 9.82 -40.52 -13.17
CA VAL C 217 10.00 -39.88 -11.88
C VAL C 217 9.71 -40.92 -10.81
N ASN C 218 10.69 -41.19 -9.95
CA ASN C 218 10.63 -42.33 -9.04
C ASN C 218 10.36 -43.64 -9.80
N GLY C 219 10.97 -43.77 -10.98
CA GLY C 219 10.80 -44.97 -11.79
C GLY C 219 9.41 -45.20 -12.34
N GLN C 220 8.68 -44.13 -12.64
CA GLN C 220 7.34 -44.26 -13.22
C GLN C 220 7.15 -43.31 -14.40
N SER C 221 6.73 -43.88 -15.53
CA SER C 221 6.39 -43.10 -16.72
C SER C 221 4.91 -42.70 -16.68
N GLY C 222 4.09 -43.47 -15.98
CA GLY C 222 2.70 -43.07 -15.76
C GLY C 222 2.59 -41.84 -14.88
N ARG C 223 1.40 -41.27 -14.83
CA ARG C 223 1.13 -40.08 -14.01
C ARG C 223 -0.29 -40.15 -13.45
N ILE C 224 -0.45 -39.75 -12.18
CA ILE C 224 -1.77 -39.58 -11.60
C ILE C 224 -1.95 -38.11 -11.25
N ASP C 225 -2.88 -37.44 -11.92
CA ASP C 225 -3.14 -36.03 -11.67
C ASP C 225 -4.40 -35.85 -10.84
N PHE C 226 -4.33 -34.97 -9.85
CA PHE C 226 -5.42 -34.81 -8.89
C PHE C 226 -6.25 -33.56 -9.13
N HIS C 227 -7.55 -33.72 -8.92
CA HIS C 227 -8.49 -32.62 -8.99
C HIS C 227 -9.29 -32.62 -7.69
N TRP C 228 -9.81 -31.46 -7.32
CA TRP C 228 -10.59 -31.31 -6.10
C TRP C 228 -11.77 -30.40 -6.30
N THR C 229 -12.72 -30.48 -5.38
CA THR C 229 -13.89 -29.59 -5.36
C THR C 229 -14.53 -29.64 -3.97
N LEU C 230 -15.41 -28.69 -3.70
CA LEU C 230 -16.12 -28.64 -2.43
C LEU C 230 -17.56 -29.06 -2.62
N VAL C 231 -17.94 -30.17 -1.99
CA VAL C 231 -19.32 -30.63 -1.97
C VAL C 231 -20.03 -29.91 -0.82
N GLN C 232 -21.21 -29.36 -1.09
CA GLN C 232 -21.96 -28.60 -0.10
C GLN C 232 -22.91 -29.50 0.70
N PRO C 233 -23.28 -29.08 1.93
CA PRO C 233 -24.20 -29.87 2.74
C PRO C 233 -25.48 -30.24 2.00
N GLY C 234 -25.84 -31.51 2.00
CA GLY C 234 -27.00 -31.99 1.27
C GLY C 234 -26.68 -32.42 -0.15
N ASP C 235 -25.88 -31.61 -0.85
CA ASP C 235 -25.54 -31.87 -2.25
C ASP C 235 -24.78 -33.17 -2.45
N ASN C 236 -25.04 -33.82 -3.57
CA ASN C 236 -24.43 -35.10 -3.92
C ASN C 236 -23.58 -34.96 -5.17
N ILE C 237 -22.46 -35.67 -5.21
CA ILE C 237 -21.56 -35.64 -6.36
C ILE C 237 -21.44 -37.06 -6.95
N THR C 238 -21.54 -37.16 -8.28
CA THR C 238 -21.67 -38.44 -8.97
C THR C 238 -20.55 -38.68 -9.98
N PHE C 239 -19.91 -39.85 -9.89
CA PHE C 239 -18.79 -40.22 -10.76
C PHE C 239 -19.19 -41.28 -11.78
N SER C 240 -19.33 -40.89 -13.05
CA SER C 240 -19.51 -41.85 -14.15
C SER C 240 -18.17 -42.09 -14.83
N HIS C 241 -17.78 -43.36 -14.97
CA HIS C 241 -16.46 -43.68 -15.52
C HIS C 241 -16.36 -45.13 -15.99
N ASN C 242 -15.52 -45.35 -17.00
CA ASN C 242 -15.21 -46.70 -17.48
C ASN C 242 -13.70 -46.93 -17.53
N GLY C 243 -13.01 -46.61 -16.44
CA GLY C 243 -11.60 -46.91 -16.27
C GLY C 243 -10.71 -45.70 -16.37
N GLY C 244 -9.76 -45.57 -15.44
CA GLY C 244 -8.82 -44.45 -15.43
C GLY C 244 -9.01 -43.51 -14.26
N LEU C 245 -10.15 -43.65 -13.58
CA LEU C 245 -10.42 -42.88 -12.38
C LEU C 245 -9.63 -43.44 -11.21
N ILE C 246 -9.07 -42.55 -10.40
CA ILE C 246 -8.51 -42.90 -9.09
C ILE C 246 -9.51 -42.41 -8.05
N ALA C 247 -10.44 -43.29 -7.67
CA ALA C 247 -11.57 -42.90 -6.83
C ALA C 247 -11.18 -42.72 -5.36
N PRO C 248 -11.95 -41.89 -4.63
CA PRO C 248 -11.72 -41.69 -3.20
C PRO C 248 -12.44 -42.70 -2.30
N SER C 249 -11.72 -43.21 -1.30
CA SER C 249 -12.34 -43.96 -0.21
C SER C 249 -12.82 -43.00 0.89
N ARG C 250 -12.16 -41.85 1.02
CA ARG C 250 -12.55 -40.88 2.03
C ARG C 250 -12.44 -39.44 1.53
N VAL C 251 -13.38 -38.62 2.00
CA VAL C 251 -13.33 -37.17 1.79
C VAL C 251 -12.79 -36.50 3.06
N SER C 252 -12.52 -35.20 2.95
CA SER C 252 -11.90 -34.44 4.04
C SER C 252 -12.85 -33.34 4.50
N LYS C 253 -12.70 -32.92 5.76
CA LYS C 253 -13.45 -31.81 6.30
C LYS C 253 -12.50 -30.94 7.13
N LEU C 254 -12.40 -29.67 6.77
CA LEU C 254 -11.48 -28.74 7.43
C LEU C 254 -12.14 -28.12 8.66
N ILE C 255 -11.41 -28.14 9.77
CA ILE C 255 -11.93 -27.73 11.06
C ILE C 255 -11.21 -26.47 11.52
N GLY C 256 -11.97 -25.39 11.69
CA GLY C 256 -11.47 -24.17 12.32
C GLY C 256 -10.26 -23.53 11.66
N ARG C 257 -9.81 -22.43 12.23
CA ARG C 257 -8.71 -21.66 11.68
C ARG C 257 -7.39 -22.03 12.35
N GLY C 258 -6.29 -21.83 11.63
CA GLY C 258 -4.96 -22.01 12.21
C GLY C 258 -3.92 -21.20 11.44
N LEU C 259 -2.75 -21.03 12.05
CA LEU C 259 -1.65 -20.32 11.40
C LEU C 259 -0.75 -21.30 10.66
N GLY C 260 -0.36 -20.94 9.44
CA GLY C 260 0.52 -21.76 8.61
C GLY C 260 1.91 -21.14 8.49
N ILE C 261 2.93 -21.90 8.87
CA ILE C 261 4.31 -21.43 8.81
C ILE C 261 5.13 -22.31 7.89
N GLN C 262 5.84 -21.71 6.94
CA GLN C 262 6.82 -22.42 6.13
C GLN C 262 8.21 -22.06 6.62
N SER C 263 8.85 -23.01 7.30
CA SER C 263 10.21 -22.80 7.85
C SER C 263 10.87 -24.12 8.19
N ASP C 264 12.18 -24.19 8.03
CA ASP C 264 12.95 -25.38 8.42
C ASP C 264 13.69 -25.20 9.73
N ALA C 265 13.29 -24.21 10.52
CA ALA C 265 13.92 -23.95 11.82
C ALA C 265 13.40 -24.94 12.85
N PRO C 266 14.24 -25.30 13.84
CA PRO C 266 13.84 -26.30 14.83
C PRO C 266 12.83 -25.75 15.83
N ILE C 267 11.87 -26.59 16.22
CA ILE C 267 10.85 -26.21 17.19
C ILE C 267 11.44 -26.05 18.59
N ASP C 268 10.95 -25.05 19.31
CA ASP C 268 11.32 -24.81 20.72
C ASP C 268 10.05 -24.55 21.52
N ASN C 269 9.73 -25.46 22.43
CA ASN C 269 8.50 -25.36 23.23
C ASN C 269 8.63 -24.51 24.50
N ASN C 270 9.75 -23.81 24.66
CA ASN C 270 9.97 -23.01 25.87
C ASN C 270 9.69 -21.52 25.67
N CYS C 271 10.00 -20.97 24.50
CA CYS C 271 9.66 -19.59 24.18
C CYS C 271 8.33 -19.52 23.44
N GLU C 272 7.66 -18.38 23.53
CA GLU C 272 6.41 -18.15 22.80
C GLU C 272 6.58 -16.98 21.86
N SER C 273 5.71 -16.91 20.86
CA SER C 273 5.87 -15.95 19.76
C SER C 273 4.59 -15.81 18.97
N LYS C 274 4.45 -14.64 18.34
CA LYS C 274 3.31 -14.37 17.47
C LYS C 274 3.72 -14.01 16.05
N CYS C 275 5.02 -13.94 15.79
CA CYS C 275 5.53 -13.61 14.45
C CYS C 275 6.63 -14.60 14.05
N PHE C 276 6.55 -15.08 12.80
CA PHE C 276 7.48 -16.08 12.31
C PHE C 276 7.87 -15.81 10.86
N TRP C 277 9.02 -16.33 10.47
CA TRP C 277 9.49 -16.30 9.09
C TRP C 277 10.29 -17.57 8.77
N ARG C 278 10.69 -17.72 7.52
CA ARG C 278 11.47 -18.88 7.07
C ARG C 278 12.61 -19.26 8.01
N GLY C 279 13.27 -18.25 8.58
CA GLY C 279 14.45 -18.45 9.43
C GLY C 279 14.20 -18.55 10.92
N GLY C 280 12.95 -18.39 11.35
CA GLY C 280 12.60 -18.60 12.75
C GLY C 280 11.52 -17.68 13.28
N SER C 281 11.71 -17.22 14.51
CA SER C 281 10.72 -16.40 15.20
C SER C 281 11.22 -14.97 15.43
N ILE C 282 10.27 -14.07 15.64
CA ILE C 282 10.57 -12.67 15.95
C ILE C 282 9.77 -12.28 17.19
N ASN C 283 10.47 -12.15 18.33
CA ASN C 283 9.88 -11.68 19.59
C ASN C 283 10.40 -10.30 19.91
N THR C 284 9.55 -9.29 19.81
CA THR C 284 9.98 -7.91 19.97
C THR C 284 8.77 -7.00 20.19
N ARG C 285 8.93 -6.00 21.05
CA ARG C 285 7.92 -4.96 21.20
C ARG C 285 8.14 -3.82 20.18
N LEU C 286 9.25 -3.89 19.44
CA LEU C 286 9.57 -2.84 18.47
C LEU C 286 8.61 -2.85 17.28
N PRO C 287 8.35 -1.65 16.72
CA PRO C 287 7.35 -1.55 15.65
C PRO C 287 7.88 -1.93 14.27
N PHE C 288 9.19 -1.98 14.12
CA PHE C 288 9.84 -2.26 12.83
C PHE C 288 10.82 -3.41 12.94
N GLN C 289 11.31 -3.86 11.78
CA GLN C 289 12.00 -5.14 11.66
C GLN C 289 12.68 -5.21 10.30
N ASN C 290 13.89 -5.75 10.23
CA ASN C 290 14.58 -5.88 8.95
C ASN C 290 15.24 -7.24 8.73
N LEU C 291 14.54 -8.29 9.14
CA LEU C 291 14.97 -9.66 8.91
C LEU C 291 14.46 -10.17 7.58
N SER C 292 13.19 -9.89 7.28
CA SER C 292 12.56 -10.36 6.04
C SER C 292 11.22 -9.67 5.75
N PRO C 293 10.91 -9.49 4.45
CA PRO C 293 9.59 -9.02 4.03
C PRO C 293 8.52 -10.13 4.01
N ARG C 294 8.92 -11.38 4.02
CA ARG C 294 7.96 -12.48 4.07
C ARG C 294 7.87 -12.93 5.53
N THR C 295 6.75 -12.61 6.18
CA THR C 295 6.47 -13.09 7.53
C THR C 295 4.99 -13.43 7.64
N VAL C 296 4.64 -14.09 8.75
CA VAL C 296 3.27 -14.48 9.05
C VAL C 296 3.02 -14.29 10.54
N GLY C 297 1.76 -14.00 10.90
CA GLY C 297 1.39 -13.68 12.27
C GLY C 297 1.29 -12.18 12.52
N GLN C 298 1.30 -11.79 13.79
CA GLN C 298 1.24 -10.39 14.18
C GLN C 298 2.66 -9.85 14.28
N CYS C 299 3.12 -9.19 13.21
CA CYS C 299 4.53 -8.82 13.08
C CYS C 299 4.79 -7.32 13.07
N PRO C 300 6.02 -6.92 13.41
CA PRO C 300 6.43 -5.56 13.11
C PRO C 300 6.60 -5.44 11.61
N LYS C 301 6.38 -4.24 11.09
CA LYS C 301 6.44 -4.02 9.65
C LYS C 301 7.89 -4.06 9.17
N TYR C 302 8.07 -4.54 7.95
CA TYR C 302 9.40 -4.67 7.41
C TYR C 302 9.85 -3.33 6.86
N VAL C 303 11.06 -2.91 7.20
CA VAL C 303 11.65 -1.72 6.62
C VAL C 303 13.01 -2.04 6.06
N ASN C 304 13.41 -1.30 5.04
CA ASN C 304 14.64 -1.53 4.33
C ASN C 304 15.79 -0.77 4.99
N LYS C 305 16.00 -1.05 6.27
CA LYS C 305 16.86 -0.20 7.10
C LYS C 305 17.59 -1.01 8.16
N LYS C 306 18.86 -0.71 8.34
CA LYS C 306 19.71 -1.39 9.30
C LYS C 306 19.37 -0.95 10.74
N SER C 307 19.49 0.35 11.00
CA SER C 307 19.26 0.93 12.33
C SER C 307 18.52 2.26 12.26
N LEU C 308 17.60 2.49 13.19
CA LEU C 308 17.00 3.82 13.36
C LEU C 308 16.89 4.18 14.84
N MET C 309 17.92 4.87 15.32
CA MET C 309 18.00 5.22 16.75
C MET C 309 17.03 6.35 17.07
N LEU C 310 16.17 6.12 18.06
CA LEU C 310 15.27 7.14 18.59
C LEU C 310 15.95 7.81 19.79
N ALA C 311 15.99 9.13 19.80
CA ALA C 311 16.61 9.88 20.89
C ALA C 311 15.77 9.78 22.17
N THR C 312 16.42 9.43 23.27
CA THR C 312 15.76 9.36 24.59
C THR C 312 16.39 10.34 25.56
N GLY C 313 17.05 11.37 25.03
CA GLY C 313 17.71 12.38 25.84
C GLY C 313 18.03 13.65 25.08
N MET C 314 18.47 14.67 25.81
CA MET C 314 18.83 15.98 25.24
C MET C 314 20.13 15.93 24.43
N ARG C 315 20.39 16.99 23.68
CA ARG C 315 21.70 17.19 23.04
C ARG C 315 22.83 16.99 24.05
N ASN C 316 23.85 16.24 23.64
CA ASN C 316 25.01 16.03 24.48
C ASN C 316 26.06 17.08 24.17
N VAL C 317 26.34 17.95 25.14
CA VAL C 317 27.29 19.04 24.96
C VAL C 317 28.44 18.84 25.96
N PRO C 318 29.40 17.96 25.61
CA PRO C 318 30.43 17.53 26.57
C PRO C 318 31.38 18.64 26.97
N GLU C 319 32.24 18.35 27.95
CA GLU C 319 33.07 19.37 28.57
C GLU C 319 34.43 19.48 27.91
N GLY D 1 19.93 25.82 19.40
CA GLY D 1 18.60 25.21 19.08
C GLY D 1 17.44 26.15 19.31
N LEU D 2 16.22 25.63 19.14
CA LEU D 2 15.00 26.43 19.16
C LEU D 2 14.93 27.43 20.29
N PHE D 3 15.12 26.97 21.52
CA PHE D 3 14.90 27.79 22.69
C PHE D 3 16.17 28.46 23.23
N GLY D 4 17.31 28.23 22.58
CA GLY D 4 18.51 29.02 22.82
C GLY D 4 19.35 28.67 24.04
N ALA D 5 18.89 27.72 24.84
CA ALA D 5 19.60 27.36 26.09
C ALA D 5 20.62 26.23 25.89
N ILE D 6 20.14 24.99 25.75
CA ILE D 6 21.01 23.81 25.62
C ILE D 6 21.76 23.87 24.30
N ALA D 7 23.08 23.86 24.36
CA ALA D 7 23.93 24.14 23.20
C ALA D 7 23.66 25.55 22.71
N GLY D 8 23.44 26.46 23.66
CA GLY D 8 23.15 27.86 23.39
C GLY D 8 23.89 28.73 24.37
N PHE D 9 23.16 29.57 25.13
CA PHE D 9 23.83 30.50 26.06
C PHE D 9 24.50 29.77 27.23
N ILE D 10 23.95 28.62 27.63
CA ILE D 10 24.69 27.68 28.49
C ILE D 10 25.76 27.01 27.64
N GLU D 11 27.01 27.25 27.99
CA GLU D 11 28.14 26.84 27.14
C GLU D 11 28.23 25.33 26.96
N ASN D 12 28.12 24.58 28.05
CA ASN D 12 28.15 23.13 27.97
C ASN D 12 27.45 22.45 29.13
N GLY D 13 27.34 21.12 29.06
CA GLY D 13 26.66 20.34 30.07
C GLY D 13 27.58 19.88 31.18
N TRP D 14 26.98 19.32 32.22
CA TRP D 14 27.72 18.89 33.40
C TRP D 14 27.78 17.36 33.50
N GLU D 15 28.95 16.79 33.24
CA GLU D 15 29.15 15.34 33.37
C GLU D 15 29.17 14.86 34.82
N GLY D 16 29.49 15.76 35.75
CA GLY D 16 29.46 15.46 37.17
C GLY D 16 28.07 15.39 37.79
N MET D 17 27.04 15.84 37.07
CA MET D 17 25.65 15.75 37.54
C MET D 17 25.00 14.43 37.10
N VAL D 18 24.84 13.52 38.06
CA VAL D 18 24.36 12.16 37.78
C VAL D 18 22.97 11.83 38.37
N ASP D 19 22.40 12.73 39.16
CA ASP D 19 21.11 12.48 39.82
C ASP D 19 19.96 13.30 39.22
N GLY D 20 20.17 13.87 38.04
CA GLY D 20 19.13 14.62 37.35
C GLY D 20 19.54 15.16 36.00
N TRP D 21 18.56 15.59 35.23
CA TRP D 21 18.78 16.15 33.89
C TRP D 21 19.11 17.64 33.93
N TYR D 22 18.45 18.36 34.84
CA TYR D 22 18.67 19.78 35.05
C TYR D 22 18.94 20.06 36.52
N GLY D 23 19.76 21.08 36.79
CA GLY D 23 20.03 21.48 38.17
C GLY D 23 20.82 22.76 38.35
N PHE D 24 21.31 22.94 39.58
CA PHE D 24 21.96 24.18 40.02
C PHE D 24 23.38 23.94 40.49
N ARG D 25 24.23 24.95 40.32
CA ARG D 25 25.54 25.00 40.97
C ARG D 25 25.70 26.40 41.52
N HIS D 26 25.90 26.50 42.83
CA HIS D 26 25.99 27.80 43.49
C HIS D 26 27.34 28.05 44.15
N GLN D 27 27.53 29.30 44.57
CA GLN D 27 28.81 29.77 45.07
C GLN D 27 28.56 30.93 46.02
N ASN D 28 29.04 30.81 47.26
CA ASN D 28 28.85 31.86 48.27
C ASN D 28 29.97 31.85 49.32
N ALA D 29 29.80 32.61 50.40
CA ALA D 29 30.79 32.70 51.46
C ALA D 29 31.26 31.33 51.95
N GLN D 30 30.29 30.47 52.28
CA GLN D 30 30.59 29.11 52.76
C GLN D 30 31.46 28.30 51.80
N GLY D 31 31.11 28.40 50.52
CA GLY D 31 31.73 27.61 49.48
C GLY D 31 30.67 27.21 48.47
N THR D 32 31.00 26.21 47.66
CA THR D 32 30.16 25.78 46.56
C THR D 32 29.15 24.71 46.95
N GLY D 33 28.19 24.50 46.05
CA GLY D 33 27.23 23.41 46.17
C GLY D 33 26.75 22.96 44.79
N GLN D 34 25.89 21.95 44.78
CA GLN D 34 25.26 21.46 43.55
C GLN D 34 24.00 20.67 43.87
N ALA D 35 22.94 20.86 43.10
CA ALA D 35 21.68 20.16 43.34
C ALA D 35 20.84 20.02 42.07
N ALA D 36 20.19 18.86 41.93
CA ALA D 36 19.38 18.57 40.76
C ALA D 36 17.95 19.03 40.99
N ASP D 37 17.35 19.61 39.96
CA ASP D 37 15.95 20.03 40.03
C ASP D 37 15.05 18.86 39.65
N TYR D 38 14.08 18.56 40.50
CA TYR D 38 13.24 17.39 40.32
C TYR D 38 12.17 17.59 39.25
N LYS D 39 11.40 18.68 39.37
CA LYS D 39 10.25 18.91 38.50
C LYS D 39 10.63 19.01 37.02
N SER D 40 11.67 19.80 36.74
CA SER D 40 12.13 19.97 35.36
C SER D 40 12.62 18.64 34.79
N THR D 41 13.36 17.90 35.61
CA THR D 41 13.89 16.57 35.21
C THR D 41 12.76 15.59 34.91
N GLN D 42 11.71 15.60 35.73
CA GLN D 42 10.57 14.71 35.53
C GLN D 42 9.73 15.07 34.31
N ALA D 43 9.50 16.37 34.10
CA ALA D 43 8.79 16.83 32.92
C ALA D 43 9.40 16.21 31.67
N ALA D 44 10.73 16.28 31.57
CA ALA D 44 11.43 15.77 30.40
C ALA D 44 11.32 14.25 30.31
N ILE D 45 11.58 13.57 31.43
CA ILE D 45 11.52 12.11 31.47
C ILE D 45 10.11 11.58 31.19
N ASP D 46 9.09 12.14 31.83
CA ASP D 46 7.71 11.70 31.61
C ASP D 46 7.30 11.80 30.13
N GLN D 47 7.72 12.88 29.48
CA GLN D 47 7.40 13.12 28.06
C GLN D 47 8.11 12.13 27.13
N ILE D 48 9.33 11.75 27.47
CA ILE D 48 10.08 10.74 26.73
C ILE D 48 9.40 9.39 26.90
N THR D 49 9.01 9.10 28.13
CA THR D 49 8.33 7.86 28.47
C THR D 49 7.03 7.70 27.67
N GLY D 50 6.34 8.81 27.42
CA GLY D 50 5.11 8.82 26.63
C GLY D 50 5.36 8.53 25.15
N LYS D 51 6.51 8.97 24.65
CA LYS D 51 6.94 8.64 23.29
C LYS D 51 7.23 7.16 23.16
N LEU D 52 7.91 6.60 24.16
CA LEU D 52 8.23 5.18 24.17
C LEU D 52 6.95 4.32 24.27
N ASN D 53 6.00 4.76 25.08
CA ASN D 53 4.71 4.07 25.19
C ASN D 53 3.95 3.99 23.87
N ARG D 54 4.02 5.04 23.06
CA ARG D 54 3.40 5.06 21.74
C ARG D 54 4.18 4.19 20.75
N LEU D 55 5.50 4.14 20.91
CA LEU D 55 6.38 3.31 20.09
C LEU D 55 6.05 1.82 20.13
N ILE D 56 5.71 1.31 21.31
CA ILE D 56 5.58 -0.14 21.52
C ILE D 56 4.14 -0.63 21.69
N GLU D 57 3.16 0.18 21.30
CA GLU D 57 1.76 -0.27 21.26
C GLU D 57 1.58 -1.16 20.03
N LYS D 58 1.12 -2.40 20.25
CA LYS D 58 1.02 -3.41 19.19
C LYS D 58 -0.34 -3.38 18.49
N THR D 59 -0.35 -3.72 17.20
CA THR D 59 -1.60 -3.90 16.45
C THR D 59 -1.83 -5.38 16.21
N ASN D 60 -3.05 -5.82 16.51
CA ASN D 60 -3.41 -7.24 16.40
C ASN D 60 -3.71 -7.68 14.97
N THR D 61 -3.02 -7.09 13.98
CA THR D 61 -3.27 -7.43 12.60
C THR D 61 -2.57 -8.75 12.28
N GLU D 62 -3.35 -9.83 12.31
CA GLU D 62 -2.85 -11.15 11.97
C GLU D 62 -2.76 -11.27 10.45
N PHE D 63 -1.54 -11.42 9.94
CA PHE D 63 -1.33 -11.63 8.49
C PHE D 63 -1.04 -13.09 8.19
N GLU D 64 -1.51 -13.54 7.03
CA GLU D 64 -1.22 -14.89 6.55
C GLU D 64 -0.21 -14.83 5.43
N SER D 65 0.22 -15.99 4.96
CA SER D 65 1.12 -16.09 3.84
C SER D 65 0.37 -15.93 2.53
N ILE D 66 0.99 -15.23 1.57
CA ILE D 66 0.54 -15.21 0.19
C ILE D 66 1.65 -15.59 -0.81
N GLU D 67 2.84 -15.92 -0.29
CA GLU D 67 3.94 -16.42 -1.11
C GLU D 67 4.46 -17.70 -0.47
N SER D 68 4.48 -18.80 -1.23
CA SER D 68 5.10 -20.03 -0.78
C SER D 68 6.63 -19.93 -0.84
N GLU D 69 7.28 -20.45 0.19
CA GLU D 69 8.73 -20.45 0.29
C GLU D 69 9.35 -21.63 -0.46
N PHE D 70 8.58 -22.70 -0.64
CA PHE D 70 9.13 -23.97 -1.13
C PHE D 70 8.62 -24.39 -2.51
N SER D 71 7.45 -23.90 -2.93
CA SER D 71 6.96 -24.14 -4.28
C SER D 71 7.03 -22.86 -5.10
N GLU D 72 6.83 -22.99 -6.40
CA GLU D 72 6.97 -21.88 -7.34
C GLU D 72 5.64 -21.13 -7.50
N ILE D 73 5.73 -19.83 -7.76
CA ILE D 73 4.55 -18.98 -7.92
C ILE D 73 4.32 -18.68 -9.40
N GLU D 74 3.05 -18.68 -9.81
CA GLU D 74 2.68 -18.29 -11.17
C GLU D 74 3.20 -16.88 -11.44
N HIS D 75 3.72 -16.65 -12.63
CA HIS D 75 4.55 -15.49 -12.89
C HIS D 75 3.82 -14.14 -12.74
N GLN D 76 2.65 -14.03 -13.35
CA GLN D 76 1.91 -12.77 -13.35
C GLN D 76 1.52 -12.36 -11.92
N ILE D 77 0.93 -13.28 -11.17
CA ILE D 77 0.50 -13.00 -9.79
C ILE D 77 1.68 -12.75 -8.85
N GLY D 78 2.79 -13.46 -9.06
CA GLY D 78 4.00 -13.23 -8.29
C GLY D 78 4.61 -11.86 -8.53
N ASN D 79 4.61 -11.42 -9.79
CA ASN D 79 5.09 -10.08 -10.13
C ASN D 79 4.20 -9.01 -9.49
N VAL D 80 2.89 -9.28 -9.43
CA VAL D 80 1.94 -8.39 -8.76
C VAL D 80 2.20 -8.37 -7.25
N ILE D 81 2.35 -9.55 -6.65
CA ILE D 81 2.61 -9.62 -5.23
C ILE D 81 3.93 -8.92 -4.88
N ASN D 82 4.96 -9.15 -5.67
CA ASN D 82 6.23 -8.44 -5.48
C ASN D 82 6.06 -6.93 -5.53
N TRP D 83 5.28 -6.45 -6.51
CA TRP D 83 5.11 -5.02 -6.72
C TRP D 83 4.41 -4.39 -5.54
N THR D 84 3.37 -5.06 -5.05
CA THR D 84 2.63 -4.59 -3.88
C THR D 84 3.53 -4.55 -2.64
N LYS D 85 4.14 -5.68 -2.29
CA LYS D 85 4.99 -5.76 -1.10
C LYS D 85 6.08 -4.68 -1.08
N ASP D 86 6.81 -4.57 -2.18
CA ASP D 86 7.88 -3.58 -2.28
C ASP D 86 7.35 -2.14 -2.12
N SER D 87 6.13 -1.90 -2.58
CA SER D 87 5.48 -0.60 -2.41
C SER D 87 5.15 -0.33 -0.94
N ILE D 88 4.67 -1.36 -0.24
CA ILE D 88 4.37 -1.24 1.18
C ILE D 88 5.64 -1.03 2.00
N THR D 89 6.68 -1.79 1.66
CA THR D 89 7.99 -1.64 2.28
C THR D 89 8.51 -0.22 2.11
N ASP D 90 8.45 0.33 0.90
CA ASP D 90 8.90 1.70 0.65
C ASP D 90 8.15 2.71 1.52
N ILE D 91 6.84 2.50 1.69
CA ILE D 91 6.01 3.37 2.50
C ILE D 91 6.41 3.29 3.97
N TRP D 92 6.57 2.09 4.51
CA TRP D 92 6.95 1.92 5.91
C TRP D 92 8.38 2.38 6.18
N THR D 93 9.30 2.11 5.25
CA THR D 93 10.68 2.59 5.39
C THR D 93 10.71 4.13 5.48
N TYR D 94 9.91 4.78 4.64
CA TYR D 94 9.81 6.22 4.64
C TYR D 94 9.14 6.72 5.91
N GLN D 95 8.05 6.06 6.29
CA GLN D 95 7.32 6.41 7.50
C GLN D 95 8.20 6.32 8.74
N ALA D 96 9.02 5.27 8.82
CA ALA D 96 9.87 5.04 9.98
C ALA D 96 10.95 6.11 10.09
N GLU D 97 11.56 6.46 8.96
CA GLU D 97 12.60 7.48 8.95
C GLU D 97 12.05 8.88 9.30
N LEU D 98 10.80 9.12 8.93
CA LEU D 98 10.16 10.41 9.19
C LEU D 98 9.73 10.51 10.65
N LEU D 99 9.20 9.42 11.20
CA LEU D 99 8.83 9.38 12.61
C LEU D 99 10.04 9.70 13.49
N VAL D 100 11.11 8.93 13.31
CA VAL D 100 12.30 9.05 14.13
C VAL D 100 12.98 10.41 13.99
N ALA D 101 13.06 10.94 12.77
CA ALA D 101 13.65 12.26 12.56
C ALA D 101 12.80 13.37 13.18
N MET D 102 11.48 13.20 13.13
CA MET D 102 10.54 14.20 13.63
C MET D 102 10.49 14.17 15.15
N GLU D 103 10.45 12.98 15.74
CA GLU D 103 10.48 12.83 17.20
C GLU D 103 11.80 13.37 17.75
N ASN D 104 12.92 13.01 17.13
CA ASN D 104 14.24 13.46 17.57
C ASN D 104 14.39 15.00 17.56
N GLN D 105 13.80 15.66 16.57
CA GLN D 105 13.80 17.11 16.53
C GLN D 105 13.05 17.67 17.73
N HIS D 106 11.92 17.06 18.04
CA HIS D 106 11.04 17.55 19.09
C HIS D 106 11.56 17.23 20.49
N THR D 107 12.00 16.00 20.68
CA THR D 107 12.60 15.59 21.97
C THR D 107 13.75 16.52 22.37
N ILE D 108 14.61 16.85 21.41
CA ILE D 108 15.74 17.74 21.66
C ILE D 108 15.27 19.13 22.00
N ASP D 109 14.38 19.68 21.17
CA ASP D 109 13.82 21.01 21.40
C ASP D 109 13.03 21.07 22.72
N MET D 110 12.33 19.99 23.06
CA MET D 110 11.59 19.91 24.32
C MET D 110 12.52 19.96 25.52
N ALA D 111 13.63 19.23 25.41
CA ALA D 111 14.66 19.28 26.42
C ALA D 111 15.19 20.71 26.61
N ASP D 112 15.45 21.39 25.49
CA ASP D 112 15.89 22.79 25.50
C ASP D 112 14.86 23.67 26.22
N SER D 113 13.59 23.42 25.94
CA SER D 113 12.48 24.13 26.55
C SER D 113 12.45 24.08 28.07
N GLU D 114 12.67 22.90 28.64
CA GLU D 114 12.57 22.70 30.08
C GLU D 114 13.73 23.35 30.83
N MET D 115 14.90 23.43 30.18
CA MET D 115 16.04 24.16 30.72
C MET D 115 15.69 25.64 30.79
N LEU D 116 15.19 26.19 29.68
CA LEU D 116 14.79 27.59 29.64
C LEU D 116 13.70 27.88 30.66
N ASN D 117 12.65 27.06 30.69
CA ASN D 117 11.56 27.27 31.64
C ASN D 117 12.02 27.32 33.11
N LEU D 118 13.10 26.62 33.44
CA LEU D 118 13.67 26.64 34.78
C LEU D 118 14.43 27.95 35.05
N TYR D 119 15.30 28.33 34.12
CA TYR D 119 16.02 29.61 34.15
C TYR D 119 15.04 30.79 34.29
N GLU D 120 13.97 30.77 33.51
CA GLU D 120 12.94 31.81 33.57
C GLU D 120 12.22 31.85 34.91
N ARG D 121 12.03 30.68 35.50
CA ARG D 121 11.38 30.58 36.79
C ARG D 121 12.24 31.27 37.85
N VAL D 122 13.54 30.97 37.81
CA VAL D 122 14.51 31.56 38.73
C VAL D 122 14.64 33.07 38.58
N ARG D 123 14.76 33.56 37.34
CA ARG D 123 14.92 34.99 37.10
C ARG D 123 13.80 35.79 37.76
N LYS D 124 12.57 35.35 37.56
CA LYS D 124 11.41 36.02 38.14
C LYS D 124 11.45 36.03 39.67
N GLN D 125 11.79 34.90 40.28
CA GLN D 125 11.97 34.82 41.74
C GLN D 125 12.94 35.89 42.25
N LEU D 126 14.11 35.96 41.63
CA LEU D 126 15.17 36.86 42.08
C LEU D 126 14.82 38.33 41.85
N ARG D 127 13.98 38.61 40.86
CA ARG D 127 13.43 39.96 40.69
C ARG D 127 14.56 41.00 40.53
N GLN D 128 14.66 41.98 41.43
CA GLN D 128 15.68 43.01 41.31
C GLN D 128 16.92 42.73 42.16
N ASN D 129 17.06 41.51 42.65
CA ASN D 129 18.14 41.16 43.57
C ASN D 129 19.36 40.57 42.87
N ALA D 130 19.20 40.15 41.61
CA ALA D 130 20.31 39.57 40.84
C ALA D 130 20.32 40.04 39.39
N GLU D 131 21.45 39.86 38.71
CA GLU D 131 21.60 40.20 37.29
C GLU D 131 22.12 38.99 36.49
N GLU D 132 21.71 38.90 35.23
CA GLU D 132 22.10 37.77 34.36
C GLU D 132 23.48 37.98 33.77
N ASP D 133 24.30 36.93 33.77
CA ASP D 133 25.69 37.02 33.30
C ASP D 133 25.86 36.58 31.84
N GLY D 134 24.78 36.13 31.21
CA GLY D 134 24.80 35.72 29.81
C GLY D 134 25.20 34.27 29.56
N LYS D 135 25.62 33.59 30.62
CA LYS D 135 26.14 32.22 30.52
C LYS D 135 25.28 31.24 31.32
N GLY D 136 24.11 31.66 31.76
CA GLY D 136 23.19 30.79 32.47
C GLY D 136 23.16 31.02 33.97
N CYS D 137 24.10 31.79 34.49
CA CYS D 137 24.13 32.09 35.91
C CYS D 137 23.47 33.43 36.24
N PHE D 138 23.20 33.62 37.53
CA PHE D 138 22.69 34.87 38.08
C PHE D 138 23.65 35.37 39.15
N GLU D 139 24.29 36.51 38.88
CA GLU D 139 25.11 37.17 39.90
C GLU D 139 24.19 37.85 40.90
N ILE D 140 24.29 37.44 42.17
CA ILE D 140 23.40 37.88 43.24
C ILE D 140 24.08 38.96 44.06
N TYR D 141 23.35 40.03 44.37
CA TYR D 141 23.94 41.23 44.97
C TYR D 141 23.70 41.35 46.48
N HIS D 142 23.76 40.21 47.17
CA HIS D 142 23.53 40.14 48.60
C HIS D 142 23.98 38.79 49.16
N ALA D 143 24.28 38.77 50.46
CA ALA D 143 24.66 37.54 51.15
C ALA D 143 23.54 36.51 51.06
N CYS D 144 23.82 35.41 50.38
CA CYS D 144 22.85 34.34 50.15
C CYS D 144 23.49 33.00 50.52
N ASP D 145 23.33 32.63 51.79
CA ASP D 145 23.91 31.40 52.35
C ASP D 145 23.16 30.17 51.84
N ASP D 146 23.66 28.98 52.20
CA ASP D 146 23.10 27.72 51.71
C ASP D 146 21.60 27.61 52.00
N SER D 147 21.16 28.22 53.09
CA SER D 147 19.74 28.29 53.41
C SER D 147 18.98 29.12 52.37
N CYS D 148 19.56 30.26 52.02
CA CYS D 148 19.02 31.16 50.99
C CYS D 148 19.04 30.49 49.60
N MET D 149 20.14 29.83 49.27
CA MET D 149 20.26 29.08 48.02
C MET D 149 19.21 27.98 47.92
N GLU D 150 19.00 27.27 49.03
CA GLU D 150 18.00 26.21 49.07
C GLU D 150 16.59 26.77 48.85
N SER D 151 16.32 27.97 49.36
CA SER D 151 15.01 28.60 49.18
C SER D 151 14.76 29.04 47.72
N ILE D 152 15.83 29.36 47.00
CA ILE D 152 15.71 29.65 45.57
C ILE D 152 15.32 28.37 44.85
N ARG D 153 16.05 27.30 45.13
CA ARG D 153 15.75 26.00 44.55
C ARG D 153 14.38 25.48 44.99
N ASN D 154 14.08 25.56 46.29
CA ASN D 154 12.77 25.14 46.81
C ASN D 154 11.61 26.00 46.33
N ASN D 155 11.90 27.12 45.67
CA ASN D 155 10.90 28.10 45.25
C ASN D 155 10.16 28.71 46.46
N THR D 156 10.92 29.10 47.48
CA THR D 156 10.37 29.79 48.65
C THR D 156 11.10 31.10 48.97
N TYR D 157 11.88 31.60 48.02
CA TYR D 157 12.72 32.78 48.21
C TYR D 157 11.88 34.04 48.11
N ASP D 158 11.85 34.83 49.18
CA ASP D 158 11.13 36.10 49.21
C ASP D 158 12.08 37.26 48.89
N HIS D 159 11.93 37.83 47.69
CA HIS D 159 12.79 38.91 47.21
C HIS D 159 12.78 40.16 48.13
N SER D 160 11.70 40.35 48.89
CA SER D 160 11.58 41.49 49.83
C SER D 160 12.75 41.63 50.80
N GLN D 161 13.15 40.50 51.41
CA GLN D 161 14.15 40.49 52.48
C GLN D 161 15.50 41.09 52.07
N TYR D 162 15.91 40.86 50.83
CA TYR D 162 17.24 41.29 50.37
C TYR D 162 17.20 42.48 49.40
N ARG D 163 16.00 42.98 49.09
CA ARG D 163 15.83 44.00 48.06
C ARG D 163 16.69 45.23 48.35
N GLU D 164 16.65 45.71 49.58
CA GLU D 164 17.37 46.92 50.01
C GLU D 164 18.88 46.71 49.90
N GLU D 165 19.37 45.65 50.52
CA GLU D 165 20.78 45.29 50.43
C GLU D 165 21.20 45.17 48.96
N ALA D 166 20.51 44.31 48.22
CA ALA D 166 20.83 44.12 46.80
C ALA D 166 20.85 45.43 46.02
N LEU D 167 19.74 46.17 46.06
CA LEU D 167 19.63 47.43 45.33
C LEU D 167 20.78 48.39 45.64
N LEU D 168 21.17 48.48 46.91
CA LEU D 168 22.30 49.32 47.30
C LEU D 168 23.59 48.84 46.62
N ASN D 169 23.82 47.53 46.66
CA ASN D 169 25.01 46.95 46.03
C ASN D 169 25.05 47.08 44.51
N ARG D 170 23.88 47.04 43.87
CA ARG D 170 23.79 47.15 42.41
C ARG D 170 24.10 48.55 41.87
N LEU D 171 23.63 49.56 42.60
CA LEU D 171 23.84 50.96 42.22
C LEU D 171 25.13 51.51 42.83
N ASN D 172 25.78 50.73 43.69
CA ASN D 172 27.07 51.08 44.28
C ASN D 172 26.93 52.28 45.23
N ILE D 173 26.53 51.99 46.47
CA ILE D 173 26.31 53.01 47.49
C ILE D 173 26.84 52.51 48.84
N LEU E 1 19.73 60.09 21.97
CA LEU E 1 20.08 58.84 22.70
C LEU E 1 20.35 57.71 21.70
N ASP E 2 21.63 57.40 21.50
CA ASP E 2 22.03 56.46 20.44
C ASP E 2 21.61 55.00 20.73
N LYS E 3 21.46 54.25 19.64
CA LYS E 3 20.54 53.12 19.60
C LYS E 3 21.02 52.00 18.69
N ILE E 4 20.70 50.75 19.04
CA ILE E 4 21.00 49.60 18.19
C ILE E 4 19.73 48.78 17.96
N CYS E 5 19.60 48.26 16.75
CA CYS E 5 18.36 47.63 16.32
C CYS E 5 18.59 46.29 15.63
N LEU E 6 17.66 45.36 15.82
CA LEU E 6 17.78 44.01 15.32
C LEU E 6 16.70 43.72 14.30
N GLY E 7 17.09 43.10 13.21
CA GLY E 7 16.14 42.78 12.15
C GLY E 7 16.52 41.57 11.34
N HIS E 8 15.66 41.29 10.36
CA HIS E 8 15.82 40.16 9.46
C HIS E 8 15.59 40.65 8.04
N HIS E 9 16.15 39.96 7.06
CA HIS E 9 16.01 40.41 5.68
C HIS E 9 14.61 40.12 5.10
N ALA E 10 14.36 40.65 3.92
CA ALA E 10 13.09 40.46 3.23
C ALA E 10 13.26 40.65 1.72
N VAL E 11 12.19 40.40 0.97
CA VAL E 11 12.19 40.59 -0.48
C VAL E 11 10.91 41.28 -0.92
N ALA E 12 10.96 41.86 -2.12
CA ALA E 12 9.80 42.57 -2.71
C ALA E 12 8.54 41.72 -2.59
N ASN E 13 8.51 40.59 -3.30
CA ASN E 13 7.53 39.55 -3.03
C ASN E 13 8.14 38.19 -3.29
N GLY E 14 8.05 37.32 -2.28
CA GLY E 14 8.61 35.98 -2.39
C GLY E 14 7.58 35.03 -2.94
N THR E 15 7.71 33.75 -2.58
CA THR E 15 6.79 32.72 -3.03
C THR E 15 5.77 32.41 -1.93
N ILE E 16 4.70 31.73 -2.34
CA ILE E 16 3.66 31.30 -1.41
C ILE E 16 3.74 29.78 -1.20
N VAL E 17 3.54 29.36 0.05
CA VAL E 17 3.63 27.95 0.43
C VAL E 17 2.47 27.61 1.36
N LYS E 18 2.28 26.32 1.61
CA LYS E 18 1.26 25.87 2.56
C LYS E 18 1.90 25.44 3.88
N THR E 19 1.15 25.59 4.96
CA THR E 19 1.55 25.09 6.27
C THR E 19 0.38 24.35 6.89
N LEU E 20 0.60 23.86 8.11
CA LEU E 20 -0.46 23.22 8.89
C LEU E 20 -1.60 24.19 9.20
N THR E 21 -1.28 25.48 9.36
CA THR E 21 -2.27 26.46 9.76
C THR E 21 -2.71 27.43 8.66
N ASN E 22 -1.89 27.59 7.62
CA ASN E 22 -2.14 28.62 6.62
C ASN E 22 -2.04 28.10 5.18
N GLU E 23 -3.11 28.28 4.42
CA GLU E 23 -3.16 27.95 3.00
C GLU E 23 -2.20 28.81 2.17
N GLN E 24 -2.21 30.11 2.47
CA GLN E 24 -1.48 31.12 1.69
C GLN E 24 -0.50 31.80 2.63
N GLU E 25 0.71 31.26 2.73
CA GLU E 25 1.75 31.82 3.61
C GLU E 25 2.92 32.29 2.76
N GLU E 26 3.28 33.56 2.88
CA GLU E 26 4.35 34.13 2.06
C GLU E 26 5.70 33.95 2.72
N VAL E 27 6.65 33.36 1.99
CA VAL E 27 8.01 33.19 2.47
C VAL E 27 8.99 33.82 1.50
N THR E 28 10.22 34.04 1.96
CA THR E 28 11.21 34.75 1.14
C THR E 28 11.66 33.90 -0.04
N ASN E 29 11.72 32.58 0.15
CA ASN E 29 12.15 31.66 -0.90
C ASN E 29 11.56 30.28 -0.66
N ALA E 30 11.52 29.48 -1.73
CA ALA E 30 10.98 28.12 -1.69
C ALA E 30 11.53 27.30 -2.84
N THR E 31 11.13 26.04 -2.92
CA THR E 31 11.54 25.16 -4.01
C THR E 31 10.55 24.02 -4.20
N GLU E 32 10.50 23.48 -5.41
CA GLU E 32 9.52 22.47 -5.77
C GLU E 32 9.95 21.06 -5.34
N THR E 33 8.97 20.27 -4.89
CA THR E 33 9.19 18.86 -4.51
C THR E 33 8.58 17.83 -5.50
N VAL E 34 7.65 18.26 -6.35
CA VAL E 34 6.98 17.39 -7.31
C VAL E 34 7.51 17.66 -8.72
N GLU E 35 8.02 16.61 -9.38
CA GLU E 35 8.56 16.76 -10.73
C GLU E 35 7.44 16.76 -11.78
N SER E 36 7.44 17.80 -12.62
CA SER E 36 6.43 18.02 -13.66
C SER E 36 6.96 17.76 -15.07
N THR E 37 8.25 17.92 -15.26
CA THR E 37 8.90 17.78 -16.55
C THR E 37 9.33 16.33 -16.81
N SER E 38 9.29 15.95 -18.08
CA SER E 38 9.83 14.67 -18.53
C SER E 38 10.52 14.86 -19.87
N LEU E 39 11.57 14.07 -20.13
CA LEU E 39 12.16 14.05 -21.45
C LEU E 39 11.38 13.09 -22.32
N ASP E 40 10.91 13.57 -23.46
CA ASP E 40 10.20 12.70 -24.41
C ASP E 40 11.19 11.89 -25.26
N ARG E 41 12.14 11.24 -24.58
CA ARG E 41 13.16 10.40 -25.18
C ARG E 41 13.30 9.17 -24.31
N LEU E 42 14.10 8.21 -24.76
CA LEU E 42 14.53 7.10 -23.91
C LEU E 42 16.04 7.22 -23.72
N CYS E 43 16.42 7.71 -22.56
CA CYS E 43 17.82 7.95 -22.23
C CYS E 43 18.53 6.62 -21.97
N MET E 44 19.44 6.26 -22.88
CA MET E 44 20.04 4.93 -22.89
C MET E 44 21.56 4.96 -22.73
N LYS E 45 22.11 6.10 -22.30
CA LYS E 45 23.54 6.19 -22.05
C LYS E 45 23.89 5.26 -20.90
N GLY E 46 25.03 4.59 -21.01
CA GLY E 46 25.47 3.64 -20.00
C GLY E 46 24.63 2.38 -19.91
N ARG E 47 23.97 2.02 -21.01
CA ARG E 47 23.07 0.86 -21.07
C ARG E 47 23.26 0.10 -22.35
N SER E 48 23.58 -1.18 -22.22
CA SER E 48 23.53 -2.08 -23.36
C SER E 48 22.06 -2.41 -23.61
N HIS E 49 21.48 -1.78 -24.65
CA HIS E 49 20.04 -1.84 -24.89
C HIS E 49 19.69 -2.46 -26.25
N LYS E 50 18.50 -3.03 -26.36
CA LYS E 50 17.99 -3.59 -27.60
C LYS E 50 16.64 -2.99 -27.93
N ASP E 51 16.57 -2.23 -29.02
CA ASP E 51 15.29 -1.78 -29.57
C ASP E 51 14.74 -2.84 -30.50
N LEU E 52 13.62 -3.45 -30.10
CA LEU E 52 13.04 -4.55 -30.87
C LEU E 52 12.32 -4.13 -32.16
N GLY E 53 12.02 -2.85 -32.30
CA GLY E 53 11.34 -2.35 -33.49
C GLY E 53 9.98 -3.00 -33.65
N ASN E 54 9.72 -3.56 -34.82
CA ASN E 54 8.46 -4.25 -35.08
C ASN E 54 8.44 -5.70 -34.53
N CYS E 55 9.55 -6.15 -33.95
CA CYS E 55 9.61 -7.49 -33.35
C CYS E 55 9.03 -7.52 -31.93
N HIS E 56 8.03 -8.37 -31.72
CA HIS E 56 7.42 -8.56 -30.40
C HIS E 56 8.28 -9.54 -29.61
N PRO E 57 8.40 -9.35 -28.29
CA PRO E 57 9.29 -10.21 -27.49
C PRO E 57 9.14 -11.72 -27.75
N ILE E 58 7.92 -12.21 -27.67
CA ILE E 58 7.60 -13.61 -27.99
C ILE E 58 8.07 -14.04 -29.41
N GLY E 59 8.06 -13.11 -30.36
CA GLY E 59 8.61 -13.36 -31.68
C GLY E 59 10.09 -13.73 -31.70
N MET E 60 10.85 -13.36 -30.67
CA MET E 60 12.25 -13.76 -30.56
C MET E 60 12.41 -15.25 -30.30
N LEU E 61 11.51 -15.83 -29.50
CA LEU E 61 11.63 -17.24 -29.09
C LEU E 61 11.26 -18.19 -30.21
N ILE E 62 10.22 -17.82 -30.96
CA ILE E 62 9.71 -18.66 -32.04
C ILE E 62 10.24 -18.31 -33.43
N GLY E 63 10.79 -17.10 -33.60
CA GLY E 63 11.46 -16.73 -34.84
C GLY E 63 10.55 -16.25 -35.97
N THR E 64 9.69 -15.28 -35.70
CA THR E 64 8.91 -14.61 -36.73
C THR E 64 9.89 -13.83 -37.61
N PRO E 65 9.65 -13.77 -38.93
CA PRO E 65 10.58 -13.05 -39.80
C PRO E 65 10.96 -11.66 -39.26
N ALA E 66 9.99 -10.92 -38.75
CA ALA E 66 10.28 -9.61 -38.18
C ALA E 66 11.37 -9.62 -37.09
N CYS E 67 11.57 -10.78 -36.46
CA CYS E 67 12.55 -10.95 -35.39
C CYS E 67 13.87 -11.62 -35.81
N ASP E 68 14.11 -11.77 -37.11
CA ASP E 68 15.34 -12.45 -37.58
C ASP E 68 16.64 -11.88 -36.99
N LEU E 69 16.65 -10.59 -36.67
CA LEU E 69 17.83 -9.96 -36.05
C LEU E 69 17.78 -9.94 -34.52
N HIS E 70 16.80 -10.62 -33.93
CA HIS E 70 16.61 -10.61 -32.48
C HIS E 70 16.45 -12.03 -31.90
N LEU E 71 17.08 -13.02 -32.53
CA LEU E 71 16.96 -14.41 -32.09
C LEU E 71 17.93 -14.75 -30.95
N THR E 72 19.08 -14.07 -30.92
CA THR E 72 20.01 -14.16 -29.80
C THR E 72 20.49 -12.76 -29.42
N GLY E 73 21.23 -12.67 -28.31
CA GLY E 73 21.80 -11.41 -27.86
C GLY E 73 21.92 -11.30 -26.35
N THR E 74 22.55 -10.21 -25.91
CA THR E 74 22.66 -9.91 -24.48
C THR E 74 22.49 -8.42 -24.31
N TRP E 75 21.69 -8.04 -23.32
CA TRP E 75 21.38 -6.65 -23.06
C TRP E 75 21.11 -6.47 -21.57
N ASP E 76 21.13 -5.22 -21.11
CA ASP E 76 20.64 -4.92 -19.75
C ASP E 76 19.29 -4.20 -19.80
N THR E 77 18.91 -3.71 -20.97
CA THR E 77 17.64 -3.02 -21.16
C THR E 77 16.98 -3.48 -22.44
N LEU E 78 15.68 -3.76 -22.39
CA LEU E 78 14.95 -4.26 -23.55
C LEU E 78 13.72 -3.41 -23.82
N ILE E 79 13.62 -2.86 -25.02
CA ILE E 79 12.57 -1.92 -25.39
C ILE E 79 11.55 -2.53 -26.36
N GLU E 80 10.28 -2.45 -26.02
CA GLU E 80 9.19 -2.98 -26.83
C GLU E 80 8.35 -1.83 -27.37
N ARG E 81 8.01 -1.88 -28.67
CA ARG E 81 7.20 -0.85 -29.32
C ARG E 81 5.79 -1.35 -29.55
N GLU E 82 4.86 -0.42 -29.74
CA GLU E 82 3.45 -0.77 -29.94
C GLU E 82 3.24 -1.45 -31.29
N ASN E 83 2.23 -2.32 -31.33
CA ASN E 83 1.85 -3.04 -32.56
C ASN E 83 2.95 -3.93 -33.13
N ALA E 84 3.96 -4.23 -32.32
CA ALA E 84 5.02 -5.12 -32.75
C ALA E 84 4.42 -6.49 -33.04
N ILE E 85 5.14 -7.30 -33.82
CA ILE E 85 4.60 -8.55 -34.34
C ILE E 85 5.22 -9.76 -33.67
N ALA E 86 4.36 -10.68 -33.24
CA ALA E 86 4.79 -12.00 -32.73
C ALA E 86 4.40 -13.13 -33.67
N TYR E 87 3.22 -13.06 -34.26
CA TYR E 87 2.67 -14.13 -35.08
C TYR E 87 2.46 -13.72 -36.54
N CYS E 88 3.20 -14.34 -37.46
CA CYS E 88 2.93 -14.16 -38.91
C CYS E 88 1.71 -14.98 -39.30
N TYR E 89 1.72 -16.26 -38.95
CA TYR E 89 0.53 -17.12 -39.06
C TYR E 89 -0.37 -16.82 -37.85
N PRO E 90 -1.69 -16.70 -38.07
CA PRO E 90 -2.57 -16.32 -36.96
C PRO E 90 -2.65 -17.36 -35.85
N GLY E 91 -2.56 -16.87 -34.61
CA GLY E 91 -2.61 -17.73 -33.43
C GLY E 91 -2.28 -16.94 -32.16
N ALA E 92 -2.38 -17.63 -31.02
CA ALA E 92 -2.15 -17.02 -29.72
C ALA E 92 -1.33 -17.97 -28.83
N THR E 93 -0.67 -17.40 -27.83
CA THR E 93 0.09 -18.16 -26.86
C THR E 93 -0.71 -18.32 -25.57
N VAL E 94 -0.62 -19.49 -24.93
CA VAL E 94 -1.24 -19.71 -23.63
C VAL E 94 -0.36 -19.07 -22.55
N ASN E 95 -0.98 -18.30 -21.67
CA ASN E 95 -0.27 -17.46 -20.69
C ASN E 95 0.71 -16.53 -21.38
N GLU E 96 0.18 -15.73 -22.30
CA GLU E 96 0.98 -14.87 -23.15
C GLU E 96 1.69 -13.78 -22.34
N GLU E 97 0.96 -13.12 -21.44
CA GLU E 97 1.52 -12.02 -20.65
C GLU E 97 2.61 -12.50 -19.68
N ALA E 98 2.33 -13.59 -18.98
CA ALA E 98 3.33 -14.22 -18.11
C ALA E 98 4.63 -14.44 -18.88
N LEU E 99 4.53 -14.98 -20.08
CA LEU E 99 5.69 -15.21 -20.94
C LEU E 99 6.36 -13.91 -21.36
N ARG E 100 5.56 -12.93 -21.75
CA ARG E 100 6.08 -11.63 -22.20
C ARG E 100 6.87 -10.96 -21.08
N GLN E 101 6.28 -10.91 -19.89
CA GLN E 101 6.93 -10.29 -18.72
C GLN E 101 8.22 -11.00 -18.39
N LYS E 102 8.21 -12.32 -18.52
CA LYS E 102 9.38 -13.15 -18.27
C LYS E 102 10.54 -12.82 -19.20
N ILE E 103 10.22 -12.57 -20.47
CA ILE E 103 11.23 -12.21 -21.47
C ILE E 103 11.77 -10.80 -21.21
N MET E 104 10.86 -9.88 -20.92
CA MET E 104 11.21 -8.48 -20.62
C MET E 104 11.95 -8.29 -19.29
N GLU E 105 11.84 -9.28 -18.39
CA GLU E 105 12.64 -9.33 -17.16
C GLU E 105 14.07 -9.82 -17.39
N SER E 106 14.37 -10.35 -18.58
CA SER E 106 15.64 -11.04 -18.83
C SER E 106 16.75 -10.12 -19.33
N GLY E 107 17.95 -10.66 -19.45
CA GLY E 107 19.13 -9.93 -19.94
C GLY E 107 19.83 -10.58 -21.13
N GLY E 108 19.05 -11.30 -21.94
CA GLY E 108 19.60 -11.94 -23.13
C GLY E 108 18.89 -13.23 -23.47
N ILE E 109 19.15 -13.75 -24.67
CA ILE E 109 18.62 -15.05 -25.09
C ILE E 109 19.70 -15.87 -25.79
N SER E 110 19.82 -17.13 -25.40
CA SER E 110 20.60 -18.12 -26.14
C SER E 110 19.62 -19.07 -26.78
N LYS E 111 20.05 -19.71 -27.86
CA LYS E 111 19.24 -20.70 -28.57
C LYS E 111 20.00 -22.01 -28.66
N ILE E 112 19.31 -23.12 -28.38
CA ILE E 112 19.94 -24.44 -28.35
C ILE E 112 19.13 -25.38 -29.23
N SER E 113 19.82 -26.12 -30.09
CA SER E 113 19.17 -27.00 -31.03
C SER E 113 18.61 -28.26 -30.37
N THR E 114 17.41 -28.66 -30.78
CA THR E 114 16.78 -29.88 -30.32
C THR E 114 17.29 -31.08 -31.12
N GLY E 115 17.72 -30.83 -32.35
CA GLY E 115 18.18 -31.89 -33.23
C GLY E 115 17.10 -32.92 -33.58
N PHE E 116 15.83 -32.55 -33.44
CA PHE E 116 14.72 -33.48 -33.68
C PHE E 116 14.75 -34.03 -35.11
N THR E 117 14.70 -35.35 -35.22
CA THR E 117 14.72 -36.03 -36.51
C THR E 117 13.44 -36.79 -36.73
N TYR E 118 13.01 -36.87 -37.99
CA TYR E 118 11.74 -37.48 -38.35
C TYR E 118 11.91 -38.49 -39.46
N GLY E 119 10.96 -39.42 -39.55
CA GLY E 119 10.97 -40.42 -40.62
C GLY E 119 10.84 -39.76 -42.00
N SER E 120 11.07 -40.53 -43.05
CA SER E 120 10.99 -40.00 -44.41
C SER E 120 9.54 -39.81 -44.88
N SER E 121 8.59 -40.44 -44.18
CA SER E 121 7.16 -40.21 -44.44
C SER E 121 6.61 -38.98 -43.68
N ILE E 122 7.50 -38.03 -43.36
CA ILE E 122 7.12 -36.78 -42.75
C ILE E 122 7.80 -35.66 -43.52
N ASN E 123 7.04 -34.66 -43.90
CA ASN E 123 7.58 -33.42 -44.44
C ASN E 123 7.76 -32.43 -43.30
N SER E 124 9.02 -32.17 -42.94
CA SER E 124 9.34 -31.25 -41.85
C SER E 124 9.56 -29.81 -42.34
N ALA E 125 9.43 -29.59 -43.64
CA ALA E 125 9.70 -28.28 -44.24
C ALA E 125 8.42 -27.59 -44.71
N GLY E 126 7.35 -27.75 -43.94
CA GLY E 126 6.09 -27.07 -44.25
C GLY E 126 6.27 -25.56 -44.18
N THR E 127 5.67 -24.84 -45.13
CA THR E 127 5.78 -23.39 -45.17
C THR E 127 4.43 -22.73 -45.45
N THR E 128 4.37 -21.42 -45.26
CA THR E 128 3.14 -20.67 -45.42
C THR E 128 3.39 -19.30 -46.04
N LYS E 129 2.37 -18.78 -46.70
CA LYS E 129 2.43 -17.47 -47.35
C LYS E 129 2.39 -16.33 -46.34
N ALA E 130 1.88 -16.60 -45.14
CA ALA E 130 1.83 -15.59 -44.08
C ALA E 130 3.23 -15.25 -43.53
N CYS E 131 4.12 -16.23 -43.48
CA CYS E 131 5.50 -16.01 -43.03
C CYS E 131 6.41 -16.04 -44.24
N MET E 132 6.83 -14.87 -44.71
CA MET E 132 7.67 -14.78 -45.90
C MET E 132 9.08 -14.29 -45.61
N ARG E 133 10.03 -14.84 -46.34
CA ARG E 133 11.40 -14.33 -46.37
C ARG E 133 11.84 -14.20 -47.81
N ASN E 134 11.91 -12.97 -48.30
CA ASN E 134 12.28 -12.65 -49.68
C ASN E 134 11.25 -13.18 -50.69
N GLY E 135 10.00 -12.74 -50.53
CA GLY E 135 8.91 -13.11 -51.42
C GLY E 135 8.66 -14.60 -51.58
N GLY E 136 9.12 -15.38 -50.61
CA GLY E 136 9.01 -16.83 -50.67
C GLY E 136 8.39 -17.36 -49.40
N ASN E 137 7.56 -18.38 -49.52
CA ASN E 137 6.90 -18.99 -48.38
C ASN E 137 7.92 -19.54 -47.38
N SER E 138 7.69 -19.24 -46.11
CA SER E 138 8.62 -19.60 -45.05
C SER E 138 7.85 -19.99 -43.79
N PHE E 139 8.57 -20.12 -42.68
CA PHE E 139 7.95 -20.51 -41.42
C PHE E 139 8.75 -19.97 -40.24
N TYR E 140 8.12 -19.95 -39.07
CA TYR E 140 8.79 -19.60 -37.83
C TYR E 140 10.14 -20.30 -37.74
N ALA E 141 11.23 -19.53 -37.69
CA ALA E 141 12.60 -20.05 -37.73
C ALA E 141 12.93 -21.17 -36.75
N GLU E 142 12.36 -21.09 -35.54
CA GLU E 142 12.73 -21.99 -34.44
C GLU E 142 11.78 -23.20 -34.32
N LEU E 143 10.84 -23.31 -35.24
CA LEU E 143 9.88 -24.40 -35.24
C LEU E 143 9.81 -25.06 -36.61
N LYS E 144 9.09 -26.17 -36.68
CA LYS E 144 8.89 -26.91 -37.92
C LYS E 144 7.48 -27.46 -38.03
N TRP E 145 6.79 -27.05 -39.11
CA TRP E 145 5.46 -27.56 -39.44
C TRP E 145 5.60 -28.99 -39.98
N LEU E 146 5.00 -29.95 -39.26
CA LEU E 146 5.08 -31.36 -39.61
C LEU E 146 3.81 -31.79 -40.30
N VAL E 147 3.94 -32.28 -41.52
CA VAL E 147 2.81 -32.84 -42.29
C VAL E 147 3.23 -34.12 -43.01
N SER E 148 2.25 -34.98 -43.27
CA SER E 148 2.48 -36.24 -43.99
C SER E 148 3.18 -35.98 -45.33
N LYS E 149 4.25 -36.73 -45.58
CA LYS E 149 5.04 -36.58 -46.80
C LYS E 149 4.17 -36.71 -48.05
N SER E 150 3.32 -37.73 -48.06
CA SER E 150 2.39 -37.99 -49.16
C SER E 150 0.99 -37.50 -48.78
N LYS E 151 0.45 -36.60 -49.60
CA LYS E 151 -0.85 -35.99 -49.36
C LYS E 151 -1.93 -37.03 -49.04
N GLY E 152 -2.73 -36.77 -48.01
CA GLY E 152 -3.84 -37.65 -47.63
C GLY E 152 -3.48 -38.79 -46.69
N GLN E 153 -2.22 -39.22 -46.70
CA GLN E 153 -1.79 -40.38 -45.91
C GLN E 153 -1.81 -40.08 -44.41
N ASN E 154 -1.99 -41.13 -43.62
CA ASN E 154 -2.06 -41.00 -42.16
C ASN E 154 -0.69 -40.68 -41.55
N PHE E 155 -0.62 -39.57 -40.81
CA PHE E 155 0.61 -39.13 -40.16
C PHE E 155 1.05 -40.16 -39.12
N PRO E 156 2.32 -40.61 -39.19
CA PRO E 156 2.82 -41.69 -38.33
C PRO E 156 3.07 -41.30 -36.88
N GLN E 157 2.95 -42.27 -35.98
CA GLN E 157 3.28 -42.03 -34.57
C GLN E 157 4.77 -41.75 -34.43
N THR E 158 5.11 -40.54 -34.01
CA THR E 158 6.49 -40.13 -33.82
C THR E 158 6.70 -39.74 -32.37
N THR E 159 7.93 -39.88 -31.90
CA THR E 159 8.32 -39.50 -30.55
C THR E 159 9.62 -38.72 -30.62
N ASN E 160 9.63 -37.51 -30.03
CA ASN E 160 10.82 -36.69 -29.94
C ASN E 160 11.02 -36.21 -28.50
N THR E 161 12.26 -36.28 -28.02
CA THR E 161 12.57 -35.92 -26.64
C THR E 161 13.79 -35.01 -26.58
N TYR E 162 13.60 -33.81 -26.03
CA TYR E 162 14.70 -32.88 -25.80
C TYR E 162 15.28 -33.13 -24.41
N ARG E 163 16.61 -33.07 -24.31
CA ARG E 163 17.31 -33.24 -23.03
C ARG E 163 18.03 -31.95 -22.66
N ASN E 164 17.77 -31.43 -21.47
CA ASN E 164 18.56 -30.31 -20.97
C ASN E 164 19.80 -30.83 -20.29
N THR E 165 20.95 -30.62 -20.92
CA THR E 165 22.25 -31.03 -20.37
C THR E 165 23.03 -29.84 -19.83
N ASP E 166 22.35 -28.71 -19.63
CA ASP E 166 22.97 -27.47 -19.22
C ASP E 166 22.82 -27.31 -17.72
N THR E 167 23.58 -26.38 -17.13
CA THR E 167 23.47 -26.10 -15.70
C THR E 167 22.35 -25.09 -15.37
N ALA E 168 21.59 -24.66 -16.37
CA ALA E 168 20.44 -23.77 -16.16
C ALA E 168 19.17 -24.24 -16.89
N GLU E 169 18.03 -23.74 -16.43
CA GLU E 169 16.73 -24.07 -17.03
C GLU E 169 16.58 -23.48 -18.44
N HIS E 170 15.99 -24.25 -19.35
CA HIS E 170 15.72 -23.78 -20.71
C HIS E 170 14.21 -23.62 -20.93
N LEU E 171 13.87 -22.76 -21.89
CA LEU E 171 12.48 -22.45 -22.20
C LEU E 171 12.12 -23.02 -23.56
N ILE E 172 11.12 -23.89 -23.57
CA ILE E 172 10.77 -24.63 -24.78
C ILE E 172 9.36 -24.26 -25.20
N MET E 173 9.19 -23.93 -26.47
CA MET E 173 7.89 -23.64 -27.03
C MET E 173 7.58 -24.65 -28.12
N TRP E 174 6.31 -24.98 -28.23
CA TRP E 174 5.81 -25.76 -29.36
C TRP E 174 4.46 -25.20 -29.72
N GLY E 175 3.95 -25.61 -30.88
CA GLY E 175 2.66 -25.13 -31.36
C GLY E 175 1.74 -26.26 -31.79
N ILE E 176 0.44 -25.96 -31.82
CA ILE E 176 -0.58 -26.92 -32.24
C ILE E 176 -1.43 -26.29 -33.32
N HIS E 177 -1.45 -26.90 -34.50
CA HIS E 177 -2.22 -26.38 -35.63
C HIS E 177 -3.69 -26.79 -35.52
N HIS E 178 -4.59 -25.86 -35.85
CA HIS E 178 -6.03 -26.12 -35.89
C HIS E 178 -6.54 -25.84 -37.30
N PRO E 179 -6.70 -26.90 -38.11
CA PRO E 179 -7.09 -26.65 -39.51
C PRO E 179 -8.46 -26.01 -39.71
N SER E 180 -8.66 -25.45 -40.90
CA SER E 180 -9.87 -24.71 -41.25
C SER E 180 -11.10 -25.61 -41.41
N SER E 181 -10.87 -26.83 -41.90
CA SER E 181 -11.95 -27.80 -42.13
C SER E 181 -11.42 -29.22 -41.92
N THR E 182 -12.34 -30.19 -41.90
CA THR E 182 -11.98 -31.61 -41.78
C THR E 182 -11.31 -32.11 -43.05
N GLN E 183 -11.62 -31.47 -44.18
CA GLN E 183 -11.04 -31.85 -45.46
C GLN E 183 -9.54 -31.57 -45.45
N GLU E 184 -9.17 -30.35 -45.08
CA GLU E 184 -7.77 -29.96 -44.97
C GLU E 184 -7.03 -30.82 -43.96
N LYS E 185 -7.67 -31.07 -42.82
CA LYS E 185 -7.10 -31.89 -41.74
C LYS E 185 -6.65 -33.26 -42.26
N ASN E 186 -7.44 -33.84 -43.17
CA ASN E 186 -7.11 -35.15 -43.72
C ASN E 186 -5.99 -35.13 -44.77
N ASP E 187 -5.81 -34.01 -45.46
CA ASP E 187 -4.68 -33.86 -46.39
C ASP E 187 -3.36 -33.84 -45.63
N LEU E 188 -3.36 -33.13 -44.51
CA LEU E 188 -2.14 -32.84 -43.75
C LEU E 188 -1.76 -33.95 -42.77
N TYR E 189 -2.76 -34.52 -42.10
CA TYR E 189 -2.52 -35.51 -41.04
C TYR E 189 -3.24 -36.86 -41.21
N GLY E 190 -4.10 -36.98 -42.22
CA GLY E 190 -4.82 -38.22 -42.50
C GLY E 190 -6.14 -38.37 -41.75
N THR E 191 -6.72 -39.56 -41.87
CA THR E 191 -8.08 -39.84 -41.40
C THR E 191 -8.17 -40.15 -39.90
N GLN E 192 -7.03 -40.42 -39.26
CA GLN E 192 -6.94 -40.68 -37.81
C GLN E 192 -7.80 -39.76 -36.97
N SER E 193 -7.93 -40.09 -35.69
CA SER E 193 -8.23 -39.09 -34.67
C SER E 193 -6.88 -38.76 -34.03
N LEU E 194 -6.65 -37.49 -33.72
CA LEU E 194 -5.32 -36.99 -33.41
C LEU E 194 -5.13 -36.59 -31.95
N SER E 195 -4.06 -37.11 -31.34
CA SER E 195 -3.66 -36.70 -30.00
C SER E 195 -2.20 -36.29 -30.00
N ILE E 196 -1.85 -35.33 -29.15
CA ILE E 196 -0.49 -34.84 -29.04
C ILE E 196 -0.16 -34.67 -27.56
N SER E 197 0.59 -35.62 -27.01
CA SER E 197 0.98 -35.59 -25.60
C SER E 197 2.40 -35.05 -25.43
N VAL E 198 2.55 -34.16 -24.45
CA VAL E 198 3.84 -33.56 -24.13
C VAL E 198 4.05 -33.74 -22.64
N GLY E 199 5.22 -34.24 -22.24
CA GLY E 199 5.51 -34.44 -20.83
C GLY E 199 6.97 -34.42 -20.45
N SER E 200 7.26 -33.69 -19.38
CA SER E 200 8.53 -33.80 -18.67
C SER E 200 8.20 -34.33 -17.28
N SER E 201 9.12 -34.20 -16.33
CA SER E 201 8.86 -34.61 -14.95
C SER E 201 8.20 -33.49 -14.14
N THR E 202 8.28 -32.25 -14.62
CA THR E 202 7.61 -31.12 -13.97
C THR E 202 6.27 -30.76 -14.60
N TYR E 203 6.01 -31.25 -15.80
CA TYR E 203 4.84 -30.84 -16.58
C TYR E 203 4.40 -31.96 -17.50
N GLN E 204 3.09 -32.11 -17.66
CA GLN E 204 2.54 -32.92 -18.75
C GLN E 204 1.12 -32.49 -19.11
N SER E 205 0.79 -32.58 -20.40
CA SER E 205 -0.54 -32.22 -20.90
C SER E 205 -0.78 -32.79 -22.32
N ASN E 206 -2.05 -32.97 -22.67
CA ASN E 206 -2.44 -33.45 -24.00
C ASN E 206 -3.10 -32.33 -24.82
N PHE E 207 -3.05 -32.47 -26.15
CA PHE E 207 -3.59 -31.47 -27.06
C PHE E 207 -4.30 -32.14 -28.23
N VAL E 208 -5.55 -31.73 -28.46
CA VAL E 208 -6.35 -32.22 -29.59
C VAL E 208 -6.62 -31.02 -30.51
N PRO E 209 -6.34 -31.18 -31.83
CA PRO E 209 -6.60 -30.09 -32.78
C PRO E 209 -8.08 -29.70 -32.95
N VAL E 210 -8.43 -28.47 -32.55
CA VAL E 210 -9.72 -27.87 -32.89
C VAL E 210 -9.88 -27.86 -34.40
N VAL E 211 -11.08 -28.18 -34.88
CA VAL E 211 -11.40 -28.11 -36.29
C VAL E 211 -12.71 -27.33 -36.46
N GLY E 212 -12.65 -26.24 -37.22
CA GLY E 212 -13.82 -25.39 -37.42
C GLY E 212 -13.56 -24.20 -38.33
N ALA E 213 -14.61 -23.76 -39.02
CA ALA E 213 -14.52 -22.60 -39.90
C ALA E 213 -14.40 -21.34 -39.05
N ARG E 214 -13.58 -20.40 -39.51
CA ARG E 214 -13.35 -19.16 -38.78
C ARG E 214 -12.78 -18.07 -39.70
N PRO E 215 -12.95 -16.78 -39.33
CA PRO E 215 -12.52 -15.69 -40.21
C PRO E 215 -11.03 -15.71 -40.58
N GLN E 216 -10.73 -15.47 -41.86
CA GLN E 216 -9.37 -15.38 -42.34
C GLN E 216 -8.62 -14.21 -41.69
N VAL E 217 -7.40 -14.49 -41.27
CA VAL E 217 -6.48 -13.45 -40.81
C VAL E 217 -5.19 -13.63 -41.59
N ASN E 218 -4.87 -12.65 -42.43
CA ASN E 218 -3.82 -12.77 -43.46
C ASN E 218 -4.09 -13.95 -44.40
N GLY E 219 -5.34 -14.07 -44.81
CA GLY E 219 -5.77 -15.11 -45.74
C GLY E 219 -5.72 -16.53 -45.17
N GLN E 220 -5.76 -16.64 -43.83
CA GLN E 220 -5.66 -17.95 -43.16
C GLN E 220 -6.76 -18.18 -42.15
N SER E 221 -7.62 -19.16 -42.41
CA SER E 221 -8.61 -19.61 -41.42
C SER E 221 -7.97 -20.53 -40.37
N GLY E 222 -6.95 -21.29 -40.77
CA GLY E 222 -6.21 -22.13 -39.84
C GLY E 222 -5.55 -21.30 -38.74
N ARG E 223 -5.30 -21.93 -37.59
CA ARG E 223 -4.62 -21.26 -36.46
C ARG E 223 -3.52 -22.14 -35.89
N ILE E 224 -2.46 -21.50 -35.40
CA ILE E 224 -1.40 -22.20 -34.70
C ILE E 224 -1.21 -21.57 -33.32
N ASP E 225 -1.77 -22.21 -32.30
CA ASP E 225 -1.61 -21.77 -30.91
C ASP E 225 -0.31 -22.32 -30.32
N PHE E 226 0.33 -21.53 -29.48
CA PHE E 226 1.61 -21.91 -28.86
C PHE E 226 1.49 -22.18 -27.38
N HIS E 227 2.30 -23.13 -26.91
CA HIS E 227 2.38 -23.47 -25.51
C HIS E 227 3.85 -23.52 -25.12
N TRP E 228 4.11 -23.32 -23.85
CA TRP E 228 5.47 -23.25 -23.36
C TRP E 228 5.59 -23.81 -21.94
N THR E 229 6.81 -24.14 -21.59
CA THR E 229 7.13 -24.58 -20.24
C THR E 229 8.64 -24.48 -20.03
N LEU E 230 9.06 -24.60 -18.78
CA LEU E 230 10.48 -24.60 -18.44
C LEU E 230 10.95 -26.03 -18.21
N VAL E 231 12.16 -26.32 -18.68
CA VAL E 231 12.75 -27.64 -18.54
C VAL E 231 14.01 -27.49 -17.68
N GLN E 232 14.00 -28.14 -16.51
CA GLN E 232 15.08 -27.97 -15.54
C GLN E 232 16.38 -28.64 -15.99
N PRO E 233 17.51 -28.24 -15.38
CA PRO E 233 18.80 -28.90 -15.65
C PRO E 233 18.74 -30.41 -15.45
N GLY E 234 19.17 -31.17 -16.45
CA GLY E 234 19.15 -32.63 -16.37
C GLY E 234 17.83 -33.31 -16.74
N ASP E 235 16.73 -32.56 -16.73
CA ASP E 235 15.42 -33.11 -17.04
C ASP E 235 15.24 -33.21 -18.56
N ASN E 236 14.32 -34.08 -18.98
CA ASN E 236 13.98 -34.25 -20.40
C ASN E 236 12.49 -34.04 -20.62
N ILE E 237 12.12 -33.63 -21.83
CA ILE E 237 10.73 -33.41 -22.20
C ILE E 237 10.41 -34.16 -23.48
N THR E 238 9.32 -34.91 -23.46
CA THR E 238 8.99 -35.83 -24.55
C THR E 238 7.69 -35.44 -25.24
N PHE E 239 7.74 -35.51 -26.58
CA PHE E 239 6.58 -35.24 -27.44
C PHE E 239 6.13 -36.54 -28.09
N SER E 240 4.94 -36.99 -27.72
CA SER E 240 4.32 -38.16 -28.33
C SER E 240 3.23 -37.61 -29.24
N HIS E 241 3.39 -37.75 -30.55
CA HIS E 241 2.49 -37.07 -31.50
C HIS E 241 2.23 -37.84 -32.79
N ASN E 242 0.97 -37.82 -33.22
CA ASN E 242 0.55 -38.49 -34.44
C ASN E 242 0.04 -37.52 -35.52
N GLY E 243 0.36 -36.24 -35.37
CA GLY E 243 0.03 -35.21 -36.36
C GLY E 243 -0.63 -34.00 -35.73
N GLY E 244 -0.16 -32.81 -36.09
CA GLY E 244 -0.73 -31.56 -35.59
C GLY E 244 0.25 -30.73 -34.77
N LEU E 245 1.35 -31.35 -34.37
CA LEU E 245 2.39 -30.67 -33.61
C LEU E 245 3.21 -29.77 -34.50
N ILE E 246 3.47 -28.58 -34.01
CA ILE E 246 4.48 -27.69 -34.58
C ILE E 246 5.67 -27.79 -33.64
N ALA E 247 6.69 -28.52 -34.06
CA ALA E 247 7.75 -28.95 -33.16
C ALA E 247 8.89 -27.95 -33.11
N PRO E 248 9.55 -27.86 -31.95
CA PRO E 248 10.72 -27.00 -31.82
C PRO E 248 11.94 -27.59 -32.51
N SER E 249 12.57 -26.81 -33.37
CA SER E 249 13.91 -27.12 -33.86
C SER E 249 14.96 -26.47 -32.96
N ARG E 250 14.55 -25.48 -32.16
CA ARG E 250 15.43 -24.89 -31.14
C ARG E 250 14.66 -24.50 -29.88
N VAL E 251 15.33 -24.55 -28.73
CA VAL E 251 14.78 -24.03 -27.48
C VAL E 251 15.57 -22.78 -27.07
N SER E 252 15.03 -22.05 -26.09
CA SER E 252 15.62 -20.78 -25.66
C SER E 252 16.17 -20.89 -24.26
N LYS E 253 17.18 -20.07 -23.98
CA LYS E 253 17.66 -19.90 -22.61
C LYS E 253 17.71 -18.42 -22.30
N LEU E 254 16.87 -18.00 -21.36
CA LEU E 254 16.89 -16.62 -20.89
C LEU E 254 18.14 -16.43 -20.04
N ILE E 255 18.84 -15.33 -20.27
CA ILE E 255 20.09 -15.04 -19.58
C ILE E 255 19.91 -13.87 -18.62
N GLY E 256 20.46 -14.00 -17.42
CA GLY E 256 20.61 -12.87 -16.49
C GLY E 256 19.39 -12.02 -16.28
N ARG E 257 19.62 -10.72 -16.06
CA ARG E 257 18.55 -9.78 -15.74
C ARG E 257 18.67 -8.50 -16.57
N GLY E 258 17.54 -7.87 -16.76
CA GLY E 258 17.48 -6.61 -17.50
C GLY E 258 16.16 -5.92 -17.27
N LEU E 259 16.13 -4.63 -17.62
CA LEU E 259 14.94 -3.82 -17.42
C LEU E 259 14.16 -3.71 -18.73
N GLY E 260 12.85 -3.97 -18.65
CA GLY E 260 11.97 -3.97 -19.82
C GLY E 260 11.10 -2.72 -19.89
N ILE E 261 11.10 -2.08 -21.07
CA ILE E 261 10.37 -0.82 -21.28
C ILE E 261 9.40 -0.92 -22.44
N GLN E 262 8.15 -0.54 -22.20
CA GLN E 262 7.15 -0.40 -23.25
C GLN E 262 6.92 1.09 -23.52
N SER E 263 7.46 1.56 -24.65
CA SER E 263 7.35 2.97 -25.03
C SER E 263 7.68 3.15 -26.51
N ASP E 264 7.04 4.12 -27.14
CA ASP E 264 7.36 4.47 -28.52
C ASP E 264 8.31 5.66 -28.63
N ALA E 265 8.81 6.14 -27.49
CA ALA E 265 9.69 7.29 -27.47
C ALA E 265 11.06 6.98 -28.08
N PRO E 266 11.64 7.95 -28.81
CA PRO E 266 12.91 7.72 -29.49
C PRO E 266 14.08 7.57 -28.52
N ILE E 267 15.12 6.90 -28.98
CA ILE E 267 16.28 6.60 -28.16
C ILE E 267 17.28 7.74 -28.24
N ASP E 268 17.86 8.08 -27.09
CA ASP E 268 18.94 9.06 -27.02
C ASP E 268 20.10 8.41 -26.26
N ASN E 269 21.25 8.28 -26.92
CA ASN E 269 22.42 7.65 -26.30
C ASN E 269 23.29 8.62 -25.50
N ASN E 270 22.89 9.88 -25.42
CA ASN E 270 23.68 10.91 -24.77
C ASN E 270 23.16 11.37 -23.42
N CYS E 271 21.88 11.10 -23.11
CA CYS E 271 21.38 11.28 -21.74
C CYS E 271 21.27 9.91 -21.07
N GLU E 272 21.46 9.90 -19.75
CA GLU E 272 21.29 8.71 -18.93
C GLU E 272 20.07 8.89 -18.03
N SER E 273 19.55 7.78 -17.51
CA SER E 273 18.36 7.82 -16.66
C SER E 273 18.14 6.47 -16.02
N LYS E 274 17.33 6.46 -14.97
CA LYS E 274 17.00 5.25 -14.23
C LYS E 274 15.48 5.02 -14.12
N CYS E 275 14.69 5.92 -14.69
CA CYS E 275 13.24 5.86 -14.56
C CYS E 275 12.60 6.14 -15.92
N PHE E 276 11.61 5.33 -16.27
CA PHE E 276 10.99 5.40 -17.59
C PHE E 276 9.48 5.18 -17.52
N TRP E 277 8.79 5.70 -18.54
CA TRP E 277 7.35 5.50 -18.67
C TRP E 277 7.00 5.53 -20.16
N ARG E 278 5.72 5.37 -20.48
CA ARG E 278 5.28 5.37 -21.87
C ARG E 278 5.81 6.56 -22.66
N GLY E 279 5.76 7.74 -22.02
CA GLY E 279 6.15 8.99 -22.63
C GLY E 279 7.63 9.32 -22.65
N GLY E 280 8.46 8.50 -22.03
CA GLY E 280 9.90 8.70 -22.10
C GLY E 280 10.61 8.51 -20.78
N SER E 281 11.49 9.46 -20.43
CA SER E 281 12.40 9.33 -19.30
C SER E 281 12.15 10.41 -18.25
N ILE E 282 12.45 10.06 -17.00
CA ILE E 282 12.38 10.98 -15.87
C ILE E 282 13.68 10.89 -15.09
N ASN E 283 14.53 11.92 -15.17
CA ASN E 283 15.69 11.98 -14.27
C ASN E 283 15.67 13.27 -13.48
N THR E 284 15.00 13.17 -12.34
CA THR E 284 14.91 14.25 -11.38
C THR E 284 15.53 13.73 -10.10
N ARG E 285 15.95 14.65 -9.24
CA ARG E 285 16.42 14.27 -7.93
C ARG E 285 15.36 14.61 -6.88
N LEU E 286 14.15 14.97 -7.33
CA LEU E 286 13.02 15.22 -6.44
C LEU E 286 12.35 13.90 -6.03
N PRO E 287 11.80 13.85 -4.81
CA PRO E 287 11.19 12.62 -4.30
C PRO E 287 9.87 12.23 -4.96
N PHE E 288 9.17 13.19 -5.56
CA PHE E 288 7.82 12.97 -6.10
C PHE E 288 7.74 13.31 -7.59
N GLN E 289 6.59 13.01 -8.21
CA GLN E 289 6.45 13.06 -9.67
C GLN E 289 4.96 12.99 -10.04
N ASN E 290 4.50 13.85 -10.95
CA ASN E 290 3.07 13.84 -11.36
C ASN E 290 2.79 13.46 -12.83
N LEU E 291 3.74 12.76 -13.45
CA LEU E 291 3.66 12.42 -14.87
C LEU E 291 2.83 11.17 -15.11
N SER E 292 3.10 10.10 -14.37
CA SER E 292 2.38 8.85 -14.54
C SER E 292 2.50 7.93 -13.32
N PRO E 293 1.40 7.22 -12.99
CA PRO E 293 1.44 6.14 -12.02
C PRO E 293 1.97 4.82 -12.61
N ARG E 294 2.28 4.82 -13.91
CA ARG E 294 2.86 3.64 -14.54
C ARG E 294 4.28 3.97 -14.99
N THR E 295 5.26 3.63 -14.15
CA THR E 295 6.67 3.86 -14.46
C THR E 295 7.48 2.61 -14.14
N VAL E 296 8.71 2.55 -14.62
CA VAL E 296 9.61 1.43 -14.35
C VAL E 296 11.02 1.94 -14.09
N GLY E 297 11.75 1.20 -13.25
CA GLY E 297 13.09 1.59 -12.81
C GLY E 297 13.10 2.14 -11.39
N GLN E 298 14.11 2.97 -11.09
CA GLN E 298 14.24 3.62 -9.80
C GLN E 298 13.60 5.00 -9.89
N CYS E 299 12.34 5.06 -9.49
CA CYS E 299 11.48 6.19 -9.84
C CYS E 299 11.03 7.00 -8.62
N PRO E 300 10.80 8.32 -8.81
CA PRO E 300 10.13 9.09 -7.76
C PRO E 300 8.70 8.60 -7.61
N LYS E 301 8.09 8.87 -6.46
CA LYS E 301 6.76 8.37 -6.19
C LYS E 301 5.70 9.25 -6.84
N TYR E 302 4.70 8.61 -7.42
CA TYR E 302 3.67 9.34 -8.15
C TYR E 302 2.67 9.98 -7.18
N VAL E 303 2.27 11.21 -7.47
CA VAL E 303 1.24 11.91 -6.68
C VAL E 303 0.28 12.70 -7.55
N ASN E 304 -0.96 12.84 -7.09
CA ASN E 304 -1.94 13.71 -7.73
C ASN E 304 -1.80 15.15 -7.25
N LYS E 305 -0.74 15.82 -7.70
CA LYS E 305 -0.54 17.23 -7.38
C LYS E 305 0.28 17.93 -8.44
N LYS E 306 -0.20 19.10 -8.85
CA LYS E 306 0.53 19.98 -9.75
C LYS E 306 1.84 20.43 -9.09
N SER E 307 1.76 20.85 -7.83
CA SER E 307 2.88 21.48 -7.15
C SER E 307 2.81 21.38 -5.62
N LEU E 308 3.98 21.16 -5.00
CA LEU E 308 4.14 21.26 -3.56
C LEU E 308 5.44 21.98 -3.25
N MET E 309 5.33 23.25 -2.88
CA MET E 309 6.50 24.11 -2.65
C MET E 309 7.02 23.99 -1.23
N LEU E 310 8.32 23.72 -1.10
CA LEU E 310 8.99 23.61 0.20
C LEU E 310 9.74 24.91 0.56
N ALA E 311 9.38 25.50 1.69
CA ALA E 311 10.01 26.73 2.15
C ALA E 311 11.51 26.55 2.39
N THR E 312 12.29 27.48 1.85
CA THR E 312 13.73 27.52 2.09
C THR E 312 14.13 28.86 2.68
N GLY E 313 13.18 29.53 3.34
CA GLY E 313 13.44 30.81 3.98
C GLY E 313 12.32 31.20 4.93
N MET E 314 12.54 32.28 5.68
CA MET E 314 11.60 32.75 6.68
C MET E 314 10.33 33.36 6.09
N ARG E 315 9.38 33.73 6.96
CA ARG E 315 8.24 34.54 6.53
C ARG E 315 8.70 35.85 5.89
N ASN E 316 8.14 36.18 4.74
CA ASN E 316 8.42 37.48 4.12
C ASN E 316 7.51 38.55 4.71
N VAL E 317 8.10 39.51 5.42
CA VAL E 317 7.36 40.65 5.95
C VAL E 317 7.90 41.88 5.25
N PRO E 318 7.25 42.28 4.15
CA PRO E 318 7.81 43.34 3.31
C PRO E 318 7.51 44.73 3.84
N GLU E 319 8.17 45.72 3.27
CA GLU E 319 7.99 47.12 3.66
C GLU E 319 6.88 47.76 2.82
N GLY F 1 5.00 34.95 15.26
CA GLY F 1 4.90 33.47 15.12
C GLY F 1 4.97 32.77 16.45
N LEU F 2 5.55 31.56 16.48
CA LEU F 2 5.74 30.85 17.75
C LEU F 2 6.60 31.64 18.72
N PHE F 3 7.63 32.30 18.19
CA PHE F 3 8.61 33.02 19.01
C PHE F 3 8.43 34.54 18.98
N GLY F 4 7.31 35.00 18.41
CA GLY F 4 6.89 36.39 18.54
C GLY F 4 7.79 37.49 17.99
N ALA F 5 8.84 37.13 17.25
CA ALA F 5 9.76 38.13 16.69
C ALA F 5 9.42 38.50 15.24
N ILE F 6 9.62 37.56 14.32
CA ILE F 6 9.32 37.76 12.91
C ILE F 6 7.80 37.71 12.73
N ALA F 7 7.25 38.73 12.10
CA ALA F 7 5.81 38.95 12.05
C ALA F 7 5.24 39.13 13.46
N GLY F 8 6.10 39.58 14.37
CA GLY F 8 5.76 39.70 15.78
C GLY F 8 6.10 41.09 16.28
N PHE F 9 6.96 41.18 17.29
CA PHE F 9 7.33 42.49 17.83
C PHE F 9 8.21 43.31 16.88
N ILE F 10 8.90 42.63 15.97
CA ILE F 10 9.57 43.33 14.87
C ILE F 10 8.53 43.56 13.78
N GLU F 11 8.30 44.83 13.43
CA GLU F 11 7.23 45.22 12.50
C GLU F 11 7.40 44.63 11.10
N ASN F 12 8.62 44.71 10.56
CA ASN F 12 8.87 44.17 9.24
C ASN F 12 10.35 43.91 8.96
N GLY F 13 10.62 43.28 7.82
CA GLY F 13 11.98 42.94 7.41
C GLY F 13 12.67 44.10 6.71
N TRP F 14 13.96 43.90 6.41
CA TRP F 14 14.75 44.87 5.68
C TRP F 14 15.11 44.32 4.30
N GLU F 15 14.50 44.90 3.26
CA GLU F 15 14.75 44.46 1.88
C GLU F 15 16.16 44.83 1.41
N GLY F 16 16.82 45.76 2.11
CA GLY F 16 18.16 46.19 1.78
C GLY F 16 19.29 45.33 2.35
N MET F 17 18.96 44.46 3.32
CA MET F 17 19.96 43.58 3.90
C MET F 17 20.15 42.36 3.01
N VAL F 18 21.04 42.49 2.03
CA VAL F 18 21.28 41.45 1.05
C VAL F 18 22.40 40.47 1.46
N ASP F 19 23.30 40.92 2.33
CA ASP F 19 24.46 40.10 2.73
C ASP F 19 24.18 39.12 3.87
N GLY F 20 22.95 39.09 4.39
CA GLY F 20 22.60 38.16 5.46
C GLY F 20 21.12 38.06 5.78
N TRP F 21 20.78 37.07 6.60
CA TRP F 21 19.41 36.77 6.99
C TRP F 21 18.97 37.56 8.21
N TYR F 22 19.90 37.70 9.16
CA TYR F 22 19.68 38.46 10.39
C TYR F 22 20.79 39.49 10.51
N GLY F 23 20.52 40.60 11.20
CA GLY F 23 21.54 41.63 11.37
C GLY F 23 21.13 42.83 12.18
N PHE F 24 21.99 43.85 12.15
CA PHE F 24 21.87 45.04 13.01
C PHE F 24 21.74 46.32 12.21
N ARG F 25 21.06 47.30 12.80
CA ARG F 25 21.10 48.70 12.36
C ARG F 25 21.37 49.57 13.58
N HIS F 26 22.37 50.43 13.49
CA HIS F 26 22.69 51.33 14.59
C HIS F 26 22.50 52.79 14.22
N GLN F 27 22.53 53.65 15.23
CA GLN F 27 22.39 55.09 15.05
C GLN F 27 23.14 55.79 16.16
N ASN F 28 24.11 56.64 15.81
CA ASN F 28 24.86 57.39 16.81
C ASN F 28 25.32 58.76 16.30
N ALA F 29 25.99 59.53 17.16
CA ALA F 29 26.50 60.86 16.80
C ALA F 29 27.22 60.87 15.45
N GLN F 30 27.96 59.80 15.15
CA GLN F 30 28.68 59.67 13.88
C GLN F 30 27.72 59.42 12.70
N GLY F 31 26.72 58.59 12.91
CA GLY F 31 25.72 58.30 11.88
C GLY F 31 25.07 56.93 12.02
N THR F 32 24.47 56.47 10.92
CA THR F 32 23.81 55.16 10.89
C THR F 32 24.59 54.17 10.02
N GLY F 33 24.32 52.90 10.23
CA GLY F 33 24.95 51.83 9.46
C GLY F 33 24.19 50.53 9.60
N GLN F 34 24.60 49.53 8.82
CA GLN F 34 23.94 48.23 8.79
C GLN F 34 24.97 47.12 8.64
N ALA F 35 24.70 45.96 9.26
CA ALA F 35 25.62 44.82 9.21
C ALA F 35 24.93 43.50 9.55
N ALA F 36 25.20 42.48 8.73
CA ALA F 36 24.62 41.15 8.94
C ALA F 36 25.38 40.40 10.01
N ASP F 37 24.67 39.55 10.76
CA ASP F 37 25.29 38.63 11.71
C ASP F 37 25.49 37.25 11.06
N TYR F 38 26.74 36.84 10.93
CA TYR F 38 27.11 35.60 10.24
C TYR F 38 26.61 34.34 10.95
N LYS F 39 26.76 34.29 12.26
CA LYS F 39 26.46 33.07 13.03
C LYS F 39 24.99 32.68 12.96
N SER F 40 24.10 33.63 13.24
CA SER F 40 22.66 33.36 13.24
C SER F 40 22.14 33.07 11.84
N THR F 41 22.79 33.65 10.84
CA THR F 41 22.44 33.39 9.45
C THR F 41 22.77 31.95 9.06
N GLN F 42 23.99 31.51 9.35
CA GLN F 42 24.40 30.14 9.05
C GLN F 42 23.58 29.11 9.83
N ALA F 43 23.28 29.43 11.09
CA ALA F 43 22.44 28.55 11.88
C ALA F 43 21.16 28.21 11.13
N ALA F 44 20.53 29.25 10.57
CA ALA F 44 19.29 29.08 9.80
C ALA F 44 19.53 28.35 8.48
N ILE F 45 20.56 28.76 7.74
CA ILE F 45 20.85 28.18 6.42
C ILE F 45 21.24 26.70 6.52
N ASP F 46 22.07 26.36 7.50
CA ASP F 46 22.51 24.97 7.67
C ASP F 46 21.33 24.04 7.97
N GLN F 47 20.39 24.50 8.80
CA GLN F 47 19.21 23.70 9.09
C GLN F 47 18.34 23.51 7.86
N ILE F 48 18.27 24.52 7.00
CA ILE F 48 17.55 24.39 5.74
C ILE F 48 18.29 23.41 4.81
N THR F 49 19.61 23.52 4.74
CA THR F 49 20.41 22.61 3.92
C THR F 49 20.17 21.15 4.32
N GLY F 50 20.04 20.91 5.63
CA GLY F 50 19.78 19.57 6.15
C GLY F 50 18.43 19.00 5.77
N LYS F 51 17.44 19.85 5.56
CA LYS F 51 16.12 19.43 5.06
C LYS F 51 16.17 19.03 3.59
N LEU F 52 16.97 19.75 2.82
CA LEU F 52 17.09 19.52 1.38
C LEU F 52 17.84 18.23 1.09
N ASN F 53 18.77 17.87 1.97
CA ASN F 53 19.51 16.62 1.82
C ASN F 53 18.64 15.40 2.13
N ARG F 54 17.75 15.53 3.09
CA ARG F 54 16.76 14.49 3.35
C ARG F 54 15.78 14.33 2.20
N LEU F 55 15.45 15.44 1.54
CA LEU F 55 14.50 15.46 0.42
C LEU F 55 15.05 14.85 -0.87
N ILE F 56 16.28 15.17 -1.24
CA ILE F 56 16.84 14.74 -2.54
C ILE F 56 17.53 13.38 -2.56
N GLU F 57 17.73 12.75 -1.39
CA GLU F 57 18.44 11.47 -1.34
C GLU F 57 17.54 10.34 -1.84
N LYS F 58 18.12 9.51 -2.71
CA LYS F 58 17.36 8.63 -3.60
C LYS F 58 16.96 7.28 -2.99
N THR F 59 15.66 7.01 -3.01
CA THR F 59 15.14 5.66 -2.74
C THR F 59 15.39 4.78 -3.98
N ASN F 60 16.41 3.94 -3.89
CA ASN F 60 16.84 3.12 -5.03
C ASN F 60 15.82 2.09 -5.54
N THR F 61 14.69 1.92 -4.86
CA THR F 61 13.82 0.76 -5.08
C THR F 61 13.46 0.55 -6.55
N GLU F 62 13.99 -0.53 -7.12
CA GLU F 62 13.76 -0.88 -8.52
C GLU F 62 12.38 -1.50 -8.65
N PHE F 63 11.56 -0.98 -9.56
CA PHE F 63 10.27 -1.58 -9.86
C PHE F 63 10.19 -1.96 -11.32
N GLU F 64 9.46 -3.03 -11.62
CA GLU F 64 9.19 -3.46 -12.99
C GLU F 64 7.69 -3.34 -13.26
N SER F 65 7.31 -3.58 -14.51
CA SER F 65 5.91 -3.40 -14.94
C SER F 65 5.03 -4.56 -14.51
N ILE F 66 3.80 -4.24 -14.16
CA ILE F 66 2.76 -5.24 -13.93
C ILE F 66 1.51 -4.97 -14.77
N GLU F 67 1.56 -3.92 -15.59
CA GLU F 67 0.48 -3.55 -16.51
C GLU F 67 1.08 -3.39 -17.89
N SER F 68 0.52 -4.09 -18.88
CA SER F 68 1.01 -3.96 -20.25
C SER F 68 0.47 -2.66 -20.85
N GLU F 69 1.38 -1.86 -21.37
CA GLU F 69 1.02 -0.64 -22.08
C GLU F 69 0.26 -0.98 -23.36
N PHE F 70 0.72 -2.02 -24.05
CA PHE F 70 0.33 -2.27 -25.44
C PHE F 70 -0.63 -3.43 -25.64
N SER F 71 -0.95 -4.18 -24.59
CA SER F 71 -1.89 -5.30 -24.74
C SER F 71 -2.86 -5.34 -23.58
N GLU F 72 -3.93 -6.09 -23.77
CA GLU F 72 -5.08 -6.09 -22.85
C GLU F 72 -4.82 -6.95 -21.61
N ILE F 73 -5.01 -6.37 -20.43
CA ILE F 73 -4.92 -7.10 -19.16
C ILE F 73 -6.28 -7.76 -18.90
N GLU F 74 -6.29 -8.92 -18.26
CA GLU F 74 -7.55 -9.58 -17.88
C GLU F 74 -8.28 -8.69 -16.87
N HIS F 75 -9.60 -8.70 -16.91
CA HIS F 75 -10.40 -7.69 -16.19
C HIS F 75 -10.24 -7.69 -14.66
N GLN F 76 -10.41 -8.86 -14.03
CA GLN F 76 -10.39 -8.96 -12.56
C GLN F 76 -9.04 -8.57 -11.98
N ILE F 77 -7.96 -9.12 -12.54
CA ILE F 77 -6.61 -8.77 -12.10
C ILE F 77 -6.31 -7.28 -12.37
N GLY F 78 -6.80 -6.75 -13.47
CA GLY F 78 -6.62 -5.35 -13.82
C GLY F 78 -7.31 -4.43 -12.81
N ASN F 79 -8.51 -4.84 -12.40
CA ASN F 79 -9.26 -4.11 -11.38
C ASN F 79 -8.54 -4.13 -10.03
N VAL F 80 -7.98 -5.28 -9.66
CA VAL F 80 -7.20 -5.40 -8.43
C VAL F 80 -5.96 -4.52 -8.47
N ILE F 81 -5.24 -4.57 -9.58
CA ILE F 81 -4.06 -3.74 -9.76
C ILE F 81 -4.42 -2.25 -9.69
N ASN F 82 -5.48 -1.85 -10.38
CA ASN F 82 -5.95 -0.47 -10.34
C ASN F 82 -6.29 -0.02 -8.93
N TRP F 83 -7.11 -0.82 -8.25
CA TRP F 83 -7.47 -0.55 -6.86
C TRP F 83 -6.24 -0.34 -5.98
N THR F 84 -5.26 -1.23 -6.12
CA THR F 84 -4.02 -1.15 -5.36
C THR F 84 -3.22 0.09 -5.73
N LYS F 85 -3.06 0.36 -7.02
CA LYS F 85 -2.29 1.52 -7.46
C LYS F 85 -2.88 2.83 -6.98
N ASP F 86 -4.19 2.97 -7.08
CA ASP F 86 -4.88 4.16 -6.59
C ASP F 86 -4.73 4.31 -5.08
N SER F 87 -4.74 3.20 -4.36
CA SER F 87 -4.52 3.23 -2.92
C SER F 87 -3.11 3.70 -2.56
N ILE F 88 -2.12 3.23 -3.32
CA ILE F 88 -0.72 3.61 -3.11
C ILE F 88 -0.52 5.11 -3.43
N THR F 89 -1.18 5.58 -4.48
CA THR F 89 -1.11 6.98 -4.90
C THR F 89 -1.76 7.93 -3.88
N ASP F 90 -2.89 7.52 -3.32
CA ASP F 90 -3.56 8.30 -2.28
C ASP F 90 -2.68 8.44 -1.03
N ILE F 91 -1.97 7.37 -0.67
CA ILE F 91 -1.07 7.41 0.46
C ILE F 91 0.07 8.40 0.20
N TRP F 92 0.79 8.24 -0.89
CA TRP F 92 1.92 9.12 -1.18
C TRP F 92 1.53 10.59 -1.41
N THR F 93 0.28 10.84 -1.80
CA THR F 93 -0.20 12.21 -2.00
C THR F 93 -0.45 12.87 -0.64
N TYR F 94 -1.02 12.09 0.28
CA TYR F 94 -1.23 12.53 1.65
C TYR F 94 0.11 12.74 2.34
N GLN F 95 1.01 11.78 2.21
CA GLN F 95 2.36 11.88 2.77
C GLN F 95 3.11 13.11 2.26
N ALA F 96 2.97 13.41 0.98
CA ALA F 96 3.67 14.54 0.37
C ALA F 96 3.13 15.86 0.89
N GLU F 97 1.80 15.98 0.92
CA GLU F 97 1.14 17.16 1.43
C GLU F 97 1.45 17.38 2.90
N LEU F 98 1.59 16.30 3.66
CA LEU F 98 1.88 16.41 5.10
C LEU F 98 3.33 16.78 5.34
N LEU F 99 4.24 16.12 4.64
CA LEU F 99 5.66 16.42 4.75
C LEU F 99 5.88 17.91 4.63
N VAL F 100 5.37 18.48 3.54
CA VAL F 100 5.67 19.85 3.16
C VAL F 100 4.98 20.85 4.08
N ALA F 101 3.73 20.59 4.45
CA ALA F 101 2.98 21.49 5.34
C ALA F 101 3.66 21.60 6.70
N MET F 102 4.14 20.46 7.20
CA MET F 102 4.81 20.37 8.49
C MET F 102 6.22 20.92 8.44
N GLU F 103 6.99 20.54 7.41
CA GLU F 103 8.35 21.05 7.26
C GLU F 103 8.34 22.57 7.10
N ASN F 104 7.34 23.08 6.39
CA ASN F 104 7.16 24.53 6.24
C ASN F 104 6.87 25.21 7.57
N GLN F 105 5.91 24.67 8.32
CA GLN F 105 5.59 25.20 9.64
C GLN F 105 6.85 25.27 10.49
N HIS F 106 7.69 24.24 10.39
CA HIS F 106 8.91 24.16 11.16
C HIS F 106 9.97 25.17 10.72
N THR F 107 10.19 25.32 9.41
CA THR F 107 11.22 26.25 8.92
C THR F 107 10.91 27.70 9.31
N ILE F 108 9.62 28.05 9.26
CA ILE F 108 9.17 29.38 9.61
C ILE F 108 9.46 29.67 11.07
N ASP F 109 9.00 28.78 11.95
CA ASP F 109 9.19 28.93 13.38
C ASP F 109 10.66 28.81 13.75
N MET F 110 11.38 27.96 13.03
CA MET F 110 12.81 27.82 13.25
C MET F 110 13.50 29.16 13.00
N ALA F 111 13.20 29.76 11.86
CA ALA F 111 13.78 31.05 11.50
C ALA F 111 13.38 32.15 12.49
N ASP F 112 12.15 32.08 12.99
CA ASP F 112 11.63 33.01 13.98
C ASP F 112 12.49 32.97 15.25
N SER F 113 12.80 31.75 15.69
CA SER F 113 13.54 31.55 16.93
C SER F 113 15.01 31.94 16.83
N GLU F 114 15.59 31.90 15.63
CA GLU F 114 16.98 32.33 15.46
C GLU F 114 17.09 33.85 15.54
N MET F 115 16.02 34.53 15.13
CA MET F 115 15.92 35.98 15.35
C MET F 115 15.83 36.25 16.85
N LEU F 116 14.91 35.57 17.54
CA LEU F 116 14.74 35.74 18.99
C LEU F 116 16.02 35.44 19.77
N ASN F 117 16.73 34.40 19.36
CA ASN F 117 17.98 34.02 20.03
C ASN F 117 19.07 35.09 19.87
N LEU F 118 19.09 35.76 18.73
CA LEU F 118 20.01 36.86 18.49
C LEU F 118 19.66 38.06 19.37
N TYR F 119 18.37 38.36 19.48
CA TYR F 119 17.86 39.43 20.33
C TYR F 119 18.21 39.20 21.80
N GLU F 120 17.93 37.98 22.28
CA GLU F 120 18.23 37.58 23.64
C GLU F 120 19.72 37.70 23.96
N ARG F 121 20.57 37.23 23.04
CA ARG F 121 22.01 37.32 23.23
C ARG F 121 22.43 38.76 23.49
N VAL F 122 21.88 39.67 22.71
CA VAL F 122 22.25 41.09 22.79
C VAL F 122 21.73 41.71 24.09
N ARG F 123 20.48 41.41 24.45
CA ARG F 123 19.89 41.88 25.70
C ARG F 123 20.84 41.60 26.86
N LYS F 124 21.31 40.36 26.92
CA LYS F 124 22.19 39.90 27.98
C LYS F 124 23.57 40.56 27.92
N GLN F 125 24.11 40.78 26.72
CA GLN F 125 25.38 41.52 26.58
C GLN F 125 25.27 42.90 27.22
N LEU F 126 24.22 43.64 26.84
CA LEU F 126 24.04 45.03 27.27
C LEU F 126 23.73 45.16 28.75
N ARG F 127 23.11 44.12 29.34
CA ARG F 127 22.89 44.03 30.79
C ARG F 127 22.11 45.24 31.34
N GLN F 128 22.78 46.17 32.02
CA GLN F 128 22.08 47.30 32.65
C GLN F 128 22.36 48.63 31.95
N ASN F 129 23.00 48.58 30.79
CA ASN F 129 23.43 49.79 30.08
C ASN F 129 22.44 50.25 29.00
N ALA F 130 21.36 49.50 28.78
CA ALA F 130 20.36 49.84 27.75
C ALA F 130 18.98 49.30 28.10
N GLU F 131 17.96 49.78 27.38
CA GLU F 131 16.57 49.35 27.62
C GLU F 131 15.86 48.95 26.32
N GLU F 132 14.88 48.06 26.46
CA GLU F 132 14.13 47.55 25.31
C GLU F 132 13.00 48.50 24.95
N ASP F 133 12.85 48.78 23.66
CA ASP F 133 11.80 49.68 23.18
C ASP F 133 10.53 48.95 22.73
N GLY F 134 10.62 47.63 22.58
CA GLY F 134 9.46 46.81 22.24
C GLY F 134 9.31 46.49 20.77
N LYS F 135 10.23 46.98 19.95
CA LYS F 135 10.20 46.75 18.51
C LYS F 135 11.53 46.18 18.01
N GLY F 136 12.29 45.55 18.90
CA GLY F 136 13.55 44.92 18.54
C GLY F 136 14.77 45.82 18.64
N CYS F 137 14.59 47.01 19.21
CA CYS F 137 15.71 47.94 19.40
C CYS F 137 16.05 48.13 20.87
N PHE F 138 17.33 48.40 21.13
CA PHE F 138 17.81 48.70 22.46
C PHE F 138 18.28 50.15 22.49
N GLU F 139 17.60 50.97 23.29
CA GLU F 139 18.03 52.36 23.52
C GLU F 139 19.17 52.35 24.54
N ILE F 140 20.36 52.73 24.08
CA ILE F 140 21.58 52.65 24.88
C ILE F 140 21.81 53.95 25.65
N TYR F 141 21.93 53.86 26.97
CA TYR F 141 22.06 55.04 27.82
C TYR F 141 23.52 55.49 28.03
N HIS F 142 24.33 55.43 26.99
CA HIS F 142 25.67 55.99 27.02
C HIS F 142 26.19 56.21 25.61
N ALA F 143 27.28 56.98 25.50
CA ALA F 143 27.87 57.27 24.21
C ALA F 143 28.51 56.01 23.65
N CYS F 144 27.92 55.48 22.59
CA CYS F 144 28.44 54.29 21.94
C CYS F 144 28.84 54.63 20.51
N ASP F 145 30.11 55.00 20.34
CA ASP F 145 30.68 55.31 19.03
C ASP F 145 30.69 54.09 18.11
N ASP F 146 31.15 54.27 16.87
CA ASP F 146 31.18 53.19 15.89
C ASP F 146 31.94 51.97 16.41
N SER F 147 33.10 52.21 17.01
CA SER F 147 33.92 51.11 17.56
C SER F 147 33.16 50.36 18.67
N CYS F 148 32.51 51.11 19.56
CA CYS F 148 31.65 50.51 20.58
C CYS F 148 30.54 49.67 19.94
N MET F 149 29.95 50.18 18.87
CA MET F 149 28.88 49.46 18.17
C MET F 149 29.35 48.12 17.62
N GLU F 150 30.48 48.12 16.92
CA GLU F 150 30.99 46.88 16.32
C GLU F 150 31.38 45.84 17.38
N SER F 151 31.75 46.31 18.58
CA SER F 151 32.05 45.40 19.69
C SER F 151 30.82 44.59 20.13
N ILE F 152 29.65 45.24 20.08
CA ILE F 152 28.38 44.60 20.41
C ILE F 152 28.02 43.51 19.39
N ARG F 153 28.26 43.77 18.12
CA ARG F 153 28.00 42.80 17.07
C ARG F 153 29.09 41.71 17.08
N ASN F 154 30.33 42.13 17.33
CA ASN F 154 31.47 41.23 17.46
C ASN F 154 31.44 40.42 18.77
N ASN F 155 30.57 40.81 19.69
CA ASN F 155 30.43 40.17 21.00
C ASN F 155 31.69 40.30 21.87
N THR F 156 32.25 41.51 21.90
CA THR F 156 33.37 41.82 22.78
C THR F 156 33.02 43.03 23.67
N TYR F 157 31.73 43.33 23.77
CA TYR F 157 31.23 44.46 24.53
C TYR F 157 31.29 44.15 26.02
N ASP F 158 31.95 45.00 26.77
CA ASP F 158 32.12 44.83 28.22
C ASP F 158 31.24 45.84 28.94
N HIS F 159 30.13 45.37 29.51
CA HIS F 159 29.14 46.25 30.13
C HIS F 159 29.68 47.05 31.32
N SER F 160 30.65 46.48 32.05
CA SER F 160 31.29 47.13 33.19
C SER F 160 31.71 48.55 32.85
N GLN F 161 32.40 48.67 31.73
CA GLN F 161 33.04 49.90 31.28
C GLN F 161 32.12 51.12 31.24
N TYR F 162 30.87 50.90 30.85
CA TYR F 162 29.91 51.98 30.63
C TYR F 162 28.80 51.99 31.68
N ARG F 163 28.95 51.22 32.74
CA ARG F 163 27.83 50.92 33.64
C ARG F 163 27.29 52.14 34.40
N GLU F 164 28.15 52.83 35.16
CA GLU F 164 27.66 53.93 36.00
C GLU F 164 27.22 55.13 35.16
N GLU F 165 27.90 55.34 34.03
CA GLU F 165 27.48 56.36 33.07
C GLU F 165 26.03 56.09 32.67
N ALA F 166 25.71 54.83 32.42
CA ALA F 166 24.39 54.43 31.96
C ALA F 166 23.36 54.47 33.07
N LEU F 167 23.72 53.98 34.26
CA LEU F 167 22.81 54.01 35.40
C LEU F 167 22.46 55.45 35.81
N LEU F 168 23.46 56.33 35.77
CA LEU F 168 23.21 57.76 36.02
C LEU F 168 22.19 58.29 35.02
N ASN F 169 22.42 58.03 33.74
CA ASN F 169 21.52 58.50 32.68
C ASN F 169 20.14 57.85 32.74
N ARG F 170 20.08 56.61 33.23
CA ARG F 170 18.80 55.92 33.38
C ARG F 170 18.00 56.43 34.57
N LEU F 171 18.64 57.20 35.45
CA LEU F 171 17.97 57.77 36.63
C LEU F 171 18.12 59.29 36.71
N ASN F 172 18.48 59.93 35.59
CA ASN F 172 18.74 61.38 35.51
C ASN F 172 19.69 61.94 36.58
N ILE F 173 20.99 61.71 36.38
CA ILE F 173 22.02 62.22 37.29
C ILE F 173 23.32 62.41 36.50
#